data_6UT4
#
_entry.id   6UT4
#
_cell.length_a   1.00
_cell.length_b   1.00
_cell.length_c   1.00
_cell.angle_alpha   90.00
_cell.angle_beta   90.00
_cell.angle_gamma   90.00
#
_symmetry.space_group_name_H-M   'P 1'
#
loop_
_entity.id
_entity.type
_entity.pdbx_description
1 polymer 'GTPase subunit of restriction endonuclease'
2 non-polymer "5'-GUANOSINE-DIPHOSPHATE-MONOTHIOPHOSPHATE"
3 non-polymer 'MAGNESIUM ION'
4 water water
#
_entity_poly.entity_id   1
_entity_poly.type   'polypeptide(L)'
_entity_poly.pdbx_seq_one_letter_code
;MNESAGHNIKEDYFRVDMLLNKKGQVILYGPPGTGKTWIARKYVVEETNEKTPGNKWEFITFHQSYSYEEFIEGFRPRTD
NEEKIRYVVEDGIFKKIALRALVKGLFELEDATIGKDKIHRLYILLTKKEPLSPTEYEEYLRLKRYLWELVGGLPKDKLK
NLTPKFYLIIDEINRGNISKIFGELITLLEKDKRLGGENQLIVRLPYSGEPFAVPPNLYIIGTMNTADRSIALLDVALRR
RFAFIEVEPRPEFLEKENLKKIREKKLKTEDRKRLNEKLNELFSKLGNDNYFLKTLLEKINVRITVVKDRDHRIGHSYFL
NVETVEDLHHVWYYEVLPLLMEYFYNDWETIKWVLNEKGKEHGNVFFEKLRLTGPNGEEAYQLKVLEGDAFIGALKRIIS
KNTPSQEGGATTNEENSPENTQSQTEGD
;
_entity_poly.pdbx_strand_id   A,B,C,D,E,F
#
# COMPACT_ATOMS: atom_id res chain seq x y z
N TYR A 13 -4.27 35.41 22.52
CA TYR A 13 -5.39 35.26 23.43
C TYR A 13 -6.51 36.24 23.08
N PHE A 14 -6.20 37.19 22.21
CA PHE A 14 -7.15 38.18 21.74
C PHE A 14 -7.79 37.78 20.41
N ARG A 15 -7.00 37.24 19.50
CA ARG A 15 -7.50 36.82 18.19
C ARG A 15 -8.14 35.44 18.22
N VAL A 16 -7.82 34.63 19.23
CA VAL A 16 -8.35 33.27 19.30
C VAL A 16 -9.85 33.29 19.62
N ASP A 17 -10.23 34.04 20.66
CA ASP A 17 -11.62 34.07 21.12
C ASP A 17 -12.54 34.66 20.06
N MET A 18 -12.08 35.72 19.39
CA MET A 18 -12.83 36.30 18.26
C MET A 18 -12.97 35.30 17.12
N LEU A 19 -12.01 34.39 16.98
CA LEU A 19 -12.12 33.33 15.99
C LEU A 19 -12.71 32.05 16.55
N LEU A 20 -13.09 32.04 17.84
CA LEU A 20 -13.70 30.85 18.42
C LEU A 20 -15.20 30.99 18.64
N ASN A 21 -15.70 32.18 18.96
CA ASN A 21 -17.13 32.38 19.09
C ASN A 21 -17.81 32.60 17.74
N LYS A 22 -17.04 32.67 16.65
CA LYS A 22 -17.57 32.84 15.30
C LYS A 22 -17.46 31.58 14.47
N LYS A 23 -16.31 30.91 14.50
CA LYS A 23 -16.11 29.69 13.72
C LYS A 23 -16.39 28.44 14.53
N GLY A 24 -16.02 28.43 15.81
CA GLY A 24 -16.18 27.28 16.67
C GLY A 24 -14.89 26.51 16.90
N GLN A 25 -13.96 26.55 15.96
CA GLN A 25 -12.71 25.84 16.09
C GLN A 25 -11.62 26.57 15.35
N VAL A 26 -10.41 26.57 15.92
CA VAL A 26 -9.26 27.25 15.33
C VAL A 26 -8.11 26.26 15.19
N ILE A 27 -7.17 26.62 14.33
CA ILE A 27 -5.90 25.93 14.18
C ILE A 27 -4.81 26.97 14.27
N LEU A 28 -3.96 26.87 15.28
CA LEU A 28 -2.78 27.72 15.39
C LEU A 28 -1.67 27.07 14.57
N TYR A 29 -1.30 27.69 13.46
CA TYR A 29 -0.28 27.11 12.59
C TYR A 29 0.89 28.08 12.47
N GLY A 30 2.09 27.51 12.38
CA GLY A 30 3.30 28.28 12.33
C GLY A 30 4.53 27.38 12.32
N PRO A 31 5.71 27.99 12.24
CA PRO A 31 6.95 27.23 12.24
C PRO A 31 7.22 26.61 13.60
N PRO A 32 8.09 25.60 13.70
CA PRO A 32 8.40 25.03 15.02
C PRO A 32 9.17 26.01 15.88
N GLY A 33 9.08 25.80 17.19
CA GLY A 33 9.72 26.70 18.12
C GLY A 33 8.99 28.00 18.33
N THR A 34 7.73 28.08 17.92
CA THR A 34 6.89 29.23 18.19
C THR A 34 5.82 28.80 19.19
N GLY A 35 5.34 29.75 19.99
CA GLY A 35 4.43 29.40 21.06
C GLY A 35 3.02 29.03 20.61
N LYS A 36 2.89 27.89 19.92
CA LYS A 36 1.59 27.41 19.47
C LYS A 36 0.90 26.56 20.53
N THR A 37 1.55 25.47 20.94
CA THR A 37 1.03 24.63 22.01
C THR A 37 1.01 25.37 23.34
N TRP A 38 1.97 26.27 23.55
CA TRP A 38 2.00 27.06 24.78
C TRP A 38 0.81 28.01 24.87
N ILE A 39 0.52 28.74 23.80
CA ILE A 39 -0.63 29.64 23.83
C ILE A 39 -1.95 28.86 23.76
N ALA A 40 -1.93 27.65 23.20
CA ALA A 40 -3.13 26.83 23.19
C ALA A 40 -3.45 26.32 24.58
N ARG A 41 -2.43 25.95 25.35
CA ARG A 41 -2.65 25.59 26.75
C ARG A 41 -2.98 26.81 27.59
N LYS A 42 -2.34 27.95 27.30
CA LYS A 42 -2.45 29.13 28.15
C LYS A 42 -3.82 29.79 28.04
N TYR A 43 -4.34 29.92 26.80
CA TYR A 43 -5.67 30.49 26.61
C TYR A 43 -6.74 29.63 27.26
N VAL A 44 -6.55 28.32 27.27
CA VAL A 44 -7.52 27.43 27.89
C VAL A 44 -7.44 27.49 29.41
N VAL A 45 -6.23 27.50 29.98
CA VAL A 45 -6.14 27.51 31.44
C VAL A 45 -6.47 28.88 32.02
N GLU A 46 -6.45 29.95 31.21
CA GLU A 46 -7.02 31.21 31.66
C GLU A 46 -8.44 31.44 31.15
N GLU A 47 -8.99 30.49 30.40
CA GLU A 47 -10.42 30.53 30.07
C GLU A 47 -11.25 29.54 30.86
N THR A 48 -10.66 28.42 31.30
CA THR A 48 -11.36 27.43 32.11
C THR A 48 -10.98 27.47 33.58
N ASN A 49 -9.89 28.18 33.92
CA ASN A 49 -9.37 28.34 35.29
C ASN A 49 -9.03 27.00 35.95
N GLU A 50 -8.65 26.00 35.15
CA GLU A 50 -8.15 24.74 35.65
C GLU A 50 -6.84 24.41 34.96
N LYS A 51 -5.82 24.05 35.75
CA LYS A 51 -4.48 23.87 35.22
C LYS A 51 -4.27 22.49 34.61
N THR A 52 -4.97 21.49 35.10
CA THR A 52 -4.73 20.14 34.61
C THR A 52 -5.64 19.82 33.43
N PRO A 53 -5.22 18.94 32.49
CA PRO A 53 -6.12 18.57 31.39
C PRO A 53 -7.14 17.51 31.80
N GLY A 54 -8.02 17.89 32.70
CA GLY A 54 -8.99 16.98 33.28
C GLY A 54 -10.42 17.30 32.92
N ASN A 55 -11.11 17.97 33.84
CA ASN A 55 -12.55 18.21 33.78
C ASN A 55 -12.95 19.03 32.56
N LYS A 56 -12.51 20.30 32.50
CA LYS A 56 -13.04 21.23 31.52
C LYS A 56 -12.36 21.15 30.16
N TRP A 57 -11.22 20.48 30.05
CA TRP A 57 -10.50 20.50 28.79
C TRP A 57 -9.61 19.27 28.69
N GLU A 58 -9.32 18.87 27.45
CA GLU A 58 -8.46 17.73 27.19
C GLU A 58 -7.43 18.09 26.14
N PHE A 59 -6.19 17.68 26.38
CA PHE A 59 -5.07 17.93 25.48
C PHE A 59 -4.61 16.59 24.93
N ILE A 60 -4.63 16.45 23.60
CA ILE A 60 -4.21 15.21 22.94
C ILE A 60 -3.25 15.57 21.81
N THR A 61 -2.65 14.52 21.24
CA THR A 61 -1.68 14.66 20.16
C THR A 61 -2.00 13.64 19.08
N PHE A 62 -2.09 14.12 17.84
CA PHE A 62 -2.39 13.24 16.71
C PHE A 62 -1.12 12.68 16.12
N HIS A 63 -1.21 11.45 15.60
CA HIS A 63 -0.13 10.84 14.85
C HIS A 63 -0.74 10.09 13.67
N GLN A 64 0.12 9.50 12.85
CA GLN A 64 -0.34 8.80 11.65
C GLN A 64 -1.08 7.51 11.97
N SER A 65 -0.83 6.92 13.14
CA SER A 65 -1.53 5.72 13.57
C SER A 65 -2.68 6.02 14.52
N TYR A 66 -3.04 7.30 14.68
CA TYR A 66 -4.21 7.65 15.47
C TYR A 66 -5.47 7.27 14.70
N SER A 67 -6.41 6.63 15.38
CA SER A 67 -7.55 6.02 14.71
C SER A 67 -8.85 6.59 15.24
N TYR A 68 -9.94 6.17 14.58
CA TYR A 68 -11.29 6.49 15.03
C TYR A 68 -11.58 5.84 16.37
N GLU A 69 -10.99 4.69 16.64
CA GLU A 69 -11.27 3.97 17.88
C GLU A 69 -10.63 4.63 19.08
N GLU A 70 -9.47 5.25 18.89
CA GLU A 70 -8.81 5.95 19.99
C GLU A 70 -9.46 7.30 20.24
N PHE A 71 -10.13 7.86 19.23
CA PHE A 71 -10.63 9.23 19.28
C PHE A 71 -12.05 9.31 19.82
N ILE A 72 -12.98 8.53 19.28
CA ILE A 72 -14.39 8.65 19.61
C ILE A 72 -14.90 7.43 20.36
N GLU A 73 -14.85 6.25 19.75
CA GLU A 73 -15.37 5.05 20.40
C GLU A 73 -14.73 3.82 19.77
N GLY A 74 -14.49 2.80 20.59
CA GLY A 74 -13.87 1.60 20.07
C GLY A 74 -14.02 0.41 20.99
N PHE A 75 -13.90 -0.78 20.40
CA PHE A 75 -13.99 -2.03 21.16
C PHE A 75 -12.70 -2.22 21.95
N ARG A 76 -12.73 -1.92 23.23
CA ARG A 76 -11.59 -2.24 24.05
C ARG A 76 -11.89 -3.47 24.91
N PRO A 77 -10.89 -4.29 25.22
CA PRO A 77 -11.11 -5.40 26.13
C PRO A 77 -11.13 -4.94 27.59
N ARG A 78 -11.84 -5.70 28.41
CA ARG A 78 -11.92 -5.43 29.84
C ARG A 78 -11.92 -6.76 30.60
N THR A 79 -11.42 -6.70 31.82
CA THR A 79 -11.37 -7.88 32.66
C THR A 79 -12.37 -7.72 33.79
N ASP A 80 -13.34 -8.63 33.82
CA ASP A 80 -14.39 -8.67 34.82
C ASP A 80 -14.01 -9.57 36.01
N ASN A 81 -14.98 -9.83 36.87
CA ASN A 81 -14.80 -10.72 38.04
C ASN A 81 -14.44 -12.14 37.61
N GLU A 82 -15.06 -12.59 36.52
CA GLU A 82 -14.85 -13.92 35.92
C GLU A 82 -13.43 -14.16 35.37
N GLU A 83 -12.74 -13.07 35.03
CA GLU A 83 -11.37 -13.02 34.48
C GLU A 83 -11.22 -13.43 33.01
N LYS A 84 -12.34 -13.40 32.29
CA LYS A 84 -12.33 -13.69 30.86
C LYS A 84 -12.50 -12.34 30.19
N ILE A 85 -11.57 -11.99 29.30
CA ILE A 85 -11.62 -10.69 28.64
C ILE A 85 -12.94 -10.56 27.88
N ARG A 86 -13.54 -9.39 27.96
CA ARG A 86 -14.75 -9.09 27.21
C ARG A 86 -14.57 -7.77 26.48
N TYR A 87 -14.82 -7.78 25.17
CA TYR A 87 -14.69 -6.57 24.38
C TYR A 87 -15.96 -5.74 24.50
N VAL A 88 -15.79 -4.43 24.66
CA VAL A 88 -16.92 -3.55 24.93
C VAL A 88 -16.56 -2.16 24.42
N VAL A 89 -17.58 -1.39 24.05
CA VAL A 89 -17.37 -0.05 23.50
C VAL A 89 -16.93 0.88 24.62
N GLU A 90 -15.68 1.34 24.54
CA GLU A 90 -15.19 2.41 25.38
C GLU A 90 -15.09 3.68 24.56
N ASP A 91 -15.54 4.78 25.14
CA ASP A 91 -15.53 6.07 24.46
C ASP A 91 -14.13 6.66 24.47
N GLY A 92 -13.74 7.22 23.33
CA GLY A 92 -12.49 7.94 23.23
C GLY A 92 -12.58 9.32 23.84
N ILE A 93 -11.50 10.09 23.66
CA ILE A 93 -11.39 11.37 24.36
C ILE A 93 -12.32 12.42 23.76
N PHE A 94 -12.63 12.32 22.47
CA PHE A 94 -13.46 13.33 21.82
C PHE A 94 -14.92 13.17 22.20
N LYS A 95 -15.41 11.93 22.16
CA LYS A 95 -16.78 11.65 22.56
C LYS A 95 -16.97 11.91 24.05
N LYS A 96 -15.97 11.59 24.86
CA LYS A 96 -16.06 11.86 26.30
C LYS A 96 -16.08 13.35 26.59
N ILE A 97 -15.26 14.14 25.90
CA ILE A 97 -15.27 15.57 26.20
C ILE A 97 -16.48 16.27 25.57
N ALA A 98 -17.02 15.76 24.47
CA ALA A 98 -18.25 16.37 23.94
C ALA A 98 -19.46 15.99 24.77
N LEU A 99 -19.47 14.78 25.34
CA LEU A 99 -20.51 14.43 26.31
C LEU A 99 -20.35 15.25 27.59
N ARG A 100 -19.12 15.53 28.01
CA ARG A 100 -18.89 16.40 29.16
C ARG A 100 -19.39 17.81 28.88
N ALA A 101 -19.16 18.31 27.66
CA ALA A 101 -19.61 19.64 27.30
C ALA A 101 -21.13 19.71 27.15
N LEU A 102 -21.76 18.57 26.82
CA LEU A 102 -23.21 18.54 26.77
C LEU A 102 -23.84 18.48 28.16
N VAL A 103 -23.32 17.59 29.02
CA VAL A 103 -23.90 17.39 30.35
C VAL A 103 -23.68 18.59 31.26
N LYS A 104 -22.48 19.19 31.22
CA LYS A 104 -22.20 20.33 32.07
C LYS A 104 -22.98 21.58 31.66
N GLY A 105 -23.38 21.66 30.40
CA GLY A 105 -24.22 22.77 29.98
C GLY A 105 -25.67 22.68 30.41
N LEU A 106 -26.08 21.57 31.02
CA LEU A 106 -27.46 21.40 31.48
C LEU A 106 -27.62 21.74 32.97
N PHE A 107 -26.54 22.00 33.69
CA PHE A 107 -26.68 22.44 35.08
C PHE A 107 -27.20 23.86 35.15
N GLU A 108 -26.59 24.78 34.41
CA GLU A 108 -27.05 26.15 34.35
C GLU A 108 -28.17 26.36 33.35
N LEU A 109 -28.68 25.29 32.75
CA LEU A 109 -29.86 25.34 31.90
C LEU A 109 -31.06 24.95 32.75
N GLU A 110 -31.74 25.94 33.30
CA GLU A 110 -32.86 25.71 34.21
C GLU A 110 -34.06 25.19 33.41
N ASP A 111 -34.45 23.94 33.66
CA ASP A 111 -35.55 23.33 32.94
C ASP A 111 -36.23 22.30 33.83
N ALA A 112 -37.51 22.08 33.58
CA ALA A 112 -38.28 21.11 34.34
C ALA A 112 -38.34 19.75 33.67
N THR A 113 -38.16 19.71 32.34
CA THR A 113 -38.16 18.46 31.61
C THR A 113 -36.87 17.67 31.76
N ILE A 114 -35.81 18.30 32.27
CA ILE A 114 -34.56 17.59 32.52
C ILE A 114 -34.53 17.11 33.97
N GLY A 115 -33.74 16.07 34.22
CA GLY A 115 -33.59 15.54 35.55
C GLY A 115 -32.20 15.75 36.12
N LYS A 116 -32.08 16.62 37.12
CA LYS A 116 -30.77 17.00 37.64
C LYS A 116 -30.10 15.87 38.42
N ASP A 117 -30.85 14.88 38.88
CA ASP A 117 -30.24 13.76 39.60
C ASP A 117 -29.51 12.81 38.66
N LYS A 118 -30.07 12.57 37.47
CA LYS A 118 -29.44 11.67 36.52
C LYS A 118 -28.35 12.36 35.70
N ILE A 119 -28.54 13.65 35.40
CA ILE A 119 -27.54 14.44 34.68
C ILE A 119 -26.28 14.61 35.52
N HIS A 120 -26.43 14.82 36.83
CA HIS A 120 -25.26 14.96 37.69
C HIS A 120 -24.50 13.63 37.84
N ARG A 121 -25.23 12.52 37.89
CA ARG A 121 -24.57 11.21 37.95
C ARG A 121 -23.85 10.90 36.63
N LEU A 122 -24.44 11.32 35.50
CA LEU A 122 -23.75 11.17 34.22
C LEU A 122 -22.52 12.05 34.14
N TYR A 123 -22.56 13.24 34.75
CA TYR A 123 -21.38 14.10 34.76
C TYR A 123 -20.27 13.53 35.64
N ILE A 124 -20.65 12.93 36.78
CA ILE A 124 -19.66 12.27 37.63
C ILE A 124 -19.09 11.05 36.93
N LEU A 125 -19.91 10.35 36.14
CA LEU A 125 -19.44 9.20 35.37
C LEU A 125 -18.51 9.61 34.23
N LEU A 126 -18.75 10.78 33.64
CA LEU A 126 -17.88 11.25 32.57
C LEU A 126 -16.58 11.84 33.11
N THR A 127 -16.62 12.49 34.27
CA THR A 127 -15.41 13.05 34.86
C THR A 127 -14.68 12.03 35.72
N LYS A 128 -15.19 10.81 35.82
CA LYS A 128 -14.52 9.77 36.60
C LYS A 128 -13.23 9.35 35.90
N LYS A 129 -12.11 9.65 36.52
CA LYS A 129 -10.79 9.41 35.92
C LYS A 129 -10.24 8.03 36.27
N GLU A 130 -11.07 7.00 36.04
CA GLU A 130 -10.68 5.60 36.16
C GLU A 130 -11.67 4.79 35.35
N PRO A 131 -11.28 3.61 34.86
CA PRO A 131 -12.23 2.76 34.13
C PRO A 131 -13.34 2.24 35.03
N LEU A 132 -14.56 2.30 34.51
CA LEU A 132 -15.75 1.97 35.27
C LEU A 132 -15.91 0.48 35.46
N SER A 133 -16.47 0.10 36.60
CA SER A 133 -16.96 -1.25 36.80
C SER A 133 -18.15 -1.50 35.87
N PRO A 134 -18.41 -2.76 35.50
CA PRO A 134 -19.57 -3.05 34.62
C PRO A 134 -20.91 -2.70 35.24
N THR A 135 -21.05 -2.83 36.56
CA THR A 135 -22.27 -2.39 37.23
C THR A 135 -22.40 -0.87 37.24
N GLU A 136 -21.30 -0.15 37.03
CA GLU A 136 -21.32 1.28 36.78
C GLU A 136 -21.34 1.62 35.29
N TYR A 137 -20.80 0.72 34.46
CA TYR A 137 -20.77 0.97 33.02
C TYR A 137 -22.16 0.86 32.40
N GLU A 138 -22.97 -0.11 32.85
CA GLU A 138 -24.34 -0.20 32.35
C GLU A 138 -25.18 0.98 32.81
N GLU A 139 -24.91 1.49 34.02
CA GLU A 139 -25.52 2.73 34.48
C GLU A 139 -25.11 3.90 33.60
N TYR A 140 -23.83 3.94 33.20
CA TYR A 140 -23.33 4.99 32.31
C TYR A 140 -24.00 4.95 30.94
N LEU A 141 -24.20 3.74 30.41
CA LEU A 141 -24.87 3.61 29.11
C LEU A 141 -26.35 3.97 29.21
N ARG A 142 -27.01 3.61 30.32
CA ARG A 142 -28.40 3.98 30.53
C ARG A 142 -28.55 5.49 30.67
N LEU A 143 -27.60 6.15 31.34
CA LEU A 143 -27.63 7.60 31.46
C LEU A 143 -27.32 8.28 30.13
N LYS A 144 -26.47 7.67 29.29
CA LYS A 144 -26.23 8.23 27.96
C LYS A 144 -27.48 8.11 27.08
N ARG A 145 -28.20 6.99 27.20
CA ARG A 145 -29.46 6.83 26.48
C ARG A 145 -30.51 7.82 26.97
N TYR A 146 -30.55 8.06 28.28
CA TYR A 146 -31.45 9.06 28.84
C TYR A 146 -31.09 10.47 28.35
N LEU A 147 -29.80 10.76 28.25
CA LEU A 147 -29.34 12.05 27.73
C LEU A 147 -29.74 12.23 26.27
N TRP A 148 -29.56 11.20 25.45
CA TRP A 148 -29.83 11.38 24.03
C TRP A 148 -31.29 11.15 23.66
N GLU A 149 -32.13 10.71 24.59
CA GLU A 149 -33.56 10.90 24.41
C GLU A 149 -34.04 12.22 25.01
N LEU A 150 -33.26 12.80 25.93
CA LEU A 150 -33.58 14.13 26.46
C LEU A 150 -33.22 15.24 25.48
N VAL A 151 -32.20 15.04 24.65
CA VAL A 151 -31.74 16.09 23.74
C VAL A 151 -32.79 16.39 22.68
N GLY A 152 -33.43 15.35 22.13
CA GLY A 152 -34.49 15.57 21.16
C GLY A 152 -35.73 16.21 21.74
N GLY A 153 -35.96 16.05 23.05
CA GLY A 153 -37.06 16.68 23.74
C GLY A 153 -36.86 18.13 24.12
N LEU A 154 -35.72 18.72 23.77
CA LEU A 154 -35.44 20.13 24.05
C LEU A 154 -35.46 20.95 22.76
N PRO A 155 -35.91 22.21 22.83
CA PRO A 155 -35.91 23.06 21.63
C PRO A 155 -34.52 23.51 21.20
N LYS A 156 -34.46 24.32 20.13
CA LYS A 156 -33.18 24.75 19.60
C LYS A 156 -32.53 25.83 20.45
N ASP A 157 -33.32 26.82 20.90
CA ASP A 157 -32.75 27.93 21.65
C ASP A 157 -32.33 27.54 23.06
N LYS A 158 -32.91 26.47 23.62
CA LYS A 158 -32.47 26.00 24.92
C LYS A 158 -31.12 25.31 24.83
N LEU A 159 -30.87 24.58 23.74
CA LEU A 159 -29.63 23.86 23.52
C LEU A 159 -28.68 24.63 22.60
N LYS A 160 -28.70 25.96 22.66
CA LYS A 160 -27.84 26.81 21.86
C LYS A 160 -26.84 27.58 22.71
N ASN A 161 -27.31 28.22 23.79
CA ASN A 161 -26.46 29.02 24.67
C ASN A 161 -26.07 28.17 25.88
N LEU A 162 -25.15 27.25 25.65
CA LEU A 162 -24.65 26.40 26.74
C LEU A 162 -23.67 27.23 27.56
N THR A 163 -23.77 27.13 28.89
CA THR A 163 -23.11 28.11 29.75
C THR A 163 -21.60 27.92 29.89
N PRO A 164 -21.04 26.74 30.21
CA PRO A 164 -19.58 26.63 30.29
C PRO A 164 -18.95 26.59 28.90
N LYS A 165 -17.63 26.44 28.88
CA LYS A 165 -16.88 26.38 27.63
C LYS A 165 -15.81 25.30 27.76
N PHE A 166 -15.96 24.22 26.99
CA PHE A 166 -15.03 23.11 27.01
C PHE A 166 -14.09 23.19 25.81
N TYR A 167 -12.87 22.69 25.98
CA TYR A 167 -11.84 22.84 24.98
C TYR A 167 -11.09 21.53 24.76
N LEU A 168 -10.91 21.17 23.50
CA LEU A 168 -10.10 20.02 23.12
C LEU A 168 -8.92 20.54 22.32
N ILE A 169 -7.76 20.60 22.96
CA ILE A 169 -6.54 20.97 22.27
C ILE A 169 -5.99 19.74 21.56
N ILE A 170 -5.74 19.89 20.27
CA ILE A 170 -5.19 18.81 19.45
C ILE A 170 -3.83 19.30 18.95
N ASP A 171 -2.77 18.95 19.67
CA ASP A 171 -1.43 19.22 19.20
C ASP A 171 -1.13 18.34 17.99
N GLU A 172 -0.46 18.93 16.99
CA GLU A 172 -0.05 18.28 15.74
C GLU A 172 -1.26 17.74 14.98
N ILE A 173 -2.19 18.64 14.66
CA ILE A 173 -3.46 18.26 14.04
C ILE A 173 -3.31 17.81 12.59
N ASN A 174 -2.16 18.04 11.97
CA ASN A 174 -1.94 17.63 10.59
C ASN A 174 -1.35 16.23 10.48
N ARG A 175 -0.82 15.68 11.57
CA ARG A 175 -0.19 14.36 11.51
C ARG A 175 -1.19 13.24 11.40
N GLY A 176 -2.44 13.46 11.78
CA GLY A 176 -3.44 12.41 11.75
C GLY A 176 -4.25 12.41 10.48
N ASN A 177 -4.73 11.22 10.11
CA ASN A 177 -5.65 11.07 9.00
C ASN A 177 -7.02 11.54 9.46
N ILE A 178 -7.33 12.81 9.18
CA ILE A 178 -8.53 13.46 9.71
C ILE A 178 -9.80 12.82 9.14
N SER A 179 -9.73 12.33 7.90
CA SER A 179 -10.85 11.57 7.34
C SER A 179 -11.05 10.24 8.04
N LYS A 180 -9.97 9.62 8.52
CA LYS A 180 -10.10 8.40 9.31
C LYS A 180 -10.41 8.70 10.77
N ILE A 181 -9.85 9.77 11.31
CA ILE A 181 -10.06 10.11 12.72
C ILE A 181 -11.46 10.67 12.93
N PHE A 182 -11.81 11.74 12.20
CA PHE A 182 -13.19 12.20 12.12
C PHE A 182 -13.83 11.47 10.95
N GLY A 183 -14.62 10.43 11.25
CA GLY A 183 -15.25 9.67 10.18
C GLY A 183 -16.34 10.44 9.46
N GLU A 184 -17.47 10.65 10.14
CA GLU A 184 -18.54 11.49 9.61
C GLU A 184 -18.78 12.70 10.50
N LEU A 185 -17.80 13.03 11.34
CA LEU A 185 -17.98 14.01 12.40
C LEU A 185 -17.11 15.24 12.22
N ILE A 186 -16.45 15.37 11.06
CA ILE A 186 -15.79 16.63 10.73
C ILE A 186 -16.81 17.66 10.23
N THR A 187 -18.01 17.22 9.85
CA THR A 187 -19.07 18.12 9.44
C THR A 187 -19.93 18.59 10.61
N LEU A 188 -19.90 17.88 11.73
CA LEU A 188 -20.60 18.35 12.91
C LEU A 188 -19.90 19.53 13.57
N LEU A 189 -18.62 19.74 13.26
CA LEU A 189 -17.88 20.85 13.81
C LEU A 189 -18.25 22.19 13.17
N GLU A 190 -19.04 22.17 12.09
CA GLU A 190 -19.63 23.39 11.55
C GLU A 190 -20.55 24.02 12.60
N LYS A 191 -20.50 25.35 12.70
CA LYS A 191 -21.25 26.07 13.73
C LYS A 191 -22.75 25.96 13.54
N ASP A 192 -23.20 25.74 12.30
CA ASP A 192 -24.62 25.53 12.03
C ASP A 192 -25.04 24.08 12.22
N LYS A 193 -24.10 23.15 12.35
CA LYS A 193 -24.41 21.73 12.47
C LYS A 193 -24.33 21.22 13.90
N ARG A 194 -24.02 22.08 14.86
CA ARG A 194 -23.95 21.67 16.25
C ARG A 194 -25.36 21.67 16.85
N LEU A 195 -25.45 21.41 18.15
CA LEU A 195 -26.74 21.43 18.82
C LEU A 195 -27.25 22.86 18.96
N GLY A 196 -28.54 23.06 18.68
CA GLY A 196 -29.12 24.38 18.68
C GLY A 196 -28.93 25.17 17.41
N GLY A 197 -28.11 24.69 16.47
CA GLY A 197 -27.95 25.38 15.22
C GLY A 197 -29.15 25.22 14.30
N GLU A 198 -29.09 25.91 13.16
CA GLU A 198 -30.17 25.85 12.19
C GLU A 198 -30.22 24.48 11.51
N ASN A 199 -29.14 24.10 10.87
CA ASN A 199 -29.04 22.78 10.22
C ASN A 199 -28.38 21.78 11.15
N GLN A 200 -29.05 21.55 12.29
CA GLN A 200 -28.51 20.68 13.33
C GLN A 200 -28.52 19.22 12.86
N LEU A 201 -27.37 18.57 12.95
CA LEU A 201 -27.20 17.18 12.55
C LEU A 201 -26.81 16.36 13.76
N ILE A 202 -27.53 15.29 14.01
CA ILE A 202 -27.22 14.33 15.07
C ILE A 202 -26.99 12.98 14.41
N VAL A 203 -25.74 12.56 14.35
CA VAL A 203 -25.39 11.33 13.66
C VAL A 203 -25.46 10.16 14.64
N ARG A 204 -25.52 8.95 14.09
CA ARG A 204 -25.55 7.72 14.87
C ARG A 204 -24.20 7.04 14.74
N LEU A 205 -23.60 6.69 15.88
CA LEU A 205 -22.25 6.15 15.93
C LEU A 205 -22.24 4.70 15.44
N PRO A 206 -21.14 4.26 14.79
CA PRO A 206 -21.10 2.90 14.24
C PRO A 206 -21.05 1.81 15.29
N TYR A 207 -20.19 1.95 16.29
CA TYR A 207 -20.21 1.05 17.43
C TYR A 207 -21.27 1.52 18.42
N SER A 208 -22.01 0.55 18.97
CA SER A 208 -23.01 0.71 20.03
C SER A 208 -24.24 1.54 19.63
N GLY A 209 -24.28 2.05 18.39
CA GLY A 209 -25.45 2.70 17.82
C GLY A 209 -25.98 3.95 18.51
N GLU A 210 -25.22 4.50 19.44
CA GLU A 210 -25.71 5.60 20.26
C GLU A 210 -25.64 6.91 19.47
N PRO A 211 -26.71 7.69 19.43
CA PRO A 211 -26.66 8.97 18.72
C PRO A 211 -25.79 9.98 19.46
N PHE A 212 -25.09 10.80 18.69
CA PHE A 212 -24.06 11.66 19.25
C PHE A 212 -23.81 12.82 18.31
N ALA A 213 -23.81 14.03 18.87
CA ALA A 213 -23.48 15.24 18.12
C ALA A 213 -22.81 16.21 19.07
N VAL A 214 -21.97 17.08 18.51
CA VAL A 214 -21.14 17.94 19.34
C VAL A 214 -21.88 19.23 19.71
N PRO A 215 -21.79 19.67 20.95
CA PRO A 215 -22.47 20.90 21.36
C PRO A 215 -21.66 22.12 20.94
N PRO A 216 -22.26 23.32 20.96
CA PRO A 216 -21.45 24.54 20.82
C PRO A 216 -20.65 24.87 22.07
N ASN A 217 -20.89 24.15 23.17
CA ASN A 217 -20.05 24.23 24.36
C ASN A 217 -18.61 23.84 24.06
N LEU A 218 -18.42 22.85 23.19
CA LEU A 218 -17.10 22.31 22.91
C LEU A 218 -16.40 23.11 21.82
N TYR A 219 -15.16 23.51 22.08
CA TYR A 219 -14.31 24.17 21.11
C TYR A 219 -13.06 23.35 20.86
N ILE A 220 -12.52 23.45 19.65
CA ILE A 220 -11.32 22.73 19.25
C ILE A 220 -10.23 23.74 18.96
N ILE A 221 -9.09 23.61 19.63
CA ILE A 221 -7.95 24.50 19.41
C ILE A 221 -6.79 23.63 18.97
N GLY A 222 -6.63 23.47 17.66
CA GLY A 222 -5.54 22.69 17.13
C GLY A 222 -4.26 23.50 16.99
N THR A 223 -3.13 22.81 17.16
CA THR A 223 -1.83 23.37 16.82
C THR A 223 -1.26 22.53 15.69
N MET A 224 -0.56 23.18 14.76
CA MET A 224 -0.13 22.51 13.54
C MET A 224 1.25 22.98 13.15
N ASN A 225 2.18 22.03 13.01
CA ASN A 225 3.48 22.32 12.44
C ASN A 225 3.37 22.36 10.92
N THR A 226 3.66 23.52 10.34
CA THR A 226 3.57 23.72 8.90
C THR A 226 4.93 23.89 8.24
N ALA A 227 5.98 23.29 8.81
CA ALA A 227 7.29 23.25 8.17
C ALA A 227 7.60 21.86 7.60
N ASP A 228 7.34 20.81 8.37
CA ASP A 228 7.53 19.46 7.86
C ASP A 228 6.47 19.11 6.82
N ARG A 229 5.20 19.33 7.15
CA ARG A 229 4.11 19.18 6.20
C ARG A 229 3.87 20.51 5.48
N SER A 230 2.96 20.49 4.51
CA SER A 230 2.65 21.69 3.76
C SER A 230 1.68 22.57 4.55
N ILE A 231 1.27 23.68 3.95
CA ILE A 231 0.65 24.78 4.68
C ILE A 231 -0.86 24.55 4.81
N ALA A 232 -1.39 24.95 5.98
CA ALA A 232 -2.80 25.26 6.21
C ALA A 232 -3.72 24.08 5.95
N LEU A 233 -3.49 23.00 6.70
CA LEU A 233 -4.35 21.81 6.76
C LEU A 233 -4.52 21.16 5.39
N LEU A 234 -3.44 20.51 4.95
CA LEU A 234 -3.37 19.89 3.63
C LEU A 234 -4.49 18.87 3.37
N ASP A 235 -5.05 18.28 4.42
CA ASP A 235 -6.30 17.53 4.28
C ASP A 235 -7.44 18.55 4.19
N VAL A 236 -8.23 18.46 3.12
CA VAL A 236 -9.18 19.51 2.77
C VAL A 236 -10.36 19.59 3.73
N ALA A 237 -10.59 18.55 4.53
CA ALA A 237 -11.76 18.50 5.38
C ALA A 237 -11.68 19.49 6.54
N LEU A 238 -10.47 19.77 7.03
CA LEU A 238 -10.32 20.65 8.18
C LEU A 238 -9.71 22.00 7.82
N ARG A 239 -9.55 22.31 6.54
CA ARG A 239 -9.18 23.67 6.14
C ARG A 239 -10.40 24.49 5.74
N ARG A 240 -11.60 24.01 6.03
CA ARG A 240 -12.83 24.74 5.79
C ARG A 240 -13.65 24.94 7.06
N ARG A 241 -13.77 23.92 7.90
CA ARG A 241 -14.48 24.05 9.17
C ARG A 241 -13.65 24.72 10.25
N PHE A 242 -12.32 24.65 10.15
CA PHE A 242 -11.44 25.24 11.14
C PHE A 242 -10.94 26.59 10.66
N ALA A 243 -10.98 27.58 11.55
CA ALA A 243 -10.33 28.85 11.28
C ALA A 243 -8.82 28.71 11.46
N PHE A 244 -8.07 29.72 11.05
CA PHE A 244 -6.61 29.63 11.06
C PHE A 244 -6.01 30.86 11.69
N ILE A 245 -5.02 30.65 12.55
CA ILE A 245 -4.26 31.73 13.18
C ILE A 245 -2.79 31.46 12.90
N GLU A 246 -2.16 32.34 12.15
CA GLU A 246 -0.71 32.29 11.91
C GLU A 246 0.00 32.77 13.18
N VAL A 247 0.51 31.84 13.95
CA VAL A 247 1.30 32.21 15.12
C VAL A 247 2.70 32.53 14.60
N GLU A 248 2.93 33.80 14.31
CA GLU A 248 4.19 34.23 13.74
C GLU A 248 5.30 34.15 14.78
N PRO A 249 6.55 33.93 14.35
CA PRO A 249 7.67 34.10 15.27
C PRO A 249 7.79 35.56 15.68
N ARG A 250 7.86 35.80 16.98
CA ARG A 250 7.95 37.14 17.52
C ARG A 250 9.35 37.37 18.06
N PRO A 251 10.25 38.00 17.30
CA PRO A 251 11.61 38.22 17.82
C PRO A 251 11.69 39.32 18.86
N GLU A 252 10.64 40.12 19.03
CA GLU A 252 10.62 41.15 20.08
C GLU A 252 10.52 40.57 21.48
N PHE A 253 10.24 39.26 21.60
CA PHE A 253 10.36 38.56 22.87
C PHE A 253 11.81 38.23 23.21
N LEU A 254 12.74 38.45 22.28
CA LEU A 254 14.14 38.15 22.48
C LEU A 254 14.98 39.39 22.81
N GLU A 255 14.34 40.55 22.96
CA GLU A 255 15.04 41.71 23.49
C GLU A 255 15.36 41.49 24.96
N LYS A 256 16.35 42.25 25.45
CA LYS A 256 16.84 42.04 26.81
C LYS A 256 15.78 42.39 27.85
N GLU A 257 15.10 43.52 27.67
CA GLU A 257 14.05 43.94 28.61
C GLU A 257 12.82 43.05 28.54
N ASN A 258 12.61 42.35 27.43
CA ASN A 258 11.49 41.42 27.33
C ASN A 258 11.86 40.02 27.83
N LEU A 259 13.08 39.58 27.54
CA LEU A 259 13.52 38.27 28.02
C LEU A 259 13.71 38.26 29.52
N LYS A 260 14.14 39.40 30.10
CA LYS A 260 14.21 39.53 31.55
C LYS A 260 12.84 39.42 32.19
N LYS A 261 11.83 40.04 31.57
CA LYS A 261 10.47 39.97 32.09
C LYS A 261 9.88 38.57 31.96
N ILE A 262 10.20 37.89 30.86
CA ILE A 262 9.70 36.52 30.66
C ILE A 262 10.35 35.56 31.65
N ARG A 263 11.67 35.70 31.87
CA ARG A 263 12.36 34.85 32.82
C ARG A 263 12.01 35.19 34.26
N GLU A 264 11.60 36.42 34.54
CA GLU A 264 11.20 36.82 35.88
C GLU A 264 9.73 36.57 36.17
N LYS A 265 8.91 36.34 35.15
CA LYS A 265 7.51 36.02 35.39
C LYS A 265 7.32 34.61 35.94
N LYS A 266 8.31 33.74 35.79
CA LYS A 266 8.25 32.41 36.37
C LYS A 266 8.85 32.32 37.76
N LEU A 267 9.75 33.26 38.12
CA LEU A 267 10.35 33.28 39.45
C LEU A 267 10.75 34.72 39.76
N LYS A 268 9.94 35.39 40.58
CA LYS A 268 10.21 36.76 41.01
C LYS A 268 10.94 36.80 42.36
N THR A 269 11.50 35.68 42.80
CA THR A 269 12.20 35.56 44.06
C THR A 269 13.69 35.91 43.84
N GLU A 270 14.55 35.52 44.79
CA GLU A 270 15.94 35.97 44.83
C GLU A 270 16.74 35.50 43.62
N ASP A 271 16.36 34.39 42.99
CA ASP A 271 17.09 33.95 41.80
C ASP A 271 16.82 34.82 40.57
N ARG A 272 15.85 35.74 40.64
CA ARG A 272 15.72 36.78 39.62
C ARG A 272 16.78 37.87 39.75
N LYS A 273 17.55 37.88 40.83
CA LYS A 273 18.68 38.79 40.95
C LYS A 273 19.94 38.24 40.32
N ARG A 274 20.11 36.91 40.31
CA ARG A 274 21.22 36.29 39.63
C ARG A 274 20.92 35.96 38.17
N LEU A 275 19.65 35.93 37.79
CA LEU A 275 19.27 35.76 36.40
C LEU A 275 19.05 37.09 35.70
N ASN A 276 19.47 38.19 36.32
CA ASN A 276 19.43 39.52 35.73
C ASN A 276 20.80 40.07 35.40
N GLU A 277 21.78 39.85 36.28
CA GLU A 277 23.16 40.16 35.95
C GLU A 277 23.77 39.13 35.00
N LYS A 278 23.19 37.93 34.93
CA LYS A 278 23.62 36.96 33.94
C LYS A 278 23.13 37.36 32.55
N LEU A 279 21.99 38.04 32.47
CA LEU A 279 21.57 38.62 31.21
C LEU A 279 22.47 39.79 30.81
N ASN A 280 22.92 40.56 31.80
CA ASN A 280 23.79 41.71 31.52
C ASN A 280 25.16 41.27 31.03
N GLU A 281 25.64 40.10 31.44
CA GLU A 281 26.86 39.53 30.88
C GLU A 281 26.60 38.71 29.64
N LEU A 282 25.37 38.72 29.11
CA LEU A 282 25.10 38.13 27.80
C LEU A 282 25.22 39.18 26.71
N PHE A 283 24.46 40.27 26.83
CA PHE A 283 24.41 41.29 25.78
C PHE A 283 25.64 42.19 25.78
N SER A 284 26.40 42.23 26.89
CA SER A 284 27.65 42.98 26.87
C SER A 284 28.71 42.25 26.06
N LYS A 285 28.67 40.92 26.05
CA LYS A 285 29.58 40.16 25.19
C LYS A 285 29.19 40.24 23.72
N LEU A 286 27.93 40.60 23.43
CA LEU A 286 27.47 40.86 22.08
C LEU A 286 27.70 42.32 21.66
N GLY A 287 28.49 43.07 22.41
CA GLY A 287 28.66 44.49 22.17
C GLY A 287 27.84 45.29 23.15
N ASN A 288 26.98 46.17 22.64
CA ASN A 288 26.06 46.93 23.48
C ASN A 288 24.63 46.89 22.96
N ASP A 289 24.33 45.93 22.09
CA ASP A 289 23.04 45.88 21.40
C ASP A 289 22.11 44.96 22.17
N ASN A 290 21.11 45.54 22.83
CA ASN A 290 20.06 44.74 23.46
C ASN A 290 19.14 44.11 22.44
N TYR A 291 19.09 44.64 21.21
CA TYR A 291 18.26 44.10 20.15
C TYR A 291 19.01 43.10 19.27
N PHE A 292 19.98 42.39 19.84
CA PHE A 292 20.83 41.52 19.02
C PHE A 292 20.08 40.26 18.59
N LEU A 293 19.47 39.56 19.54
CA LEU A 293 18.71 38.37 19.20
C LEU A 293 17.44 38.72 18.42
N LYS A 294 16.84 39.88 18.71
CA LYS A 294 15.64 40.31 18.01
C LYS A 294 15.92 40.59 16.53
N THR A 295 16.92 41.43 16.25
CA THR A 295 17.25 41.74 14.86
C THR A 295 17.90 40.54 14.16
N LEU A 296 18.58 39.68 14.91
CA LEU A 296 19.14 38.46 14.35
C LEU A 296 18.04 37.52 13.85
N LEU A 297 17.05 37.25 14.70
CA LEU A 297 15.93 36.41 14.29
C LEU A 297 15.08 37.08 13.23
N GLU A 298 14.94 38.40 13.27
CA GLU A 298 14.15 39.09 12.26
C GLU A 298 14.82 39.06 10.89
N LYS A 299 16.14 39.22 10.84
CA LYS A 299 16.85 39.15 9.57
C LYS A 299 16.89 37.73 9.05
N ILE A 300 17.04 36.74 9.93
CA ILE A 300 16.99 35.34 9.53
C ILE A 300 15.62 34.99 8.98
N ASN A 301 14.56 35.50 9.60
CA ASN A 301 13.21 35.19 9.15
C ASN A 301 12.88 35.90 7.84
N VAL A 302 13.34 37.14 7.67
CA VAL A 302 13.06 37.84 6.41
C VAL A 302 13.95 37.33 5.28
N ARG A 303 15.06 36.65 5.60
CA ARG A 303 15.83 35.99 4.55
C ARG A 303 15.37 34.56 4.29
N ILE A 304 14.69 33.93 5.25
CA ILE A 304 14.07 32.63 5.01
C ILE A 304 12.81 32.81 4.17
N THR A 305 12.06 33.88 4.43
CA THR A 305 10.79 34.14 3.75
C THR A 305 10.98 34.36 2.26
N VAL A 306 12.13 34.91 1.85
CA VAL A 306 12.36 35.25 0.46
C VAL A 306 13.11 34.17 -0.31
N VAL A 307 13.43 33.03 0.32
CA VAL A 307 14.07 31.94 -0.39
C VAL A 307 13.17 30.70 -0.47
N LYS A 308 12.38 30.41 0.56
CA LYS A 308 11.50 29.25 0.52
C LYS A 308 10.03 29.61 0.62
N ASP A 309 9.60 30.16 1.76
CA ASP A 309 8.20 30.43 2.11
C ASP A 309 8.20 31.08 3.49
N ARG A 310 7.00 31.51 3.92
CA ARG A 310 6.86 32.12 5.23
C ARG A 310 6.94 31.11 6.36
N ASP A 311 6.45 29.89 6.15
CA ASP A 311 6.26 28.94 7.23
C ASP A 311 7.44 28.00 7.42
N HIS A 312 8.65 28.44 7.08
CA HIS A 312 9.87 27.71 7.39
C HIS A 312 10.84 28.55 8.21
N ARG A 313 10.32 29.58 8.88
CA ARG A 313 11.16 30.47 9.66
C ARG A 313 11.60 29.81 10.97
N ILE A 314 12.42 30.53 11.73
CA ILE A 314 12.92 30.05 13.00
C ILE A 314 12.09 30.66 14.11
N GLY A 315 11.63 29.81 15.04
CA GLY A 315 10.80 30.29 16.13
C GLY A 315 11.60 30.97 17.22
N HIS A 316 10.89 31.76 18.02
CA HIS A 316 11.54 32.55 19.06
C HIS A 316 11.87 31.74 20.30
N SER A 317 11.21 30.61 20.53
CA SER A 317 11.35 29.90 21.81
C SER A 317 12.64 29.11 21.92
N TYR A 318 13.49 29.09 20.88
CA TYR A 318 14.83 28.56 21.07
C TYR A 318 15.67 29.52 21.89
N PHE A 319 15.59 30.81 21.59
CA PHE A 319 16.37 31.83 22.28
C PHE A 319 15.64 32.44 23.48
N LEU A 320 14.71 31.70 24.09
CA LEU A 320 14.04 32.19 25.28
C LEU A 320 14.73 31.76 26.56
N ASN A 321 15.47 30.65 26.52
CA ASN A 321 16.17 30.12 27.69
C ASN A 321 17.67 30.32 27.59
N VAL A 322 18.12 31.42 26.99
CA VAL A 322 19.54 31.75 26.92
C VAL A 322 19.89 32.60 28.13
N GLU A 323 20.97 32.22 28.82
CA GLU A 323 21.42 32.96 30.00
C GLU A 323 22.88 33.36 29.85
N THR A 324 23.66 32.53 29.15
CA THR A 324 25.06 32.79 28.89
C THR A 324 25.29 32.85 27.38
N VAL A 325 26.56 32.97 27.00
CA VAL A 325 26.93 32.88 25.59
C VAL A 325 26.97 31.43 25.14
N GLU A 326 27.44 30.53 26.02
CA GLU A 326 27.53 29.11 25.67
C GLU A 326 26.16 28.46 25.55
N ASP A 327 25.15 29.00 26.24
CA ASP A 327 23.78 28.53 26.03
C ASP A 327 23.27 28.95 24.66
N LEU A 328 23.58 30.19 24.25
CA LEU A 328 23.29 30.63 22.90
C LEU A 328 24.08 29.82 21.88
N HIS A 329 25.30 29.42 22.22
CA HIS A 329 26.10 28.58 21.34
C HIS A 329 25.48 27.19 21.18
N HIS A 330 24.99 26.61 22.27
CA HIS A 330 24.37 25.29 22.20
C HIS A 330 23.05 25.33 21.44
N VAL A 331 22.23 26.37 21.68
CA VAL A 331 20.96 26.47 20.98
C VAL A 331 21.13 26.97 19.55
N TRP A 332 22.31 27.48 19.21
CA TRP A 332 22.58 27.82 17.82
C TRP A 332 23.11 26.63 17.04
N TYR A 333 24.06 25.89 17.62
CA TYR A 333 24.71 24.80 16.90
C TYR A 333 23.96 23.48 16.99
N TYR A 334 23.00 23.35 17.90
CA TYR A 334 22.28 22.10 18.04
C TYR A 334 20.79 22.20 17.81
N GLU A 335 20.24 23.40 17.64
CA GLU A 335 18.81 23.55 17.43
C GLU A 335 18.47 24.24 16.11
N VAL A 336 19.09 25.37 15.80
CA VAL A 336 18.62 26.17 14.66
C VAL A 336 19.47 25.93 13.42
N LEU A 337 20.74 25.54 13.60
CA LEU A 337 21.53 25.14 12.44
C LEU A 337 21.19 23.73 11.93
N PRO A 338 20.90 22.72 12.78
CA PRO A 338 20.26 21.51 12.24
C PRO A 338 18.92 21.77 11.59
N LEU A 339 18.16 22.74 12.09
CA LEU A 339 16.88 23.08 11.46
C LEU A 339 17.09 23.72 10.09
N LEU A 340 18.11 24.58 9.97
CA LEU A 340 18.41 25.20 8.68
C LEU A 340 19.02 24.20 7.70
N MET A 341 19.74 23.20 8.21
CA MET A 341 20.27 22.15 7.34
C MET A 341 19.18 21.18 6.92
N GLU A 342 18.15 20.97 7.74
CA GLU A 342 16.99 20.19 7.31
C GLU A 342 16.17 20.97 6.30
N TYR A 343 16.04 22.29 6.46
CA TYR A 343 15.26 23.07 5.52
C TYR A 343 15.98 23.28 4.21
N PHE A 344 17.31 23.17 4.19
CA PHE A 344 18.11 23.22 2.96
C PHE A 344 19.04 22.00 2.98
N TYR A 345 18.56 20.87 2.47
CA TYR A 345 19.37 19.66 2.42
C TYR A 345 20.32 19.75 1.22
N ASN A 346 21.60 20.00 1.51
CA ASN A 346 22.68 20.12 0.54
C ASN A 346 22.44 21.21 -0.51
N ASP A 347 21.63 22.21 -0.18
CA ASP A 347 21.51 23.42 -0.99
C ASP A 347 22.36 24.45 -0.26
N TRP A 348 23.67 24.37 -0.48
CA TRP A 348 24.63 25.09 0.36
C TRP A 348 24.65 26.58 0.07
N GLU A 349 24.33 26.98 -1.17
CA GLU A 349 24.34 28.40 -1.51
C GLU A 349 23.23 29.17 -0.81
N THR A 350 22.06 28.55 -0.65
CA THR A 350 20.93 29.24 -0.06
C THR A 350 21.10 29.39 1.45
N ILE A 351 21.50 28.32 2.13
CA ILE A 351 21.75 28.39 3.58
C ILE A 351 22.98 29.24 3.86
N LYS A 352 23.91 29.31 2.90
CA LYS A 352 25.00 30.26 2.98
C LYS A 352 24.50 31.69 2.83
N TRP A 353 23.43 31.89 2.07
CA TRP A 353 22.89 33.23 1.84
C TRP A 353 21.99 33.70 2.99
N VAL A 354 21.37 32.78 3.73
CA VAL A 354 20.51 33.15 4.85
C VAL A 354 21.31 33.88 5.93
N LEU A 355 22.54 33.45 6.16
CA LEU A 355 23.42 34.12 7.10
C LEU A 355 24.25 35.23 6.46
N ASN A 356 23.86 35.68 5.26
CA ASN A 356 24.47 36.70 4.38
C ASN A 356 26.00 36.64 4.34
N GLU A 357 26.54 35.43 4.29
CA GLU A 357 27.97 35.19 4.24
C GLU A 357 28.36 34.43 2.97
N LYS A 358 27.74 34.83 1.85
CA LYS A 358 27.93 34.16 0.56
C LYS A 358 29.36 34.28 0.05
N GLY A 359 30.03 35.39 0.34
CA GLY A 359 31.40 35.57 -0.09
C GLY A 359 32.45 34.99 0.82
N LYS A 360 32.05 34.17 1.79
CA LYS A 360 32.97 33.56 2.74
C LYS A 360 33.02 32.06 2.52
N GLU A 361 34.22 31.50 2.51
CA GLU A 361 34.41 30.06 2.39
C GLU A 361 35.26 29.50 3.52
N HIS A 362 35.88 30.34 4.33
CA HIS A 362 36.66 29.95 5.51
C HIS A 362 36.81 31.18 6.38
N GLY A 363 37.64 31.09 7.42
CA GLY A 363 37.93 32.24 8.24
C GLY A 363 36.79 32.71 9.13
N ASN A 364 36.47 31.91 10.15
CA ASN A 364 35.42 32.18 11.14
C ASN A 364 34.05 32.27 10.48
N VAL A 365 33.69 31.20 9.78
CA VAL A 365 32.42 31.07 9.08
C VAL A 365 31.75 29.80 9.59
N PHE A 366 30.42 29.77 9.50
CA PHE A 366 29.67 28.63 10.00
C PHE A 366 29.87 27.40 9.12
N PHE A 367 29.74 27.57 7.82
CA PHE A 367 29.90 26.49 6.85
C PHE A 367 31.15 26.76 6.02
N GLU A 368 32.25 26.13 6.41
CA GLU A 368 33.50 26.29 5.68
C GLU A 368 33.49 25.40 4.44
N LYS A 369 34.02 25.93 3.34
CA LYS A 369 34.07 25.19 2.10
C LYS A 369 35.25 24.23 2.09
N LEU A 370 34.97 22.95 1.90
CA LEU A 370 36.04 21.99 1.70
C LEU A 370 36.67 22.20 0.32
N ARG A 371 37.97 21.97 0.25
CA ARG A 371 38.78 22.31 -0.93
C ARG A 371 38.71 21.25 -2.02
N LEU A 372 37.67 20.42 -2.04
CA LEU A 372 37.60 19.27 -2.93
C LEU A 372 36.35 19.41 -3.80
N THR A 373 36.56 19.60 -5.10
CA THR A 373 35.47 19.66 -6.06
C THR A 373 35.24 18.27 -6.67
N GLY A 374 33.99 17.82 -6.65
CA GLY A 374 33.65 16.47 -7.02
C GLY A 374 33.83 16.14 -8.50
N PRO A 375 33.41 14.93 -8.89
CA PRO A 375 33.65 14.50 -10.27
C PRO A 375 32.74 15.18 -11.28
N ASN A 376 31.52 15.54 -10.89
CA ASN A 376 30.60 16.26 -11.75
C ASN A 376 30.60 17.76 -11.45
N GLY A 377 31.70 18.29 -10.93
CA GLY A 377 31.77 19.67 -10.52
C GLY A 377 31.08 19.99 -9.22
N GLU A 378 30.54 18.99 -8.52
CA GLU A 378 29.77 19.23 -7.31
C GLU A 378 30.69 19.55 -6.15
N GLU A 379 30.15 20.30 -5.18
CA GLU A 379 30.90 20.75 -4.02
C GLU A 379 29.97 20.79 -2.82
N ALA A 380 30.54 20.59 -1.63
CA ALA A 380 29.78 20.64 -0.41
C ALA A 380 30.59 21.35 0.66
N TYR A 381 29.88 21.86 1.66
CA TYR A 381 30.49 22.63 2.75
C TYR A 381 30.51 21.75 4.00
N GLN A 382 30.94 22.35 5.11
CA GLN A 382 31.13 21.61 6.36
C GLN A 382 30.82 22.53 7.53
N LEU A 383 30.05 22.02 8.48
CA LEU A 383 29.72 22.78 9.69
C LEU A 383 30.98 23.00 10.52
N LYS A 384 31.28 24.25 10.84
CA LYS A 384 32.48 24.63 11.57
C LYS A 384 32.08 25.19 12.92
N VAL A 385 32.52 24.53 13.99
CA VAL A 385 32.14 24.92 15.35
C VAL A 385 33.00 26.12 15.75
N LEU A 386 32.41 27.31 15.70
CA LEU A 386 33.05 28.51 16.21
C LEU A 386 32.66 28.71 17.67
N GLU A 387 33.55 29.35 18.43
CA GLU A 387 33.29 29.60 19.83
C GLU A 387 34.06 30.83 20.29
N GLY A 388 33.60 31.41 21.38
CA GLY A 388 34.29 32.55 21.97
C GLY A 388 34.02 33.82 21.18
N ASP A 389 35.09 34.51 20.80
CA ASP A 389 34.95 35.74 20.02
C ASP A 389 34.56 35.44 18.58
N ALA A 390 34.92 34.26 18.08
CA ALA A 390 34.62 33.90 16.69
C ALA A 390 33.12 33.69 16.49
N PHE A 391 32.45 33.06 17.46
CA PHE A 391 31.03 32.80 17.36
C PHE A 391 30.21 34.10 17.45
N ILE A 392 30.58 34.99 18.37
CA ILE A 392 29.89 36.26 18.50
C ILE A 392 30.19 37.16 17.31
N GLY A 393 31.40 37.08 16.76
CA GLY A 393 31.73 37.85 15.56
C GLY A 393 31.04 37.32 14.32
N ALA A 394 30.75 36.02 14.28
CA ALA A 394 29.99 35.46 13.17
C ALA A 394 28.50 35.81 13.29
N LEU A 395 27.97 35.81 14.52
CA LEU A 395 26.60 36.24 14.72
C LEU A 395 26.43 37.73 14.48
N LYS A 396 27.46 38.52 14.74
CA LYS A 396 27.36 39.97 14.64
C LYS A 396 27.34 40.44 13.20
N ARG A 397 28.01 39.73 12.30
CA ARG A 397 28.01 40.09 10.89
C ARG A 397 26.78 39.58 10.15
N ILE A 398 25.91 38.81 10.81
CA ILE A 398 24.65 38.42 10.19
C ILE A 398 23.72 39.63 10.09
N ILE A 399 23.66 40.45 11.14
CA ILE A 399 22.85 41.65 11.15
C ILE A 399 23.47 42.72 10.25
N GLU B 11 34.35 14.04 27.49
CA GLU B 11 34.13 14.70 26.21
C GLU B 11 32.68 14.53 25.75
N ASP B 12 32.37 13.33 25.26
CA ASP B 12 31.02 13.05 24.80
C ASP B 12 30.06 12.79 25.96
N TYR B 13 30.56 12.22 27.07
CA TYR B 13 29.71 11.93 28.21
C TYR B 13 29.24 13.21 28.90
N PHE B 14 30.05 14.27 28.84
CA PHE B 14 29.61 15.56 29.34
C PHE B 14 28.45 16.11 28.53
N ARG B 15 28.50 15.95 27.20
CA ARG B 15 27.41 16.43 26.35
C ARG B 15 26.15 15.58 26.55
N VAL B 16 26.32 14.28 26.77
CA VAL B 16 25.18 13.40 27.04
C VAL B 16 24.52 13.77 28.38
N ASP B 17 25.34 13.99 29.42
CA ASP B 17 24.81 14.36 30.72
C ASP B 17 24.22 15.76 30.72
N MET B 18 24.75 16.65 29.87
CA MET B 18 24.17 17.99 29.76
C MET B 18 22.83 17.96 29.05
N LEU B 19 22.71 17.15 28.00
CA LEU B 19 21.44 17.07 27.27
C LEU B 19 20.47 16.06 27.88
N LEU B 20 20.88 15.30 28.89
CA LEU B 20 19.94 14.50 29.67
C LEU B 20 19.35 15.27 30.83
N ASN B 21 19.94 16.41 31.19
CA ASN B 21 19.37 17.24 32.25
C ASN B 21 18.48 18.34 31.68
N LYS B 22 18.81 18.87 30.51
CA LYS B 22 17.96 19.86 29.86
C LYS B 22 16.69 19.23 29.33
N LYS B 23 16.83 18.21 28.48
CA LYS B 23 15.70 17.61 27.77
C LYS B 23 15.13 16.39 28.47
N GLY B 24 15.95 15.62 29.17
CA GLY B 24 15.52 14.43 29.86
C GLY B 24 15.69 13.15 29.08
N GLN B 25 15.69 13.22 27.75
CA GLN B 25 15.89 12.07 26.90
C GLN B 25 16.69 12.52 25.67
N VAL B 26 17.53 11.61 25.17
CA VAL B 26 18.51 11.97 24.15
C VAL B 26 18.58 10.83 23.14
N ILE B 27 18.97 11.17 21.92
CA ILE B 27 19.15 10.23 20.82
C ILE B 27 20.51 10.51 20.21
N LEU B 28 21.38 9.50 20.20
CA LEU B 28 22.66 9.60 19.53
C LEU B 28 22.48 9.13 18.08
N TYR B 29 22.72 10.03 17.14
CA TYR B 29 22.53 9.75 15.73
C TYR B 29 23.84 9.91 14.99
N GLY B 30 23.86 9.45 13.75
CA GLY B 30 25.03 9.54 12.91
C GLY B 30 25.12 8.40 11.93
N PRO B 31 26.25 8.31 11.23
CA PRO B 31 26.48 7.18 10.34
C PRO B 31 26.83 5.92 11.11
N PRO B 32 26.60 4.73 10.55
CA PRO B 32 26.90 3.50 11.30
C PRO B 32 28.39 3.27 11.40
N GLY B 33 28.84 2.93 12.60
CA GLY B 33 30.24 2.69 12.88
C GLY B 33 30.82 3.55 13.97
N THR B 34 30.13 4.62 14.35
CA THR B 34 30.61 5.53 15.37
C THR B 34 30.23 5.00 16.75
N GLY B 35 30.38 5.82 17.77
CA GLY B 35 29.97 5.43 19.10
C GLY B 35 28.52 5.75 19.44
N LYS B 36 27.56 4.99 18.92
CA LYS B 36 26.18 5.19 19.37
C LYS B 36 25.83 4.22 20.49
N THR B 37 25.93 2.92 20.22
CA THR B 37 25.61 1.92 21.24
C THR B 37 26.68 1.88 22.32
N TRP B 38 27.95 2.02 21.93
CA TRP B 38 29.05 1.86 22.87
C TRP B 38 29.12 3.04 23.83
N ILE B 39 29.00 4.27 23.33
CA ILE B 39 29.08 5.46 24.17
C ILE B 39 27.92 5.50 25.14
N ALA B 40 26.71 5.17 24.67
CA ALA B 40 25.53 5.19 25.51
C ALA B 40 25.57 4.09 26.57
N ARG B 41 25.96 2.87 26.17
CA ARG B 41 26.04 1.76 27.11
C ARG B 41 27.13 1.98 28.15
N LYS B 42 28.28 2.52 27.73
CA LYS B 42 29.36 2.80 28.67
C LYS B 42 29.02 3.96 29.59
N TYR B 43 28.27 4.96 29.09
CA TYR B 43 27.83 6.05 29.94
C TYR B 43 26.83 5.57 30.99
N VAL B 44 25.94 4.66 30.60
CA VAL B 44 24.97 4.12 31.55
C VAL B 44 25.66 3.25 32.60
N VAL B 45 26.64 2.45 32.18
CA VAL B 45 27.38 1.62 33.15
C VAL B 45 28.25 2.50 34.06
N GLU B 46 28.85 3.55 33.53
CA GLU B 46 29.65 4.45 34.34
C GLU B 46 28.81 5.40 35.19
N GLU B 47 27.50 5.47 34.94
CA GLU B 47 26.61 6.30 35.75
C GLU B 47 25.89 5.53 36.84
N THR B 48 25.47 4.29 36.57
CA THR B 48 24.77 3.49 37.55
C THR B 48 25.66 2.53 38.32
N ASN B 49 26.91 2.34 37.86
CA ASN B 49 27.88 1.39 38.42
C ASN B 49 27.33 -0.04 38.43
N GLU B 50 26.57 -0.38 37.39
CA GLU B 50 26.03 -1.72 37.20
C GLU B 50 26.46 -2.21 35.82
N LYS B 51 27.22 -3.31 35.79
CA LYS B 51 27.79 -3.78 34.53
C LYS B 51 26.75 -4.47 33.66
N THR B 52 25.72 -5.05 34.25
CA THR B 52 24.70 -5.82 33.57
C THR B 52 23.36 -5.09 33.59
N PRO B 53 22.47 -5.36 32.61
CA PRO B 53 21.10 -4.82 32.71
C PRO B 53 20.31 -5.45 33.83
N GLY B 54 19.09 -4.96 34.07
CA GLY B 54 18.39 -5.40 35.25
C GLY B 54 17.88 -4.25 36.11
N ASN B 55 18.50 -4.07 37.27
CA ASN B 55 18.01 -3.25 38.36
C ASN B 55 17.83 -1.77 37.98
N LYS B 56 18.91 -1.07 37.68
CA LYS B 56 18.83 0.37 37.47
C LYS B 56 18.83 0.78 35.99
N TRP B 57 18.98 -0.17 35.07
CA TRP B 57 18.95 0.18 33.66
C TRP B 57 18.53 -1.03 32.84
N GLU B 58 18.12 -0.77 31.61
CA GLU B 58 17.64 -1.84 30.74
C GLU B 58 17.93 -1.51 29.29
N PHE B 59 18.58 -2.45 28.60
CA PHE B 59 18.83 -2.36 27.18
C PHE B 59 17.72 -3.07 26.42
N ILE B 60 17.09 -2.35 25.49
CA ILE B 60 16.16 -2.93 24.53
C ILE B 60 16.56 -2.46 23.14
N THR B 61 15.93 -3.08 22.14
CA THR B 61 16.11 -2.70 20.74
C THR B 61 14.74 -2.57 20.10
N PHE B 62 14.44 -1.41 19.54
CA PHE B 62 13.19 -1.22 18.82
C PHE B 62 13.23 -1.92 17.46
N HIS B 63 12.11 -2.56 17.14
CA HIS B 63 11.85 -3.06 15.80
C HIS B 63 10.34 -2.99 15.59
N GLN B 64 9.87 -3.52 14.46
CA GLN B 64 8.46 -3.37 14.11
C GLN B 64 7.56 -4.26 14.95
N SER B 65 8.10 -5.28 15.62
CA SER B 65 7.27 -6.21 16.38
C SER B 65 6.98 -5.75 17.80
N TYR B 66 7.64 -4.70 18.29
CA TYR B 66 7.19 -4.11 19.55
C TYR B 66 5.85 -3.41 19.34
N SER B 67 4.97 -3.55 20.33
CA SER B 67 3.70 -2.85 20.33
C SER B 67 3.43 -2.36 21.74
N TYR B 68 2.20 -1.89 21.96
CA TYR B 68 1.80 -1.43 23.29
C TYR B 68 1.72 -2.58 24.28
N GLU B 69 1.41 -3.79 23.82
CA GLU B 69 1.21 -4.93 24.70
C GLU B 69 2.51 -5.53 25.21
N GLU B 70 3.64 -5.16 24.62
CA GLU B 70 4.93 -5.67 25.04
C GLU B 70 5.85 -4.58 25.57
N PHE B 71 5.47 -3.31 25.46
CA PHE B 71 6.26 -2.21 25.97
C PHE B 71 5.76 -1.68 27.30
N ILE B 72 4.44 -1.53 27.45
CA ILE B 72 3.90 -0.97 28.68
C ILE B 72 3.11 -2.03 29.43
N GLU B 73 2.02 -2.52 28.84
CA GLU B 73 1.21 -3.55 29.46
C GLU B 73 0.28 -4.17 28.42
N GLY B 74 -0.13 -5.40 28.68
CA GLY B 74 -1.05 -6.08 27.79
C GLY B 74 -1.51 -7.40 28.38
N PHE B 75 -2.66 -7.85 27.91
CA PHE B 75 -3.26 -9.06 28.44
C PHE B 75 -2.53 -10.30 27.96
N ARG B 76 -2.44 -11.31 28.82
CA ARG B 76 -1.81 -12.57 28.49
C ARG B 76 -2.50 -13.64 29.31
N PRO B 77 -2.77 -14.82 28.74
CA PRO B 77 -3.39 -15.89 29.53
C PRO B 77 -2.38 -16.58 30.43
N ARG B 78 -2.89 -17.13 31.53
CA ARG B 78 -2.07 -17.81 32.52
C ARG B 78 -2.73 -19.11 32.96
N THR B 79 -3.26 -19.87 31.99
CA THR B 79 -3.90 -21.14 32.30
C THR B 79 -2.86 -22.21 32.59
N LYS B 84 -7.86 -23.14 33.93
CA LYS B 84 -8.75 -22.15 33.33
C LYS B 84 -7.97 -20.93 32.88
N ILE B 85 -8.40 -20.32 31.78
CA ILE B 85 -7.72 -19.16 31.21
C ILE B 85 -8.09 -17.94 32.03
N ARG B 86 -7.17 -17.50 32.88
CA ARG B 86 -7.32 -16.27 33.64
C ARG B 86 -6.39 -15.22 33.03
N TYR B 87 -6.97 -14.20 32.39
CA TYR B 87 -6.20 -13.22 31.65
C TYR B 87 -5.57 -12.23 32.61
N VAL B 88 -4.25 -12.32 32.77
CA VAL B 88 -3.48 -11.42 33.61
C VAL B 88 -2.86 -10.35 32.71
N VAL B 89 -3.00 -9.09 33.11
CA VAL B 89 -2.33 -8.01 32.38
C VAL B 89 -0.86 -7.98 32.82
N GLU B 90 0.02 -8.37 31.91
CA GLU B 90 1.45 -8.39 32.18
C GLU B 90 2.06 -7.06 31.79
N ASP B 91 3.04 -6.62 32.57
CA ASP B 91 3.66 -5.32 32.39
C ASP B 91 4.81 -5.42 31.41
N GLY B 92 4.84 -4.53 30.44
CA GLY B 92 5.95 -4.43 29.52
C GLY B 92 7.16 -3.80 30.16
N ILE B 93 8.20 -3.60 29.35
CA ILE B 93 9.48 -3.23 29.92
C ILE B 93 9.55 -1.76 30.30
N PHE B 94 8.80 -0.88 29.61
CA PHE B 94 8.84 0.54 29.92
C PHE B 94 8.08 0.84 31.20
N LYS B 95 6.90 0.25 31.37
CA LYS B 95 6.15 0.43 32.60
C LYS B 95 6.88 -0.20 33.78
N LYS B 96 7.57 -1.32 33.54
CA LYS B 96 8.34 -1.96 34.60
C LYS B 96 9.52 -1.09 35.03
N ILE B 97 10.25 -0.50 34.09
CA ILE B 97 11.39 0.33 34.46
C ILE B 97 10.93 1.69 35.01
N ALA B 98 9.76 2.19 34.59
CA ALA B 98 9.24 3.43 35.14
C ALA B 98 8.73 3.22 36.56
N LEU B 99 8.09 2.08 36.81
CA LEU B 99 7.67 1.75 38.17
C LEU B 99 8.86 1.48 39.07
N ARG B 100 9.93 0.86 38.53
CA ARG B 100 11.15 0.67 39.30
C ARG B 100 11.80 2.00 39.65
N ALA B 101 11.82 2.93 38.71
CA ALA B 101 12.40 4.25 38.96
C ALA B 101 11.59 5.03 39.97
N LEU B 102 10.26 4.98 39.88
CA LEU B 102 9.42 5.71 40.82
C LEU B 102 9.48 5.08 42.22
N VAL B 103 9.49 3.75 42.31
CA VAL B 103 9.52 3.08 43.61
C VAL B 103 10.88 3.27 44.27
N LYS B 104 11.97 3.28 43.49
CA LYS B 104 13.27 3.57 44.08
C LYS B 104 13.39 5.03 44.50
N GLY B 105 12.89 5.95 43.66
CA GLY B 105 12.93 7.36 44.00
C GLY B 105 12.04 7.75 45.16
N LEU B 106 11.03 6.92 45.46
CA LEU B 106 10.22 7.12 46.67
C LEU B 106 10.78 6.37 47.86
N PHE B 107 11.52 5.28 47.63
CA PHE B 107 12.15 4.56 48.74
C PHE B 107 13.36 5.30 49.26
N GLU B 108 14.01 6.12 48.43
CA GLU B 108 15.23 6.80 48.88
C GLU B 108 14.93 7.95 49.84
N LEU B 109 13.99 8.82 49.49
CA LEU B 109 13.76 9.98 50.34
C LEU B 109 12.82 9.63 51.49
N GLU B 110 12.99 10.32 52.60
CA GLU B 110 12.15 10.16 53.78
C GLU B 110 11.48 11.48 54.14
N ASP B 111 11.11 12.26 53.12
CA ASP B 111 10.49 13.56 53.36
C ASP B 111 9.00 13.45 53.62
N ALA B 112 8.38 12.31 53.34
CA ALA B 112 6.97 12.08 53.59
C ALA B 112 6.79 10.79 54.38
N THR B 113 5.59 10.62 54.93
CA THR B 113 5.27 9.43 55.71
C THR B 113 4.88 8.31 54.74
N ILE B 114 5.91 7.63 54.24
CA ILE B 114 5.74 6.57 53.25
C ILE B 114 6.02 5.23 53.93
N GLY B 115 5.24 4.21 53.56
CA GLY B 115 5.39 2.87 54.08
C GLY B 115 6.52 2.14 53.39
N LYS B 116 7.77 2.41 53.83
CA LYS B 116 8.96 1.93 53.15
C LYS B 116 9.09 0.41 53.13
N ASP B 117 8.43 -0.30 54.05
CA ASP B 117 8.38 -1.76 53.94
C ASP B 117 7.55 -2.19 52.75
N LYS B 118 6.41 -1.54 52.55
CA LYS B 118 5.55 -1.80 51.39
C LYS B 118 6.24 -1.42 50.09
N ILE B 119 6.93 -0.28 50.10
CA ILE B 119 7.64 0.19 48.91
C ILE B 119 8.83 -0.73 48.59
N HIS B 120 9.51 -1.23 49.63
CA HIS B 120 10.61 -2.16 49.41
C HIS B 120 10.12 -3.51 48.91
N ARG B 121 8.96 -3.97 49.39
CA ARG B 121 8.36 -5.19 48.87
C ARG B 121 7.94 -5.02 47.41
N LEU B 122 7.44 -3.82 47.06
CA LEU B 122 7.12 -3.53 45.67
C LEU B 122 8.38 -3.48 44.80
N TYR B 123 9.50 -3.00 45.34
CA TYR B 123 10.73 -3.00 44.56
C TYR B 123 11.32 -4.40 44.41
N ILE B 124 11.09 -5.27 45.39
CA ILE B 124 11.50 -6.66 45.24
C ILE B 124 10.63 -7.36 44.19
N LEU B 125 9.32 -7.06 44.19
CA LEU B 125 8.43 -7.61 43.19
C LEU B 125 8.72 -7.07 41.79
N LEU B 126 9.22 -5.85 41.71
CA LEU B 126 9.50 -5.20 40.43
C LEU B 126 10.83 -5.60 39.82
N THR B 127 11.64 -6.39 40.52
CA THR B 127 12.93 -6.85 40.02
C THR B 127 13.03 -8.36 40.16
N LYS B 128 11.96 -9.05 39.76
CA LYS B 128 11.94 -10.51 39.78
C LYS B 128 12.37 -11.03 38.42
N LYS B 129 13.43 -11.84 38.41
CA LYS B 129 13.85 -12.48 37.16
C LYS B 129 12.85 -13.55 36.74
N GLU B 130 12.36 -14.33 37.69
CA GLU B 130 11.28 -15.26 37.42
C GLU B 130 9.96 -14.49 37.28
N PRO B 131 8.99 -15.05 36.56
CA PRO B 131 7.67 -14.42 36.51
C PRO B 131 6.95 -14.55 37.85
N LEU B 132 5.94 -13.72 38.03
CA LEU B 132 5.24 -13.63 39.30
C LEU B 132 4.25 -14.77 39.46
N SER B 133 4.11 -15.26 40.68
CA SER B 133 3.18 -16.33 41.00
C SER B 133 1.75 -15.81 40.92
N PRO B 134 0.77 -16.71 40.68
CA PRO B 134 -0.63 -16.29 40.75
C PRO B 134 -1.08 -15.89 42.15
N THR B 135 -0.40 -16.34 43.21
CA THR B 135 -0.67 -15.86 44.55
C THR B 135 0.01 -14.53 44.83
N GLU B 136 1.04 -14.18 44.07
CA GLU B 136 1.79 -12.94 44.25
C GLU B 136 1.41 -11.86 43.25
N TYR B 137 0.49 -12.14 42.32
CA TYR B 137 0.13 -11.13 41.34
C TYR B 137 -0.85 -10.11 41.91
N GLU B 138 -1.86 -10.56 42.66
CA GLU B 138 -2.74 -9.62 43.33
C GLU B 138 -2.01 -8.90 44.46
N GLU B 139 -1.02 -9.57 45.05
CA GLU B 139 -0.14 -8.95 46.03
C GLU B 139 0.76 -7.89 45.40
N TYR B 140 0.94 -7.93 44.08
CA TYR B 140 1.65 -6.91 43.31
C TYR B 140 0.71 -5.79 42.88
N LEU B 141 -0.53 -6.15 42.51
CA LEU B 141 -1.53 -5.16 42.14
C LEU B 141 -1.91 -4.27 43.31
N ARG B 142 -1.97 -4.84 44.51
CA ARG B 142 -2.30 -4.05 45.70
C ARG B 142 -1.22 -3.02 46.01
N LEU B 143 0.05 -3.40 45.83
CA LEU B 143 1.13 -2.45 46.10
C LEU B 143 1.23 -1.40 45.00
N LYS B 144 0.90 -1.77 43.76
CA LYS B 144 0.83 -0.76 42.70
C LYS B 144 -0.31 0.23 42.95
N ARG B 145 -1.45 -0.27 43.45
CA ARG B 145 -2.57 0.63 43.79
C ARG B 145 -2.21 1.53 44.95
N TYR B 146 -1.51 1.00 45.96
CA TYR B 146 -1.04 1.81 47.08
C TYR B 146 -0.04 2.87 46.63
N LEU B 147 0.84 2.52 45.69
CA LEU B 147 1.82 3.47 45.18
C LEU B 147 1.14 4.58 44.40
N TRP B 148 0.20 4.23 43.52
CA TRP B 148 -0.44 5.24 42.69
C TRP B 148 -1.52 6.01 43.44
N GLU B 149 -1.96 5.56 44.61
CA GLU B 149 -2.76 6.40 45.47
C GLU B 149 -1.91 7.22 46.44
N LEU B 150 -0.65 6.84 46.64
CA LEU B 150 0.26 7.64 47.45
C LEU B 150 0.82 8.82 46.66
N VAL B 151 1.39 8.57 45.48
CA VAL B 151 2.07 9.62 44.74
C VAL B 151 1.06 10.57 44.08
N GLY B 152 -0.17 10.11 43.87
CA GLY B 152 -1.22 10.99 43.39
C GLY B 152 -1.74 11.97 44.43
N GLY B 153 -1.40 11.78 45.70
CA GLY B 153 -1.75 12.71 46.75
C GLY B 153 -0.54 13.32 47.41
N LEU B 154 0.63 13.13 46.79
CA LEU B 154 1.94 13.62 47.19
C LEU B 154 2.26 14.90 46.42
N PRO B 155 2.79 15.93 47.09
CA PRO B 155 3.02 17.21 46.41
C PRO B 155 4.18 17.14 45.41
N LYS B 156 4.21 18.15 44.55
CA LYS B 156 5.12 18.20 43.41
C LYS B 156 6.47 18.82 43.74
N ASP B 157 6.74 19.13 45.02
CA ASP B 157 8.03 19.71 45.37
C ASP B 157 9.10 18.64 45.56
N LYS B 158 8.76 17.56 46.28
CA LYS B 158 9.70 16.47 46.45
C LYS B 158 9.73 15.52 45.26
N LEU B 159 8.72 15.59 44.39
CA LEU B 159 8.71 14.79 43.18
C LEU B 159 9.59 15.37 42.08
N LYS B 160 9.92 16.66 42.18
CA LYS B 160 10.73 17.32 41.15
C LYS B 160 12.15 16.76 41.11
N ASN B 161 12.70 16.36 42.25
CA ASN B 161 14.06 15.85 42.34
C ASN B 161 14.03 14.50 43.04
N LEU B 162 14.05 13.42 42.26
CA LEU B 162 14.20 12.07 42.78
C LEU B 162 15.64 11.61 42.51
N THR B 163 16.22 10.93 43.51
CA THR B 163 17.68 10.72 43.49
C THR B 163 18.16 9.67 42.48
N PRO B 164 17.74 8.39 42.53
CA PRO B 164 18.49 7.40 41.74
C PRO B 164 18.05 7.39 40.27
N LYS B 165 18.98 7.73 39.38
CA LYS B 165 18.65 7.83 37.96
C LYS B 165 18.54 6.46 37.33
N PHE B 166 17.53 6.29 36.48
CA PHE B 166 17.29 5.05 35.76
C PHE B 166 17.42 5.30 34.26
N TYR B 167 17.86 4.28 33.53
CA TYR B 167 18.18 4.44 32.11
C TYR B 167 17.56 3.31 31.31
N LEU B 168 16.61 3.65 30.45
CA LEU B 168 16.12 2.73 29.42
C LEU B 168 16.87 3.08 28.13
N ILE B 169 17.87 2.29 27.81
CA ILE B 169 18.68 2.50 26.61
C ILE B 169 18.11 1.68 25.47
N ILE B 170 17.72 2.37 24.40
CA ILE B 170 16.95 1.78 23.31
C ILE B 170 17.79 1.87 22.04
N ASP B 171 18.44 0.77 21.67
CA ASP B 171 19.17 0.75 20.41
C ASP B 171 18.21 0.72 19.23
N GLU B 172 18.59 1.40 18.15
CA GLU B 172 17.84 1.49 16.90
C GLU B 172 16.42 2.02 17.13
N ILE B 173 16.35 3.23 17.68
CA ILE B 173 15.07 3.82 18.06
C ILE B 173 14.26 4.28 16.84
N ASN B 174 14.87 4.40 15.67
CA ASN B 174 14.14 4.76 14.47
C ASN B 174 13.49 3.55 13.80
N ARG B 175 13.82 2.34 14.22
CA ARG B 175 13.27 1.15 13.56
C ARG B 175 11.88 0.81 14.06
N GLY B 176 11.55 1.18 15.29
CA GLY B 176 10.23 0.91 15.82
C GLY B 176 9.21 1.97 15.44
N ASN B 177 7.95 1.60 15.57
CA ASN B 177 6.83 2.52 15.30
C ASN B 177 6.49 3.24 16.59
N ILE B 178 7.04 4.45 16.76
CA ILE B 178 6.92 5.20 18.01
C ILE B 178 5.48 5.58 18.30
N SER B 179 4.68 5.80 17.25
CA SER B 179 3.26 6.06 17.44
C SER B 179 2.50 4.80 17.84
N LYS B 180 3.05 3.62 17.57
CA LYS B 180 2.40 2.36 17.93
C LYS B 180 3.04 1.69 19.14
N ILE B 181 4.35 1.86 19.34
CA ILE B 181 5.00 1.36 20.55
C ILE B 181 4.55 2.16 21.76
N PHE B 182 4.80 3.48 21.73
CA PHE B 182 4.15 4.40 22.66
C PHE B 182 2.76 4.69 22.13
N GLY B 183 1.73 4.25 22.85
CA GLY B 183 0.37 4.53 22.42
C GLY B 183 0.00 5.99 22.57
N GLU B 184 -0.13 6.43 23.82
CA GLU B 184 -0.32 7.84 24.14
C GLU B 184 0.71 8.34 25.14
N LEU B 185 1.66 7.50 25.54
CA LEU B 185 2.62 7.83 26.58
C LEU B 185 3.82 8.63 26.06
N ILE B 186 3.86 8.92 24.76
CA ILE B 186 4.99 9.67 24.21
C ILE B 186 4.90 11.14 24.59
N THR B 187 3.71 11.64 24.94
CA THR B 187 3.57 13.02 25.40
C THR B 187 3.70 13.14 26.92
N LEU B 188 4.31 12.15 27.57
CA LEU B 188 4.66 12.23 28.97
C LEU B 188 6.16 12.27 29.22
N LEU B 189 6.97 11.95 28.20
CA LEU B 189 8.41 11.88 28.39
C LEU B 189 9.07 13.24 28.55
N GLU B 190 8.39 14.32 28.14
CA GLU B 190 8.97 15.65 28.25
C GLU B 190 9.10 16.07 29.71
N LYS B 191 10.07 16.95 29.97
CA LYS B 191 10.47 17.26 31.33
C LYS B 191 9.39 18.03 32.09
N ASP B 192 8.51 18.72 31.39
CA ASP B 192 7.40 19.39 32.05
C ASP B 192 6.24 18.45 32.36
N LYS B 193 6.17 17.29 31.71
CA LYS B 193 5.08 16.35 31.91
C LYS B 193 5.47 15.19 32.85
N ARG B 194 6.68 15.20 33.40
CA ARG B 194 7.11 14.14 34.28
C ARG B 194 6.42 14.24 35.64
N LEU B 195 6.62 13.22 36.47
CA LEU B 195 6.08 13.25 37.82
C LEU B 195 6.85 14.24 38.68
N GLY B 196 6.39 15.48 38.73
CA GLY B 196 7.12 16.53 39.41
C GLY B 196 7.29 17.75 38.53
N GLY B 197 7.04 17.58 37.24
CA GLY B 197 7.08 18.70 36.32
C GLY B 197 5.89 19.62 36.50
N GLU B 198 5.94 20.75 35.79
CA GLU B 198 4.91 21.77 35.94
C GLU B 198 3.57 21.33 35.37
N ASN B 199 3.58 20.75 34.17
CA ASN B 199 2.38 20.15 33.58
C ASN B 199 2.32 18.66 33.86
N GLN B 200 2.43 18.27 35.14
CA GLN B 200 2.47 16.86 35.49
C GLN B 200 1.10 16.24 35.31
N LEU B 201 1.03 15.16 34.53
CA LEU B 201 -0.20 14.42 34.32
C LEU B 201 0.06 12.94 34.55
N ILE B 202 -0.93 12.26 35.12
CA ILE B 202 -0.85 10.83 35.39
C ILE B 202 -2.00 10.19 34.62
N VAL B 203 -1.69 9.62 33.45
CA VAL B 203 -2.72 9.06 32.60
C VAL B 203 -3.12 7.68 33.10
N ARG B 204 -4.28 7.22 32.62
CA ARG B 204 -4.72 5.86 32.86
C ARG B 204 -4.23 4.96 31.73
N LEU B 205 -4.04 3.68 32.06
CA LEU B 205 -3.67 2.78 31.00
C LEU B 205 -4.89 2.00 30.53
N PRO B 206 -5.01 1.70 29.22
CA PRO B 206 -6.30 1.19 28.72
C PRO B 206 -6.57 -0.26 29.06
N TYR B 207 -5.57 -1.05 29.43
CA TYR B 207 -5.76 -2.47 29.71
C TYR B 207 -5.97 -2.75 31.20
N SER B 208 -5.00 -2.40 32.03
CA SER B 208 -5.13 -2.65 33.46
C SER B 208 -6.05 -1.65 34.14
N GLY B 209 -6.02 -0.40 33.70
CA GLY B 209 -6.85 0.64 34.26
C GLY B 209 -6.21 1.43 35.37
N GLU B 210 -5.03 1.05 35.82
CA GLU B 210 -4.39 1.78 36.90
C GLU B 210 -3.72 3.05 36.36
N PRO B 211 -3.54 4.07 37.21
CA PRO B 211 -2.81 5.25 36.77
C PRO B 211 -1.33 4.96 36.54
N PHE B 212 -0.72 5.78 35.69
CA PHE B 212 0.68 5.60 35.32
C PHE B 212 1.23 6.92 34.80
N ALA B 213 2.46 7.23 35.22
CA ALA B 213 3.18 8.42 34.79
C ALA B 213 4.67 8.15 34.98
N VAL B 214 5.47 8.76 34.11
CA VAL B 214 6.90 8.50 34.10
C VAL B 214 7.63 9.46 35.04
N PRO B 215 8.44 8.95 35.96
CA PRO B 215 9.17 9.82 36.90
C PRO B 215 10.32 10.51 36.20
N PRO B 216 10.92 11.54 36.82
CA PRO B 216 12.11 12.16 36.23
C PRO B 216 13.40 11.37 36.43
N ASN B 217 13.34 10.19 37.05
CA ASN B 217 14.52 9.34 37.12
C ASN B 217 14.83 8.71 35.77
N LEU B 218 13.81 8.49 34.94
CA LEU B 218 14.00 7.80 33.67
C LEU B 218 14.63 8.75 32.65
N TYR B 219 15.83 8.41 32.21
CA TYR B 219 16.49 9.09 31.10
C TYR B 219 16.65 8.09 29.98
N ILE B 220 15.90 8.29 28.90
CA ILE B 220 15.95 7.38 27.75
C ILE B 220 17.07 7.82 26.83
N ILE B 221 18.04 6.94 26.61
CA ILE B 221 19.15 7.20 25.73
C ILE B 221 18.99 6.29 24.52
N GLY B 222 18.45 6.83 23.44
CA GLY B 222 18.30 6.08 22.22
C GLY B 222 19.53 6.21 21.32
N THR B 223 19.74 5.17 20.51
CA THR B 223 20.72 5.22 19.44
C THR B 223 19.98 5.10 18.12
N MET B 224 20.48 5.76 17.09
CA MET B 224 19.74 5.87 15.84
C MET B 224 20.73 6.01 14.69
N ASN B 225 20.46 5.30 13.60
CA ASN B 225 21.26 5.41 12.40
C ASN B 225 20.63 6.42 11.45
N THR B 226 21.47 7.23 10.81
CA THR B 226 21.03 8.22 9.82
C THR B 226 21.65 7.98 8.46
N ALA B 227 21.96 6.72 8.13
CA ALA B 227 22.46 6.43 6.80
C ALA B 227 21.33 6.46 5.78
N ASP B 228 20.34 5.58 5.95
CA ASP B 228 19.16 5.57 5.09
C ASP B 228 17.98 6.32 5.69
N ARG B 229 17.56 5.95 6.90
CA ARG B 229 16.51 6.66 7.61
C ARG B 229 17.12 7.94 8.19
N SER B 230 16.92 9.05 7.51
CA SER B 230 17.63 10.28 7.83
C SER B 230 17.07 10.95 9.08
N ILE B 231 17.68 12.07 9.45
CA ILE B 231 17.28 12.81 10.65
C ILE B 231 16.14 13.78 10.36
N ALA B 232 15.65 13.81 9.11
CA ALA B 232 14.47 14.60 8.76
C ALA B 232 13.20 13.76 8.69
N LEU B 233 13.23 12.65 7.95
CA LEU B 233 12.04 11.82 7.75
C LEU B 233 11.94 10.66 8.74
N LEU B 234 12.08 10.96 10.03
CA LEU B 234 11.74 10.01 11.08
C LEU B 234 10.41 10.42 11.70
N ASP B 235 10.00 9.71 12.74
CA ASP B 235 8.75 10.04 13.43
C ASP B 235 8.85 11.40 14.12
N VAL B 236 7.75 12.14 14.07
CA VAL B 236 7.72 13.48 14.64
C VAL B 236 7.62 13.43 16.16
N ALA B 237 7.25 12.28 16.74
CA ALA B 237 7.23 12.14 18.19
C ALA B 237 8.63 12.04 18.78
N LEU B 238 9.63 11.74 17.96
CA LEU B 238 11.02 11.72 18.41
C LEU B 238 11.72 13.05 18.23
N ARG B 239 11.24 13.91 17.33
CA ARG B 239 11.93 15.17 17.09
C ARG B 239 11.57 16.22 18.13
N ARG B 240 10.29 16.30 18.49
CA ARG B 240 9.81 17.32 19.43
C ARG B 240 10.03 16.93 20.88
N ARG B 241 10.57 15.75 21.16
CA ARG B 241 10.66 15.22 22.51
C ARG B 241 12.09 14.90 22.95
N PHE B 242 12.96 14.53 22.01
CA PHE B 242 14.28 14.02 22.33
C PHE B 242 15.34 15.03 21.92
N ALA B 243 16.39 15.13 22.73
CA ALA B 243 17.60 15.82 22.29
C ALA B 243 18.33 14.96 21.26
N PHE B 244 19.21 15.58 20.49
CA PHE B 244 19.90 14.86 19.42
C PHE B 244 21.39 15.21 19.45
N ILE B 245 22.22 14.20 19.64
CA ILE B 245 23.67 14.35 19.61
C ILE B 245 24.21 13.58 18.41
N GLU B 246 24.94 14.27 17.54
CA GLU B 246 25.60 13.60 16.42
C GLU B 246 26.90 12.99 16.91
N VAL B 247 27.01 11.67 16.84
CA VAL B 247 28.28 10.99 17.09
C VAL B 247 29.00 10.96 15.75
N GLU B 248 29.79 12.00 15.50
CA GLU B 248 30.61 12.11 14.31
C GLU B 248 31.66 10.99 14.30
N PRO B 249 32.00 10.45 13.12
CA PRO B 249 33.14 9.53 13.03
C PRO B 249 34.44 10.21 13.47
N ARG B 250 35.21 9.48 14.28
CA ARG B 250 36.46 10.00 14.83
C ARG B 250 37.63 9.25 14.20
N PRO B 251 38.27 9.79 13.16
CA PRO B 251 39.49 9.14 12.65
C PRO B 251 40.68 9.25 13.58
N GLU B 252 40.62 10.12 14.59
CA GLU B 252 41.68 10.22 15.58
C GLU B 252 41.79 8.98 16.45
N PHE B 253 40.74 8.17 16.53
CA PHE B 253 40.81 6.88 17.21
C PHE B 253 41.60 5.85 16.43
N LEU B 254 41.85 6.09 15.14
CA LEU B 254 42.67 5.22 14.32
C LEU B 254 44.13 5.62 14.34
N GLU B 255 44.50 6.63 15.12
CA GLU B 255 45.90 6.95 15.36
C GLU B 255 46.55 5.82 16.14
N LYS B 256 47.85 5.63 15.90
CA LYS B 256 48.57 4.47 16.45
C LYS B 256 48.64 4.51 17.97
N GLU B 257 48.81 5.70 18.54
CA GLU B 257 48.76 5.85 19.98
C GLU B 257 47.36 5.61 20.51
N ASN B 258 46.33 6.11 19.81
CA ASN B 258 44.96 5.86 20.22
C ASN B 258 44.54 4.41 19.97
N LEU B 259 45.04 3.80 18.88
CA LEU B 259 44.75 2.39 18.63
C LEU B 259 45.49 1.49 19.62
N LYS B 260 46.57 1.95 20.22
CA LYS B 260 47.18 1.20 21.31
C LYS B 260 46.49 1.47 22.64
N LYS B 261 45.93 2.67 22.82
CA LYS B 261 45.31 3.01 24.09
C LYS B 261 43.94 2.38 24.26
N ILE B 262 43.07 2.50 23.24
CA ILE B 262 41.69 2.03 23.38
C ILE B 262 41.54 0.53 23.13
N ARG B 263 42.58 -0.14 22.64
CA ARG B 263 42.53 -1.58 22.43
C ARG B 263 43.24 -2.36 23.51
N GLU B 264 44.38 -1.87 23.99
CA GLU B 264 45.09 -2.51 25.11
C GLU B 264 44.64 -1.93 26.44
N LYS B 265 43.32 -1.88 26.63
CA LYS B 265 42.72 -1.54 27.92
C LYS B 265 41.63 -2.58 28.20
N LYS B 266 41.05 -3.11 27.12
CA LYS B 266 40.04 -4.16 27.24
C LYS B 266 40.65 -5.49 27.65
N LEU B 267 41.91 -5.72 27.30
CA LEU B 267 42.59 -6.97 27.62
C LEU B 267 43.31 -6.80 28.96
N LYS B 268 42.72 -7.36 30.03
CA LYS B 268 43.38 -7.38 31.32
C LYS B 268 44.55 -8.38 31.36
N THR B 269 44.56 -9.34 30.45
CA THR B 269 45.68 -10.25 30.31
C THR B 269 46.86 -9.50 29.68
N GLU B 270 48.06 -10.05 29.84
CA GLU B 270 49.29 -9.39 29.40
C GLU B 270 49.69 -9.78 27.98
N ASP B 271 48.71 -10.06 27.11
CA ASP B 271 48.93 -10.14 25.67
C ASP B 271 49.10 -8.76 25.02
N ARG B 272 49.02 -7.68 25.80
CA ARG B 272 49.31 -6.34 25.30
C ARG B 272 50.74 -6.24 24.75
N LYS B 273 51.68 -6.97 25.36
CA LYS B 273 53.04 -7.05 24.84
C LYS B 273 53.08 -7.72 23.48
N ARG B 274 52.19 -8.68 23.23
CA ARG B 274 52.06 -9.24 21.88
C ARG B 274 50.91 -8.59 21.12
N LEU B 275 50.41 -7.45 21.59
CA LEU B 275 49.49 -6.63 20.82
C LEU B 275 50.20 -5.50 20.10
N ASN B 276 50.98 -4.69 20.85
CA ASN B 276 51.76 -3.61 20.26
C ASN B 276 52.80 -4.16 19.29
N GLU B 277 53.34 -5.35 19.58
CA GLU B 277 54.23 -6.06 18.66
C GLU B 277 53.54 -6.34 17.32
N LYS B 278 52.23 -6.55 17.32
CA LYS B 278 51.50 -6.60 16.07
C LYS B 278 51.39 -5.22 15.43
N LEU B 279 51.05 -4.20 16.24
CA LEU B 279 50.82 -2.87 15.68
C LEU B 279 52.12 -2.23 15.22
N ASN B 280 53.22 -2.50 15.92
CA ASN B 280 54.53 -2.10 15.44
C ASN B 280 54.88 -2.78 14.12
N GLU B 281 54.39 -4.00 13.91
CA GLU B 281 54.53 -4.64 12.61
C GLU B 281 53.54 -4.04 11.61
N LEU B 282 52.41 -3.52 12.09
CA LEU B 282 51.39 -3.00 11.18
C LEU B 282 51.80 -1.66 10.60
N PHE B 283 52.20 -0.71 11.45
CA PHE B 283 52.52 0.63 10.98
C PHE B 283 53.92 0.74 10.40
N SER B 284 54.76 -0.28 10.53
CA SER B 284 56.03 -0.27 9.81
C SER B 284 55.81 -0.58 8.34
N LYS B 285 54.75 -1.32 8.01
CA LYS B 285 54.40 -1.59 6.62
C LYS B 285 53.71 -0.42 5.94
N LEU B 286 53.24 0.56 6.70
CA LEU B 286 52.57 1.74 6.16
C LEU B 286 53.52 2.92 6.02
N GLY B 287 54.83 2.68 5.99
CA GLY B 287 55.79 3.74 5.82
C GLY B 287 56.08 4.55 7.07
N ASN B 288 55.89 3.95 8.25
CA ASN B 288 56.08 4.59 9.57
C ASN B 288 55.24 5.85 9.72
N ASP B 289 54.01 5.80 9.21
CA ASP B 289 53.06 6.91 9.32
C ASP B 289 52.02 6.51 10.36
N ASN B 290 52.05 7.17 11.52
CA ASN B 290 51.10 6.87 12.57
C ASN B 290 49.72 7.45 12.27
N TYR B 291 49.62 8.39 11.34
CA TYR B 291 48.34 8.94 10.90
C TYR B 291 47.86 8.30 9.60
N PHE B 292 48.16 7.03 9.39
CA PHE B 292 47.80 6.38 8.12
C PHE B 292 46.30 6.11 8.05
N LEU B 293 45.78 5.35 9.02
CA LEU B 293 44.35 5.05 9.03
C LEU B 293 43.52 6.27 9.39
N LYS B 294 44.09 7.20 10.15
CA LYS B 294 43.40 8.45 10.48
C LYS B 294 43.17 9.28 9.21
N THR B 295 44.22 9.56 8.45
CA THR B 295 44.06 10.31 7.22
C THR B 295 43.31 9.52 6.16
N LEU B 296 43.39 8.19 6.20
CA LEU B 296 42.64 7.34 5.28
C LEU B 296 41.13 7.50 5.50
N LEU B 297 40.66 7.26 6.73
CA LEU B 297 39.24 7.42 7.03
C LEU B 297 38.79 8.87 6.91
N GLU B 298 39.66 9.83 7.25
CA GLU B 298 39.31 11.24 7.17
C GLU B 298 39.12 11.68 5.72
N LYS B 299 40.05 11.33 4.83
CA LYS B 299 39.94 11.73 3.44
C LYS B 299 38.82 10.97 2.72
N ILE B 300 38.59 9.71 3.10
CA ILE B 300 37.48 8.96 2.52
C ILE B 300 36.14 9.55 2.94
N ASN B 301 36.01 9.95 4.21
CA ASN B 301 34.78 10.56 4.67
C ASN B 301 34.59 11.97 4.11
N VAL B 302 35.69 12.68 3.84
CA VAL B 302 35.59 13.99 3.20
C VAL B 302 35.12 13.84 1.76
N ARG B 303 35.70 12.89 1.02
CA ARG B 303 35.29 12.69 -0.37
C ARG B 303 33.91 12.06 -0.49
N ILE B 304 33.44 11.38 0.55
CA ILE B 304 32.05 10.91 0.58
C ILE B 304 31.11 12.06 0.91
N THR B 305 31.55 12.97 1.78
CA THR B 305 30.74 14.13 2.19
C THR B 305 30.45 15.07 1.02
N VAL B 306 31.42 15.23 0.11
CA VAL B 306 31.29 16.22 -0.95
C VAL B 306 30.59 15.65 -2.17
N VAL B 307 30.04 14.44 -2.05
CA VAL B 307 29.25 13.86 -3.12
C VAL B 307 27.85 13.53 -2.61
N LYS B 308 27.76 12.64 -1.62
CA LYS B 308 26.46 12.10 -1.21
C LYS B 308 25.85 12.94 -0.10
N ASP B 309 26.47 12.93 1.07
CA ASP B 309 26.16 13.75 2.26
C ASP B 309 27.18 13.37 3.32
N ARG B 310 27.12 14.09 4.45
CA ARG B 310 27.93 13.74 5.60
C ARG B 310 27.34 12.60 6.41
N ASP B 311 26.07 12.26 6.18
CA ASP B 311 25.41 11.20 6.93
C ASP B 311 25.75 9.81 6.44
N HIS B 312 26.31 9.68 5.24
CA HIS B 312 26.71 8.39 4.69
C HIS B 312 28.21 8.14 4.82
N ARG B 313 28.84 8.71 5.84
CA ARG B 313 30.27 8.53 6.01
C ARG B 313 30.58 7.17 6.62
N ILE B 314 31.82 6.74 6.46
CA ILE B 314 32.26 5.48 7.04
C ILE B 314 32.59 5.69 8.51
N GLY B 315 32.02 4.87 9.37
CA GLY B 315 32.35 4.91 10.78
C GLY B 315 33.76 4.40 11.05
N HIS B 316 34.21 4.60 12.28
CA HIS B 316 35.59 4.27 12.61
C HIS B 316 35.74 2.86 13.18
N SER B 317 34.67 2.19 13.55
CA SER B 317 34.81 0.85 14.11
C SER B 317 34.99 -0.23 13.06
N TYR B 318 34.98 0.14 11.77
CA TYR B 318 35.44 -0.77 10.74
C TYR B 318 36.93 -1.07 10.91
N PHE B 319 37.71 -0.05 11.24
CA PHE B 319 39.16 -0.15 11.31
C PHE B 319 39.70 -0.18 12.73
N LEU B 320 38.84 -0.40 13.73
CA LEU B 320 39.31 -0.38 15.11
C LEU B 320 39.99 -1.66 15.55
N ASN B 321 39.71 -2.78 14.87
CA ASN B 321 40.33 -4.05 15.22
C ASN B 321 41.44 -4.45 14.25
N VAL B 322 42.01 -3.49 13.55
CA VAL B 322 43.12 -3.76 12.63
C VAL B 322 44.41 -3.90 13.43
N GLU B 323 45.05 -5.06 13.31
CA GLU B 323 46.38 -5.29 13.86
C GLU B 323 47.36 -5.81 12.83
N THR B 324 46.89 -6.14 11.62
CA THR B 324 47.73 -6.74 10.59
C THR B 324 47.32 -6.13 9.26
N VAL B 325 48.26 -6.08 8.31
CA VAL B 325 47.95 -5.70 6.93
C VAL B 325 47.00 -6.71 6.29
N GLU B 326 47.07 -7.99 6.70
CA GLU B 326 46.07 -8.97 6.29
C GLU B 326 44.69 -8.63 6.82
N ASP B 327 44.60 -8.24 8.09
CA ASP B 327 43.31 -7.83 8.66
C ASP B 327 42.81 -6.54 8.03
N LEU B 328 43.73 -5.64 7.67
CA LEU B 328 43.35 -4.40 7.01
C LEU B 328 42.83 -4.67 5.61
N HIS B 329 43.44 -5.64 4.91
CA HIS B 329 42.97 -6.04 3.59
C HIS B 329 41.61 -6.71 3.68
N HIS B 330 41.38 -7.48 4.74
CA HIS B 330 40.08 -8.11 4.95
C HIS B 330 38.99 -7.06 5.18
N VAL B 331 39.28 -6.10 6.07
CA VAL B 331 38.34 -5.01 6.35
C VAL B 331 38.06 -4.20 5.08
N TRP B 332 39.11 -3.94 4.30
CA TRP B 332 38.97 -3.11 3.10
C TRP B 332 38.16 -3.81 2.02
N TYR B 333 38.51 -5.04 1.68
CA TYR B 333 37.89 -5.71 0.56
C TYR B 333 36.60 -6.45 0.92
N TYR B 334 36.24 -6.58 2.20
CA TYR B 334 35.00 -7.24 2.55
C TYR B 334 34.13 -6.44 3.49
N GLU B 335 34.50 -5.22 3.83
CA GLU B 335 33.62 -4.45 4.71
C GLU B 335 33.32 -3.06 4.19
N VAL B 336 34.27 -2.38 3.55
CA VAL B 336 34.07 -1.00 3.14
C VAL B 336 34.01 -0.83 1.62
N LEU B 337 34.79 -1.59 0.83
CA LEU B 337 34.59 -1.54 -0.62
C LEU B 337 33.26 -2.09 -1.09
N PRO B 338 32.69 -3.16 -0.51
CA PRO B 338 31.27 -3.44 -0.83
C PRO B 338 30.33 -2.33 -0.37
N LEU B 339 30.66 -1.62 0.71
CA LEU B 339 29.82 -0.51 1.14
C LEU B 339 29.92 0.66 0.18
N LEU B 340 31.12 0.97 -0.33
CA LEU B 340 31.25 2.00 -1.34
C LEU B 340 30.62 1.59 -2.67
N MET B 341 30.66 0.31 -2.99
CA MET B 341 29.98 -0.14 -4.21
C MET B 341 28.46 -0.17 -4.05
N GLU B 342 27.96 -0.28 -2.82
CA GLU B 342 26.53 -0.19 -2.59
C GLU B 342 26.04 1.25 -2.47
N TYR B 343 26.91 2.16 -2.03
CA TYR B 343 26.58 3.58 -2.04
C TYR B 343 26.43 4.08 -3.48
N PHE B 344 27.50 3.95 -4.26
CA PHE B 344 27.53 4.44 -5.63
C PHE B 344 27.39 3.23 -6.55
N TYR B 345 26.17 2.72 -6.63
CA TYR B 345 25.91 1.53 -7.44
C TYR B 345 25.96 1.87 -8.92
N ASN B 346 26.91 1.26 -9.63
CA ASN B 346 27.08 1.37 -11.09
C ASN B 346 27.34 2.82 -11.52
N ASP B 347 27.87 3.64 -10.63
CA ASP B 347 28.29 5.00 -10.94
C ASP B 347 29.79 4.98 -10.71
N TRP B 348 30.53 4.59 -11.75
CA TRP B 348 31.91 4.17 -11.60
C TRP B 348 32.86 5.34 -11.42
N GLU B 349 32.56 6.48 -12.05
CA GLU B 349 33.43 7.64 -11.94
C GLU B 349 33.43 8.21 -10.53
N THR B 350 32.31 8.13 -9.83
CA THR B 350 32.23 8.68 -8.47
C THR B 350 33.01 7.83 -7.48
N ILE B 351 32.84 6.51 -7.53
CA ILE B 351 33.56 5.64 -6.60
C ILE B 351 35.04 5.59 -6.97
N LYS B 352 35.37 5.79 -8.25
CA LYS B 352 36.77 5.94 -8.64
C LYS B 352 37.34 7.26 -8.13
N TRP B 353 36.50 8.29 -8.02
CA TRP B 353 36.96 9.58 -7.51
C TRP B 353 37.08 9.58 -5.98
N VAL B 354 36.28 8.76 -5.29
CA VAL B 354 36.38 8.68 -3.83
C VAL B 354 37.71 8.04 -3.42
N LEU B 355 38.23 7.12 -4.23
CA LEU B 355 39.56 6.57 -4.02
C LEU B 355 40.64 7.41 -4.71
N ASN B 356 40.26 8.57 -5.28
CA ASN B 356 41.06 9.50 -6.10
C ASN B 356 42.01 8.79 -7.06
N GLU B 357 41.48 7.79 -7.76
CA GLU B 357 42.17 7.13 -8.85
C GLU B 357 41.51 7.44 -10.19
N LYS B 358 40.97 8.65 -10.32
CA LYS B 358 40.19 9.04 -11.49
C LYS B 358 41.03 9.09 -12.76
N GLY B 359 42.30 9.44 -12.64
CA GLY B 359 43.22 9.40 -13.75
C GLY B 359 43.96 8.09 -13.91
N LYS B 360 43.66 7.10 -13.08
CA LYS B 360 44.29 5.79 -13.16
C LYS B 360 43.29 4.76 -13.65
N GLU B 361 43.75 3.86 -14.52
CA GLU B 361 42.90 2.82 -15.07
C GLU B 361 43.46 1.41 -14.93
N HIS B 362 44.77 1.25 -14.78
CA HIS B 362 45.38 -0.07 -14.67
C HIS B 362 46.47 0.00 -13.60
N GLY B 363 47.26 -1.06 -13.49
CA GLY B 363 48.36 -1.08 -12.54
C GLY B 363 47.89 -1.49 -11.17
N ASN B 364 48.35 -0.75 -10.15
CA ASN B 364 47.95 -1.00 -8.76
C ASN B 364 46.70 -0.20 -8.40
N VAL B 365 45.66 -0.34 -9.21
CA VAL B 365 44.43 0.41 -9.06
C VAL B 365 43.38 -0.49 -8.42
N PHE B 366 42.44 0.12 -7.70
CA PHE B 366 41.39 -0.66 -7.05
C PHE B 366 40.33 -1.14 -8.04
N PHE B 367 40.06 -0.35 -9.08
CA PHE B 367 39.12 -0.73 -10.12
C PHE B 367 39.81 -0.61 -11.47
N GLU B 368 40.09 -1.76 -12.09
CA GLU B 368 40.74 -1.79 -13.38
C GLU B 368 39.71 -1.65 -14.50
N LYS B 369 40.03 -0.82 -15.49
CA LYS B 369 39.09 -0.57 -16.57
C LYS B 369 39.04 -1.74 -17.53
N LEU B 370 37.84 -2.19 -17.84
CA LEU B 370 37.65 -3.16 -18.91
C LEU B 370 37.98 -2.52 -20.25
N ARG B 371 38.65 -3.27 -21.12
CA ARG B 371 39.30 -2.71 -22.29
C ARG B 371 38.35 -2.53 -23.48
N LEU B 372 37.05 -2.46 -23.27
CA LEU B 372 36.10 -2.21 -24.35
C LEU B 372 35.06 -1.21 -23.88
N THR B 373 34.27 -0.71 -24.83
CA THR B 373 33.33 0.37 -24.58
C THR B 373 32.02 0.04 -25.29
N GLY B 374 30.90 0.24 -24.59
CA GLY B 374 29.61 -0.19 -25.07
C GLY B 374 29.12 0.63 -26.25
N PRO B 375 27.93 0.27 -26.75
CA PRO B 375 27.44 0.89 -27.99
C PRO B 375 26.98 2.33 -27.81
N ASN B 376 26.57 2.72 -26.60
CA ASN B 376 26.22 4.11 -26.32
C ASN B 376 27.39 4.90 -25.75
N GLY B 377 28.60 4.35 -25.82
CA GLY B 377 29.78 5.05 -25.37
C GLY B 377 30.09 4.94 -23.90
N GLU B 378 29.25 4.24 -23.13
CA GLU B 378 29.50 4.13 -21.70
C GLU B 378 30.54 3.05 -21.42
N GLU B 379 31.06 3.09 -20.20
CA GLU B 379 32.18 2.24 -19.81
C GLU B 379 31.90 1.67 -18.42
N ALA B 380 32.68 0.64 -18.06
CA ALA B 380 32.55 0.01 -16.76
C ALA B 380 33.88 -0.59 -16.37
N TYR B 381 34.13 -0.65 -15.07
CA TYR B 381 35.38 -1.15 -14.52
C TYR B 381 35.10 -2.48 -13.80
N GLN B 382 36.16 -3.05 -13.23
CA GLN B 382 36.05 -4.27 -12.45
C GLN B 382 36.90 -4.14 -11.20
N LEU B 383 36.47 -4.84 -10.14
CA LEU B 383 37.19 -4.80 -8.88
C LEU B 383 38.45 -5.66 -8.98
N LYS B 384 39.54 -5.12 -8.45
CA LYS B 384 40.84 -5.79 -8.49
C LYS B 384 41.32 -6.02 -7.07
N VAL B 385 41.47 -7.28 -6.68
CA VAL B 385 41.89 -7.63 -5.32
C VAL B 385 43.40 -7.47 -5.25
N LEU B 386 43.85 -6.30 -4.81
CA LEU B 386 45.27 -6.04 -4.61
C LEU B 386 45.70 -6.55 -3.24
N GLU B 387 46.77 -7.34 -3.22
CA GLU B 387 47.34 -7.84 -1.98
C GLU B 387 48.83 -7.53 -1.95
N GLY B 388 49.38 -7.48 -0.74
CA GLY B 388 50.80 -7.22 -0.56
C GLY B 388 51.15 -5.75 -0.56
N ASP B 389 52.31 -5.41 -1.13
CA ASP B 389 52.75 -4.02 -1.15
C ASP B 389 51.98 -3.17 -2.14
N ALA B 390 51.34 -3.79 -3.13
CA ALA B 390 50.53 -3.03 -4.08
C ALA B 390 49.26 -2.50 -3.42
N PHE B 391 48.73 -3.23 -2.45
CA PHE B 391 47.55 -2.75 -1.72
C PHE B 391 47.88 -1.55 -0.85
N ILE B 392 49.01 -1.58 -0.15
CA ILE B 392 49.44 -0.45 0.66
C ILE B 392 49.84 0.72 -0.23
N GLY B 393 50.41 0.43 -1.41
CA GLY B 393 50.71 1.49 -2.37
C GLY B 393 49.47 2.14 -2.95
N ALA B 394 48.39 1.36 -3.13
CA ALA B 394 47.13 1.93 -3.59
C ALA B 394 46.45 2.74 -2.49
N LEU B 395 46.62 2.32 -1.23
CA LEU B 395 46.06 3.10 -0.13
C LEU B 395 46.88 4.36 0.16
N LYS B 396 48.17 4.35 -0.16
CA LYS B 396 49.03 5.50 0.13
C LYS B 396 48.72 6.68 -0.79
N ARG B 397 48.17 6.43 -1.97
CA ARG B 397 47.84 7.51 -2.88
C ARG B 397 46.48 8.13 -2.60
N ILE B 398 45.65 7.48 -1.78
CA ILE B 398 44.41 8.12 -1.34
C ILE B 398 44.71 9.29 -0.41
N ILE B 399 45.75 9.15 0.41
CA ILE B 399 46.19 10.23 1.29
C ILE B 399 46.92 11.31 0.48
N LYS C 10 41.38 -24.48 -1.64
CA LYS C 10 40.38 -24.00 -0.70
C LYS C 10 40.67 -22.58 -0.26
N GLU C 11 40.50 -21.62 -1.18
CA GLU C 11 40.71 -20.21 -0.90
C GLU C 11 39.43 -19.49 -0.52
N ASP C 12 38.34 -19.72 -1.25
CA ASP C 12 37.04 -19.20 -0.85
C ASP C 12 36.57 -19.84 0.46
N TYR C 13 36.87 -21.13 0.62
CA TYR C 13 36.69 -21.83 1.90
C TYR C 13 37.47 -21.13 3.01
N PHE C 14 38.71 -20.70 2.72
CA PHE C 14 39.53 -20.09 3.75
C PHE C 14 39.05 -18.69 4.09
N ARG C 15 38.53 -17.94 3.11
CA ARG C 15 38.05 -16.60 3.44
C ARG C 15 36.69 -16.65 4.14
N VAL C 16 35.87 -17.66 3.86
CA VAL C 16 34.65 -17.85 4.64
C VAL C 16 35.00 -18.30 6.06
N ASP C 17 36.04 -19.13 6.19
CA ASP C 17 36.48 -19.57 7.52
C ASP C 17 37.10 -18.42 8.32
N MET C 18 37.76 -17.48 7.64
CA MET C 18 38.41 -16.39 8.33
C MET C 18 37.41 -15.29 8.70
N LEU C 19 36.56 -14.88 7.76
CA LEU C 19 35.63 -13.81 8.02
C LEU C 19 34.46 -14.22 8.90
N LEU C 20 34.25 -15.52 9.11
CA LEU C 20 33.33 -15.96 10.15
C LEU C 20 33.95 -15.84 11.53
N ASN C 21 35.26 -16.02 11.64
CA ASN C 21 35.95 -15.92 12.91
C ASN C 21 36.40 -14.51 13.22
N LYS C 22 36.07 -13.55 12.37
CA LYS C 22 36.39 -12.14 12.59
C LYS C 22 35.16 -11.28 12.75
N LYS C 23 34.22 -11.35 11.81
CA LYS C 23 32.99 -10.58 11.89
C LYS C 23 31.87 -11.32 12.59
N GLY C 24 31.97 -12.64 12.74
CA GLY C 24 30.92 -13.44 13.31
C GLY C 24 29.93 -13.98 12.30
N GLN C 25 29.67 -13.23 11.23
CA GLN C 25 28.70 -13.63 10.23
C GLN C 25 29.07 -13.02 8.88
N VAL C 26 28.80 -13.78 7.81
CA VAL C 26 29.15 -13.39 6.46
C VAL C 26 27.91 -13.43 5.58
N ILE C 27 28.00 -12.71 4.47
CA ILE C 27 27.00 -12.74 3.41
C ILE C 27 27.74 -12.99 2.11
N LEU C 28 27.38 -14.06 1.41
CA LEU C 28 27.98 -14.41 0.13
C LEU C 28 27.12 -13.79 -0.96
N TYR C 29 27.56 -12.67 -1.51
CA TYR C 29 26.80 -11.98 -2.53
C TYR C 29 27.45 -12.15 -3.89
N GLY C 30 26.68 -11.84 -4.93
CA GLY C 30 27.14 -11.97 -6.29
C GLY C 30 25.97 -12.12 -7.25
N PRO C 31 26.26 -12.32 -8.53
CA PRO C 31 25.20 -12.56 -9.50
C PRO C 31 24.66 -13.97 -9.38
N PRO C 32 23.47 -14.23 -9.92
CA PRO C 32 22.94 -15.62 -9.88
C PRO C 32 23.75 -16.54 -10.78
N GLY C 33 24.05 -17.72 -10.27
CA GLY C 33 24.82 -18.71 -11.00
C GLY C 33 26.20 -18.97 -10.44
N THR C 34 26.65 -18.17 -9.50
CA THR C 34 27.95 -18.39 -8.90
C THR C 34 27.80 -19.36 -7.72
N GLY C 35 28.89 -19.69 -7.07
CA GLY C 35 28.83 -20.68 -6.00
C GLY C 35 28.62 -20.12 -4.61
N LYS C 36 27.43 -19.61 -4.30
CA LYS C 36 27.16 -19.10 -2.96
C LYS C 36 26.55 -20.16 -2.05
N THR C 37 25.39 -20.68 -2.45
CA THR C 37 24.73 -21.77 -1.71
C THR C 37 25.61 -23.01 -1.67
N TRP C 38 26.33 -23.27 -2.78
CA TRP C 38 27.21 -24.43 -2.85
C TRP C 38 28.37 -24.31 -1.85
N ILE C 39 29.04 -23.16 -1.81
CA ILE C 39 30.17 -23.04 -0.90
C ILE C 39 29.69 -22.90 0.54
N ALA C 40 28.47 -22.39 0.75
CA ALA C 40 27.94 -22.30 2.11
C ALA C 40 27.61 -23.67 2.66
N ARG C 41 26.83 -24.45 1.90
CA ARG C 41 26.46 -25.80 2.33
C ARG C 41 27.69 -26.70 2.41
N LYS C 42 28.65 -26.54 1.49
CA LYS C 42 29.85 -27.37 1.50
C LYS C 42 30.76 -27.03 2.67
N TYR C 43 30.91 -25.74 2.97
CA TYR C 43 31.72 -25.33 4.12
C TYR C 43 31.10 -25.79 5.42
N VAL C 44 29.77 -25.77 5.52
CA VAL C 44 29.15 -26.14 6.78
C VAL C 44 29.13 -27.67 6.95
N VAL C 45 28.91 -28.44 5.89
CA VAL C 45 29.02 -29.88 6.03
C VAL C 45 30.46 -30.37 6.10
N GLU C 46 31.43 -29.52 5.78
CA GLU C 46 32.83 -29.89 5.99
C GLU C 46 33.39 -29.38 7.30
N GLU C 47 32.70 -28.47 7.98
CA GLU C 47 33.11 -28.07 9.33
C GLU C 47 32.39 -28.87 10.41
N THR C 48 31.07 -29.01 10.30
CA THR C 48 30.31 -29.75 11.29
C THR C 48 30.47 -31.26 11.16
N ASN C 49 30.97 -31.73 10.01
CA ASN C 49 31.03 -33.16 9.64
C ASN C 49 29.65 -33.82 9.73
N GLU C 50 28.63 -33.09 9.29
CA GLU C 50 27.26 -33.56 9.34
C GLU C 50 26.57 -33.16 8.04
N LYS C 51 26.14 -34.15 7.27
CA LYS C 51 25.66 -33.90 5.92
C LYS C 51 24.25 -33.31 5.88
N THR C 52 23.45 -33.55 6.92
CA THR C 52 22.08 -33.06 6.90
C THR C 52 21.88 -31.97 7.95
N PRO C 53 20.93 -31.07 7.74
CA PRO C 53 20.56 -30.14 8.81
C PRO C 53 19.92 -30.87 9.98
N GLY C 54 19.98 -30.23 11.14
CA GLY C 54 19.64 -30.92 12.36
C GLY C 54 20.10 -30.17 13.59
N ASN C 55 20.85 -30.86 14.46
CA ASN C 55 21.31 -30.24 15.69
C ASN C 55 22.36 -29.16 15.41
N LYS C 56 23.48 -29.54 14.78
CA LYS C 56 24.64 -28.65 14.75
C LYS C 56 24.53 -27.56 13.70
N TRP C 57 23.67 -27.68 12.71
CA TRP C 57 23.51 -26.61 11.74
C TRP C 57 22.11 -26.63 11.13
N GLU C 58 21.66 -25.45 10.73
CA GLU C 58 20.34 -25.28 10.14
C GLU C 58 20.45 -24.55 8.81
N PHE C 59 19.53 -24.86 7.91
CA PHE C 59 19.40 -24.20 6.62
C PHE C 59 18.01 -23.61 6.53
N ILE C 60 17.92 -22.30 6.39
CA ILE C 60 16.65 -21.61 6.19
C ILE C 60 16.75 -20.75 4.94
N THR C 61 15.59 -20.25 4.49
CA THR C 61 15.53 -19.38 3.32
C THR C 61 14.56 -18.25 3.62
N PHE C 62 15.03 -17.01 3.48
CA PHE C 62 14.18 -15.86 3.73
C PHE C 62 13.25 -15.60 2.56
N HIS C 63 12.09 -15.02 2.87
CA HIS C 63 11.15 -14.54 1.86
C HIS C 63 10.30 -13.45 2.50
N GLN C 64 9.37 -12.91 1.72
CA GLN C 64 8.52 -11.84 2.25
C GLN C 64 7.45 -12.35 3.20
N SER C 65 7.20 -13.65 3.26
CA SER C 65 6.32 -14.25 4.25
C SER C 65 7.08 -14.77 5.46
N TYR C 66 8.25 -14.20 5.73
CA TYR C 66 9.09 -14.59 6.86
C TYR C 66 9.11 -13.40 7.81
N SER C 67 8.80 -13.64 9.09
CA SER C 67 8.67 -12.54 10.03
C SER C 67 9.56 -12.78 11.24
N TYR C 68 9.48 -11.84 12.19
CA TYR C 68 10.22 -11.94 13.43
C TYR C 68 9.70 -13.08 14.30
N GLU C 69 8.41 -13.41 14.17
CA GLU C 69 7.79 -14.38 15.07
C GLU C 69 8.23 -15.80 14.75
N GLU C 70 8.51 -16.09 13.49
CA GLU C 70 9.01 -17.40 13.10
C GLU C 70 10.53 -17.50 13.18
N PHE C 71 11.23 -16.37 13.35
CA PHE C 71 12.69 -16.36 13.39
C PHE C 71 13.25 -16.32 14.80
N ILE C 72 12.72 -15.48 15.68
CA ILE C 72 13.25 -15.42 17.04
C ILE C 72 12.22 -15.97 18.03
N GLU C 73 11.08 -15.31 18.17
CA GLU C 73 10.06 -15.79 19.09
C GLU C 73 8.72 -15.16 18.73
N GLY C 74 7.64 -15.88 19.06
CA GLY C 74 6.31 -15.36 18.83
C GLY C 74 5.27 -16.22 19.52
N PHE C 75 4.10 -15.62 19.73
CA PHE C 75 3.01 -16.32 20.40
C PHE C 75 2.37 -17.32 19.46
N ARG C 76 1.98 -18.48 20.01
CA ARG C 76 1.30 -19.51 19.25
C ARG C 76 0.26 -20.16 20.15
N PRO C 77 -0.97 -20.33 19.67
CA PRO C 77 -1.93 -21.17 20.41
C PRO C 77 -1.64 -22.64 20.20
N ARG C 78 -1.10 -23.29 21.23
CA ARG C 78 -0.75 -24.70 21.14
C ARG C 78 -1.74 -25.55 21.93
N ILE C 85 -7.33 -22.74 24.46
CA ILE C 85 -5.90 -22.89 24.74
C ILE C 85 -5.29 -21.54 25.07
N ARG C 86 -4.05 -21.56 25.57
CA ARG C 86 -3.33 -20.35 25.94
C ARG C 86 -2.25 -20.05 24.91
N TYR C 87 -1.48 -18.99 25.17
CA TYR C 87 -0.44 -18.54 24.27
C TYR C 87 0.92 -19.06 24.75
N VAL C 88 1.46 -20.04 24.03
CA VAL C 88 2.81 -20.52 24.26
C VAL C 88 3.76 -19.65 23.45
N VAL C 89 4.80 -19.12 24.10
CA VAL C 89 5.77 -18.31 23.40
C VAL C 89 6.73 -19.24 22.68
N GLU C 90 6.42 -19.57 21.43
CA GLU C 90 7.25 -20.48 20.66
C GLU C 90 8.48 -19.75 20.14
N ASP C 91 9.64 -20.35 20.37
CA ASP C 91 10.88 -19.80 19.85
C ASP C 91 10.98 -20.05 18.35
N GLY C 92 11.61 -19.10 17.65
CA GLY C 92 11.88 -19.26 16.24
C GLY C 92 13.09 -20.15 16.02
N ILE C 93 13.59 -20.12 14.77
CA ILE C 93 14.70 -21.00 14.45
C ILE C 93 16.02 -20.43 14.97
N PHE C 94 16.17 -19.11 15.01
CA PHE C 94 17.42 -18.53 15.49
C PHE C 94 17.57 -18.69 16.99
N LYS C 95 16.47 -18.51 17.74
CA LYS C 95 16.54 -18.68 19.18
C LYS C 95 16.81 -20.13 19.55
N LYS C 96 16.25 -21.08 18.79
CA LYS C 96 16.51 -22.49 19.07
C LYS C 96 17.93 -22.89 18.72
N ILE C 97 18.47 -22.37 17.60
CA ILE C 97 19.84 -22.74 17.27
C ILE C 97 20.85 -22.00 18.15
N ALA C 98 20.52 -20.80 18.62
CA ALA C 98 21.42 -20.08 19.52
C ALA C 98 21.41 -20.71 20.92
N LEU C 99 20.24 -21.17 21.37
CA LEU C 99 20.19 -21.87 22.65
C LEU C 99 20.85 -23.23 22.56
N ARG C 100 20.73 -23.92 21.41
CA ARG C 100 21.43 -25.18 21.22
C ARG C 100 22.95 -24.97 21.20
N ALA C 101 23.41 -23.88 20.56
CA ALA C 101 24.82 -23.57 20.54
C ALA C 101 25.35 -23.23 21.93
N LEU C 102 24.56 -22.48 22.70
CA LEU C 102 25.00 -22.10 24.05
C LEU C 102 25.01 -23.30 24.99
N VAL C 103 24.01 -24.18 24.88
CA VAL C 103 23.95 -25.35 25.76
C VAL C 103 25.02 -26.37 25.39
N LYS C 104 25.27 -26.57 24.09
CA LYS C 104 26.35 -27.45 23.66
C LYS C 104 27.72 -26.86 23.99
N GLY C 105 27.84 -25.54 24.06
CA GLY C 105 29.08 -24.94 24.53
C GLY C 105 29.26 -25.07 26.01
N LEU C 106 28.18 -25.03 26.78
CA LEU C 106 28.26 -25.26 28.22
C LEU C 106 28.38 -26.73 28.59
N PHE C 107 28.19 -27.63 27.62
CA PHE C 107 28.60 -29.02 27.82
C PHE C 107 30.10 -29.13 28.03
N GLU C 108 30.87 -28.69 27.02
CA GLU C 108 32.33 -28.81 27.06
C GLU C 108 32.98 -27.80 27.99
N LEU C 109 32.26 -26.78 28.45
CA LEU C 109 32.81 -25.81 29.38
C LEU C 109 32.80 -26.41 30.78
N GLU C 110 33.97 -26.82 31.25
CA GLU C 110 34.10 -27.42 32.58
C GLU C 110 34.05 -26.33 33.63
N ASP C 111 33.01 -26.34 34.45
CA ASP C 111 32.87 -25.39 35.55
C ASP C 111 31.96 -26.02 36.59
N ALA C 112 32.24 -25.72 37.86
CA ALA C 112 31.45 -26.28 38.94
C ALA C 112 30.07 -25.62 39.04
N THR C 113 29.96 -24.37 38.58
CA THR C 113 28.67 -23.68 38.62
C THR C 113 27.71 -24.18 37.55
N ILE C 114 28.24 -24.68 36.42
CA ILE C 114 27.40 -25.21 35.36
C ILE C 114 26.89 -26.58 35.80
N GLY C 115 25.60 -26.66 36.12
CA GLY C 115 25.02 -27.94 36.46
C GLY C 115 24.75 -28.75 35.21
N LYS C 116 25.55 -29.78 34.98
CA LYS C 116 25.48 -30.53 33.72
C LYS C 116 24.26 -31.45 33.66
N ASP C 117 23.58 -31.68 34.78
CA ASP C 117 22.35 -32.47 34.74
C ASP C 117 21.19 -31.64 34.20
N LYS C 118 21.11 -30.36 34.57
CA LYS C 118 20.07 -29.49 34.04
C LYS C 118 20.39 -29.03 32.63
N ILE C 119 21.68 -28.85 32.31
CA ILE C 119 22.08 -28.42 30.97
C ILE C 119 21.80 -29.54 29.96
N HIS C 120 22.01 -30.79 30.35
CA HIS C 120 21.68 -31.90 29.46
C HIS C 120 20.17 -32.05 29.29
N ARG C 121 19.40 -31.78 30.33
CA ARG C 121 17.94 -31.80 30.20
C ARG C 121 17.45 -30.69 29.28
N LEU C 122 18.10 -29.52 29.34
CA LEU C 122 17.79 -28.46 28.41
C LEU C 122 18.20 -28.81 26.98
N TYR C 123 19.28 -29.58 26.82
CA TYR C 123 19.65 -30.02 25.48
C TYR C 123 18.68 -31.06 24.93
N ILE C 124 18.13 -31.92 25.79
CA ILE C 124 17.10 -32.85 25.32
C ILE C 124 15.82 -32.10 25.00
N LEU C 125 15.50 -31.05 25.76
CA LEU C 125 14.29 -30.27 25.46
C LEU C 125 14.46 -29.41 24.20
N LEU C 126 15.69 -29.04 23.87
CA LEU C 126 15.93 -28.26 22.65
C LEU C 126 16.07 -29.15 21.43
N THR C 127 16.66 -30.34 21.60
CA THR C 127 16.88 -31.27 20.50
C THR C 127 15.57 -31.92 20.06
N LYS C 128 14.58 -31.98 20.96
CA LYS C 128 13.31 -32.68 20.76
C LYS C 128 12.50 -32.13 19.59
N LYS C 129 12.39 -32.93 18.53
CA LYS C 129 11.67 -32.53 17.33
C LYS C 129 10.15 -32.55 17.51
N GLU C 130 9.66 -33.25 18.53
CA GLU C 130 8.24 -33.23 18.83
C GLU C 130 7.84 -31.88 19.44
N PRO C 131 6.58 -31.47 19.26
CA PRO C 131 6.10 -30.28 19.97
C PRO C 131 6.05 -30.52 21.47
N LEU C 132 6.43 -29.49 22.23
CA LEU C 132 6.60 -29.63 23.67
C LEU C 132 5.25 -29.72 24.37
N SER C 133 5.13 -30.71 25.24
CA SER C 133 3.94 -30.85 26.07
C SER C 133 3.87 -29.71 27.09
N PRO C 134 2.66 -29.36 27.55
CA PRO C 134 2.56 -28.30 28.57
C PRO C 134 3.16 -28.67 29.92
N THR C 135 3.38 -29.94 30.19
CA THR C 135 4.18 -30.34 31.35
C THR C 135 5.67 -30.11 31.11
N GLU C 136 6.10 -30.11 29.86
CA GLU C 136 7.51 -29.89 29.52
C GLU C 136 7.80 -28.46 29.10
N TYR C 137 6.80 -27.68 28.74
CA TYR C 137 7.04 -26.28 28.37
C TYR C 137 7.41 -25.44 29.58
N GLU C 138 6.83 -25.74 30.74
CA GLU C 138 7.20 -25.05 31.96
C GLU C 138 8.63 -25.43 32.39
N GLU C 139 9.00 -26.69 32.16
CA GLU C 139 10.39 -27.12 32.40
C GLU C 139 11.34 -26.42 31.44
N TYR C 140 10.91 -26.21 30.19
CA TYR C 140 11.70 -25.48 29.21
C TYR C 140 11.91 -24.03 29.63
N LEU C 141 10.85 -23.38 30.13
CA LEU C 141 10.98 -22.00 30.61
C LEU C 141 11.86 -21.91 31.86
N ARG C 142 11.73 -22.87 32.77
CA ARG C 142 12.53 -22.86 34.00
C ARG C 142 14.00 -23.12 33.68
N LEU C 143 14.29 -24.05 32.77
CA LEU C 143 15.68 -24.31 32.40
C LEU C 143 16.26 -23.19 31.57
N LYS C 144 15.43 -22.45 30.82
CA LYS C 144 15.92 -21.26 30.13
C LYS C 144 16.25 -20.15 31.11
N ARG C 145 15.43 -19.99 32.15
CA ARG C 145 15.74 -19.02 33.20
C ARG C 145 17.00 -19.39 33.96
N TYR C 146 17.20 -20.69 34.22
CA TYR C 146 18.41 -21.14 34.89
C TYR C 146 19.63 -20.98 34.00
N LEU C 147 19.47 -21.18 32.69
CA LEU C 147 20.58 -20.98 31.76
C LEU C 147 20.97 -19.51 31.67
N TRP C 148 19.99 -18.61 31.58
CA TRP C 148 20.33 -17.20 31.45
C TRP C 148 20.66 -16.54 32.78
N GLU C 149 20.38 -17.18 33.90
CA GLU C 149 20.95 -16.75 35.17
C GLU C 149 22.28 -17.41 35.45
N LEU C 150 22.61 -18.49 34.75
CA LEU C 150 23.94 -19.08 34.84
C LEU C 150 24.98 -18.18 34.21
N VAL C 151 24.78 -17.82 32.94
CA VAL C 151 25.67 -16.88 32.28
C VAL C 151 25.43 -15.48 32.85
N GLY C 152 26.43 -14.63 32.69
CA GLY C 152 26.49 -13.38 33.44
C GLY C 152 27.30 -13.57 34.72
N GLY C 153 26.95 -14.58 35.51
CA GLY C 153 27.83 -15.03 36.57
C GLY C 153 29.00 -15.84 36.08
N LEU C 154 28.95 -16.32 34.84
CA LEU C 154 30.09 -16.95 34.20
C LEU C 154 31.08 -15.88 33.73
N PRO C 155 32.39 -16.13 33.83
CA PRO C 155 33.36 -15.13 33.38
C PRO C 155 33.43 -15.06 31.87
N LYS C 156 33.90 -13.91 31.38
CA LYS C 156 33.90 -13.64 29.95
C LYS C 156 34.96 -14.46 29.22
N ASP C 157 36.08 -14.77 29.87
CA ASP C 157 37.14 -15.53 29.21
C ASP C 157 36.78 -17.00 29.03
N LYS C 158 35.82 -17.51 29.81
CA LYS C 158 35.31 -18.85 29.59
C LYS C 158 34.16 -18.88 28.61
N LEU C 159 33.32 -17.83 28.60
CA LEU C 159 32.23 -17.71 27.64
C LEU C 159 32.69 -17.32 26.26
N LYS C 160 33.95 -16.95 26.07
CA LYS C 160 34.46 -16.63 24.75
C LYS C 160 34.80 -17.88 23.96
N ASN C 161 35.46 -18.84 24.61
CA ASN C 161 35.92 -20.05 23.93
C ASN C 161 34.86 -21.14 24.06
N LEU C 162 34.08 -21.33 23.00
CA LEU C 162 33.11 -22.42 22.90
C LEU C 162 33.47 -23.24 21.66
N THR C 163 33.89 -24.50 21.89
CA THR C 163 34.43 -25.31 20.79
C THR C 163 33.39 -25.79 19.77
N PRO C 164 32.24 -26.46 20.14
CA PRO C 164 31.46 -27.11 19.09
C PRO C 164 30.60 -26.12 18.30
N LYS C 165 31.18 -25.54 17.25
CA LYS C 165 30.55 -24.43 16.53
C LYS C 165 29.25 -24.85 15.85
N PHE C 166 28.32 -23.90 15.78
CA PHE C 166 27.01 -24.06 15.17
C PHE C 166 26.90 -23.10 13.99
N TYR C 167 26.15 -23.51 12.97
CA TYR C 167 26.03 -22.72 11.76
C TYR C 167 24.58 -22.60 11.32
N LEU C 168 24.20 -21.39 10.91
CA LEU C 168 22.90 -21.11 10.34
C LEU C 168 23.12 -20.53 8.95
N ILE C 169 22.59 -21.19 7.93
CA ILE C 169 22.73 -20.71 6.56
C ILE C 169 21.40 -20.10 6.15
N ILE C 170 21.39 -18.78 6.01
CA ILE C 170 20.19 -18.04 5.59
C ILE C 170 20.35 -17.82 4.09
N ASP C 171 19.81 -18.73 3.29
CA ASP C 171 19.91 -18.56 1.85
C ASP C 171 18.86 -17.56 1.36
N GLU C 172 19.25 -16.80 0.33
CA GLU C 172 18.44 -15.70 -0.22
C GLU C 172 18.01 -14.74 0.88
N ILE C 173 19.01 -14.22 1.62
CA ILE C 173 18.74 -13.47 2.83
C ILE C 173 18.14 -12.11 2.51
N ASN C 174 18.46 -11.54 1.34
CA ASN C 174 17.91 -10.25 0.95
C ASN C 174 16.46 -10.33 0.49
N ARG C 175 15.88 -11.53 0.39
CA ARG C 175 14.51 -11.66 -0.06
C ARG C 175 13.52 -11.16 0.99
N GLY C 176 13.76 -11.47 2.24
CA GLY C 176 12.91 -10.97 3.31
C GLY C 176 13.40 -9.65 3.85
N ASN C 177 12.50 -8.97 4.58
CA ASN C 177 12.86 -7.72 5.24
C ASN C 177 13.74 -8.07 6.45
N ILE C 178 15.06 -7.95 6.26
CA ILE C 178 16.01 -8.41 7.27
C ILE C 178 15.93 -7.53 8.52
N SER C 179 15.69 -6.23 8.34
CA SER C 179 15.57 -5.34 9.49
C SER C 179 14.30 -5.61 10.28
N LYS C 180 13.28 -6.16 9.63
CA LYS C 180 12.07 -6.56 10.33
C LYS C 180 12.22 -7.94 10.95
N ILE C 181 12.89 -8.85 10.23
CA ILE C 181 13.08 -10.22 10.73
C ILE C 181 14.07 -10.23 11.89
N PHE C 182 15.23 -9.61 11.70
CA PHE C 182 16.17 -9.43 12.81
C PHE C 182 15.59 -8.39 13.75
N GLY C 183 15.39 -8.77 15.01
CA GLY C 183 14.78 -7.88 15.95
C GLY C 183 15.85 -7.22 16.78
N GLU C 184 16.11 -7.75 17.97
CA GLU C 184 17.27 -7.36 18.77
C GLU C 184 18.59 -7.81 18.14
N LEU C 185 18.54 -8.68 17.13
CA LEU C 185 19.71 -9.17 16.40
C LEU C 185 20.39 -8.10 15.55
N ILE C 186 19.81 -6.91 15.41
CA ILE C 186 20.60 -5.81 14.87
C ILE C 186 21.73 -5.48 15.84
N THR C 187 21.43 -5.48 17.14
CA THR C 187 22.45 -5.16 18.13
C THR C 187 23.29 -6.38 18.48
N LEU C 188 22.66 -7.54 18.66
CA LEU C 188 23.34 -8.69 19.26
C LEU C 188 24.25 -9.44 18.30
N LEU C 189 24.11 -9.25 16.99
CA LEU C 189 24.88 -10.07 16.06
C LEU C 189 26.33 -9.62 15.91
N GLU C 190 26.68 -8.44 16.41
CA GLU C 190 28.07 -8.00 16.37
C GLU C 190 28.92 -8.87 17.29
N LYS C 191 30.16 -9.13 16.84
CA LYS C 191 31.02 -10.12 17.49
C LYS C 191 31.37 -9.72 18.92
N ASP C 192 31.63 -8.43 19.15
CA ASP C 192 31.84 -7.95 20.51
C ASP C 192 30.56 -7.91 21.33
N LYS C 193 29.39 -7.78 20.69
CA LYS C 193 28.12 -7.79 21.42
C LYS C 193 27.59 -9.19 21.69
N ARG C 194 28.32 -10.22 21.27
CA ARG C 194 27.92 -11.59 21.56
C ARG C 194 28.37 -11.97 22.98
N LEU C 195 28.09 -13.22 23.35
CA LEU C 195 28.57 -13.71 24.63
C LEU C 195 30.08 -13.92 24.60
N GLY C 196 30.73 -13.66 25.74
CA GLY C 196 32.16 -13.79 25.83
C GLY C 196 32.95 -12.61 25.31
N GLY C 197 32.36 -11.76 24.46
CA GLY C 197 33.03 -10.57 24.00
C GLY C 197 33.15 -9.53 25.09
N GLU C 198 33.91 -8.48 24.77
CA GLU C 198 34.16 -7.45 25.77
C GLU C 198 32.93 -6.59 26.02
N ASN C 199 32.22 -6.22 24.95
CA ASN C 199 30.95 -5.51 25.10
C ASN C 199 29.77 -6.49 25.09
N GLN C 200 29.84 -7.51 25.95
CA GLN C 200 28.83 -8.56 25.96
C GLN C 200 27.50 -8.01 26.46
N LEU C 201 26.44 -8.27 25.71
CA LEU C 201 25.15 -7.63 25.94
C LEU C 201 24.06 -8.68 25.85
N ILE C 202 23.28 -8.81 26.91
CA ILE C 202 22.18 -9.77 26.98
C ILE C 202 20.89 -8.96 27.12
N VAL C 203 20.24 -8.69 25.99
CA VAL C 203 18.98 -7.96 26.00
C VAL C 203 17.84 -8.90 26.41
N ARG C 204 16.71 -8.30 26.76
CA ARG C 204 15.49 -9.05 27.03
C ARG C 204 14.52 -8.90 25.87
N LEU C 205 13.81 -9.96 25.59
CA LEU C 205 12.92 -10.16 24.45
C LEU C 205 11.49 -9.76 24.80
N PRO C 206 10.71 -9.25 23.81
CA PRO C 206 9.37 -8.74 24.12
C PRO C 206 8.32 -9.78 24.47
N TYR C 207 8.22 -10.84 23.67
CA TYR C 207 7.08 -11.75 23.77
C TYR C 207 7.20 -12.72 24.94
N SER C 208 8.40 -12.86 25.51
CA SER C 208 8.60 -13.77 26.63
C SER C 208 9.19 -13.11 27.86
N GLY C 209 9.86 -11.96 27.72
CA GLY C 209 10.57 -11.34 28.82
C GLY C 209 11.90 -11.97 29.15
N GLU C 210 12.23 -13.10 28.55
CA GLU C 210 13.46 -13.80 28.89
C GLU C 210 14.66 -13.10 28.26
N PRO C 211 15.79 -13.05 28.97
CA PRO C 211 17.00 -12.49 28.37
C PRO C 211 17.56 -13.42 27.29
N PHE C 212 18.09 -12.82 26.24
CA PHE C 212 18.62 -13.57 25.11
C PHE C 212 19.83 -12.85 24.55
N ALA C 213 20.88 -13.62 24.25
CA ALA C 213 22.08 -13.10 23.62
C ALA C 213 22.64 -14.16 22.68
N VAL C 214 23.25 -13.70 21.59
CA VAL C 214 23.84 -14.62 20.62
C VAL C 214 25.14 -15.17 21.18
N PRO C 215 25.32 -16.48 21.24
CA PRO C 215 26.59 -17.05 21.69
C PRO C 215 27.66 -16.86 20.63
N PRO C 216 28.94 -16.95 20.99
CA PRO C 216 30.00 -16.97 19.98
C PRO C 216 30.14 -18.31 19.29
N ASN C 217 29.40 -19.32 19.73
CA ASN C 217 29.42 -20.64 19.15
C ASN C 217 28.67 -20.72 17.82
N LEU C 218 27.84 -19.72 17.52
CA LEU C 218 26.91 -19.78 16.40
C LEU C 218 27.30 -18.76 15.35
N TYR C 219 27.44 -19.21 14.11
CA TYR C 219 27.80 -18.35 12.98
C TYR C 219 26.69 -18.37 11.95
N ILE C 220 26.60 -17.28 11.19
CA ILE C 220 25.53 -17.09 10.21
C ILE C 220 26.17 -16.86 8.85
N ILE C 221 25.83 -17.70 7.88
CA ILE C 221 26.33 -17.58 6.52
C ILE C 221 25.14 -17.25 5.63
N GLY C 222 24.94 -15.97 5.35
CA GLY C 222 23.93 -15.58 4.39
C GLY C 222 24.44 -15.68 2.97
N THR C 223 23.52 -15.91 2.05
CA THR C 223 23.80 -15.81 0.62
C THR C 223 22.72 -14.93 0.00
N MET C 224 23.10 -14.18 -1.02
CA MET C 224 22.14 -13.29 -1.67
C MET C 224 22.58 -13.04 -3.10
N ASN C 225 21.62 -12.74 -3.96
CA ASN C 225 21.91 -12.32 -5.32
C ASN C 225 21.78 -10.81 -5.43
N THR C 226 22.68 -10.21 -6.19
CA THR C 226 22.72 -8.77 -6.35
C THR C 226 22.13 -8.31 -7.67
N ALA C 227 21.50 -9.21 -8.42
CA ALA C 227 20.85 -8.83 -9.67
C ALA C 227 19.59 -8.02 -9.40
N ASP C 228 18.76 -8.48 -8.46
CA ASP C 228 17.54 -7.76 -8.12
C ASP C 228 17.91 -6.60 -7.19
N ARG C 229 17.70 -5.38 -7.68
CA ARG C 229 18.02 -4.19 -6.91
C ARG C 229 16.87 -3.73 -6.01
N SER C 230 15.65 -4.22 -6.26
CA SER C 230 14.52 -3.88 -5.41
C SER C 230 14.58 -4.57 -4.06
N ILE C 231 15.32 -5.67 -3.96
CA ILE C 231 15.52 -6.37 -2.69
C ILE C 231 16.96 -6.32 -2.23
N ALA C 232 17.86 -5.70 -3.00
CA ALA C 232 19.25 -5.55 -2.59
C ALA C 232 19.34 -4.64 -1.37
N LEU C 233 20.11 -5.08 -0.37
CA LEU C 233 20.06 -4.44 0.93
C LEU C 233 20.83 -3.12 0.90
N LEU C 234 20.26 -2.11 1.54
CA LEU C 234 20.86 -0.80 1.62
C LEU C 234 21.03 -0.30 3.04
N ASP C 235 20.53 -1.05 4.03
CA ASP C 235 20.68 -0.68 5.43
C ASP C 235 22.13 -0.85 5.84
N VAL C 236 22.83 0.29 6.00
CA VAL C 236 24.26 0.28 6.30
C VAL C 236 24.51 -0.22 7.71
N ALA C 237 23.60 0.08 8.64
CA ALA C 237 23.71 -0.45 10.00
C ALA C 237 23.55 -1.96 10.03
N LEU C 238 22.78 -2.51 9.10
CA LEU C 238 22.70 -3.96 8.94
C LEU C 238 23.96 -4.50 8.25
N ARG C 239 24.47 -3.76 7.26
CA ARG C 239 25.64 -4.21 6.52
C ARG C 239 26.92 -4.17 7.34
N ARG C 240 26.94 -3.42 8.44
CA ARG C 240 28.12 -3.42 9.30
C ARG C 240 28.23 -4.69 10.14
N ARG C 241 27.12 -5.45 10.30
CA ARG C 241 27.17 -6.66 11.08
C ARG C 241 27.85 -7.81 10.33
N PHE C 242 27.84 -7.76 9.00
CA PHE C 242 28.27 -8.86 8.16
C PHE C 242 29.57 -8.53 7.47
N ALA C 243 30.36 -9.56 7.19
CA ALA C 243 31.35 -9.45 6.13
C ALA C 243 30.66 -9.75 4.82
N PHE C 244 31.20 -9.23 3.72
CA PHE C 244 30.54 -9.35 2.42
C PHE C 244 31.48 -9.97 1.40
N ILE C 245 31.36 -11.27 1.22
CA ILE C 245 32.22 -12.02 0.30
C ILE C 245 31.55 -12.03 -1.06
N GLU C 246 32.23 -11.47 -2.06
CA GLU C 246 31.72 -11.49 -3.42
C GLU C 246 32.12 -12.79 -4.09
N VAL C 247 31.14 -13.58 -4.48
CA VAL C 247 31.38 -14.81 -5.24
C VAL C 247 31.17 -14.42 -6.70
N GLU C 248 32.27 -14.06 -7.36
CA GLU C 248 32.22 -13.63 -8.74
C GLU C 248 31.98 -14.83 -9.66
N PRO C 249 31.52 -14.60 -10.89
CA PRO C 249 31.54 -15.69 -11.88
C PRO C 249 32.97 -16.07 -12.20
N ARG C 250 33.26 -17.36 -12.11
CA ARG C 250 34.59 -17.88 -12.40
C ARG C 250 34.53 -18.68 -13.69
N PRO C 251 34.84 -18.07 -14.84
CA PRO C 251 34.81 -18.82 -16.10
C PRO C 251 35.96 -19.80 -16.25
N GLU C 252 36.99 -19.70 -15.42
CA GLU C 252 38.07 -20.67 -15.41
C GLU C 252 37.65 -22.03 -14.88
N PHE C 253 36.45 -22.15 -14.30
CA PHE C 253 35.86 -23.44 -14.00
C PHE C 253 35.32 -24.13 -15.24
N LEU C 254 35.15 -23.40 -16.34
CA LEU C 254 34.65 -23.96 -17.59
C LEU C 254 35.77 -24.30 -18.57
N GLU C 255 37.02 -24.21 -18.16
CA GLU C 255 38.09 -24.81 -18.94
C GLU C 255 38.00 -26.32 -18.85
N LYS C 256 38.61 -27.00 -19.82
CA LYS C 256 38.37 -28.42 -20.06
C LYS C 256 38.83 -29.28 -18.89
N GLU C 257 40.05 -29.06 -18.41
CA GLU C 257 40.56 -29.85 -17.29
C GLU C 257 39.87 -29.45 -15.98
N ASN C 258 39.53 -28.17 -15.83
CA ASN C 258 38.83 -27.73 -14.63
C ASN C 258 37.40 -28.25 -14.60
N LEU C 259 36.72 -28.24 -15.75
CA LEU C 259 35.37 -28.83 -15.82
C LEU C 259 35.41 -30.32 -15.60
N LYS C 260 36.46 -30.99 -16.09
CA LYS C 260 36.64 -32.42 -15.85
C LYS C 260 36.84 -32.70 -14.36
N LYS C 261 37.70 -31.91 -13.70
CA LYS C 261 37.97 -32.10 -12.28
C LYS C 261 36.76 -31.76 -11.42
N ILE C 262 35.93 -30.81 -11.87
CA ILE C 262 34.71 -30.51 -11.13
C ILE C 262 33.68 -31.62 -11.30
N ARG C 263 33.50 -32.12 -12.52
CA ARG C 263 32.53 -33.19 -12.75
C ARG C 263 33.02 -34.55 -12.27
N GLU C 264 34.29 -34.70 -11.91
CA GLU C 264 34.79 -35.92 -11.28
C GLU C 264 34.67 -35.89 -9.75
N LYS C 265 33.76 -35.10 -9.20
CA LYS C 265 33.56 -35.10 -7.76
C LYS C 265 32.74 -36.30 -7.32
N LYS C 266 31.53 -36.43 -7.83
CA LYS C 266 30.67 -37.58 -7.53
C LYS C 266 30.80 -38.69 -8.56
N LEU C 267 31.85 -38.67 -9.38
CA LEU C 267 32.09 -39.70 -10.40
C LEU C 267 33.43 -40.36 -10.10
N LYS C 268 33.39 -41.43 -9.29
CA LYS C 268 34.58 -42.20 -8.95
C LYS C 268 34.40 -43.66 -9.32
N THR C 269 33.68 -43.93 -10.39
CA THR C 269 33.41 -45.27 -10.90
C THR C 269 33.91 -45.38 -12.33
N GLU C 270 33.56 -46.49 -12.99
CA GLU C 270 33.89 -46.63 -14.40
C GLU C 270 33.03 -45.73 -15.29
N ASP C 271 31.89 -45.25 -14.78
CA ASP C 271 31.08 -44.30 -15.52
C ASP C 271 31.78 -42.96 -15.69
N ARG C 272 32.71 -42.63 -14.77
CA ARG C 272 33.59 -41.48 -14.96
C ARG C 272 34.48 -41.65 -16.17
N LYS C 273 34.82 -42.89 -16.53
CA LYS C 273 35.51 -43.15 -17.79
C LYS C 273 34.65 -42.83 -19.00
N ARG C 274 33.32 -42.85 -18.86
CA ARG C 274 32.44 -42.36 -19.90
C ARG C 274 32.24 -40.84 -19.82
N LEU C 275 32.83 -40.19 -18.82
CA LEU C 275 32.70 -38.75 -18.64
C LEU C 275 33.82 -37.97 -19.33
N ASN C 276 35.07 -38.34 -19.06
CA ASN C 276 36.20 -37.56 -19.58
C ASN C 276 36.43 -37.78 -21.07
N GLU C 277 35.76 -38.75 -21.68
CA GLU C 277 35.71 -38.83 -23.13
C GLU C 277 34.53 -38.06 -23.71
N LYS C 278 33.46 -37.89 -22.92
CA LYS C 278 32.31 -37.11 -23.37
C LYS C 278 32.65 -35.65 -23.52
N LEU C 279 33.55 -35.13 -22.67
CA LEU C 279 34.10 -33.81 -22.89
C LEU C 279 35.03 -33.78 -24.09
N ASN C 280 35.70 -34.92 -24.37
CA ASN C 280 36.60 -34.98 -25.51
C ASN C 280 35.84 -34.92 -26.83
N GLU C 281 34.61 -35.44 -26.85
CA GLU C 281 33.74 -35.21 -27.99
C GLU C 281 33.26 -33.77 -28.03
N LEU C 282 33.12 -33.14 -26.86
CA LEU C 282 32.62 -31.77 -26.80
C LEU C 282 33.66 -30.77 -27.31
N PHE C 283 34.81 -30.71 -26.65
CA PHE C 283 35.78 -29.66 -26.92
C PHE C 283 36.48 -29.82 -28.26
N SER C 284 36.52 -31.05 -28.81
CA SER C 284 36.99 -31.20 -30.18
C SER C 284 35.96 -30.68 -31.17
N LYS C 285 34.68 -30.81 -30.85
CA LYS C 285 33.64 -30.24 -31.72
C LYS C 285 33.59 -28.73 -31.64
N LEU C 286 34.07 -28.15 -30.53
CA LEU C 286 34.15 -26.70 -30.39
C LEU C 286 35.37 -26.10 -31.09
N GLY C 287 36.24 -26.92 -31.67
CA GLY C 287 37.39 -26.44 -32.40
C GLY C 287 38.70 -26.69 -31.70
N ASN C 288 38.78 -27.80 -30.95
CA ASN C 288 39.96 -28.24 -30.19
C ASN C 288 40.43 -27.19 -29.19
N ASP C 289 39.49 -26.40 -28.66
CA ASP C 289 39.80 -25.28 -27.78
C ASP C 289 39.36 -25.66 -26.37
N ASN C 290 40.33 -25.76 -25.46
CA ASN C 290 40.01 -26.03 -24.06
C ASN C 290 39.49 -24.79 -23.33
N TYR C 291 39.58 -23.62 -23.95
CA TYR C 291 39.07 -22.37 -23.37
C TYR C 291 37.91 -21.82 -24.18
N PHE C 292 37.02 -22.70 -24.65
CA PHE C 292 35.89 -22.20 -25.43
C PHE C 292 34.82 -21.62 -24.51
N LEU C 293 34.33 -22.42 -23.57
CA LEU C 293 33.31 -21.95 -22.64
C LEU C 293 33.87 -20.90 -21.68
N LYS C 294 35.15 -21.00 -21.34
CA LYS C 294 35.80 -20.04 -20.44
C LYS C 294 35.82 -18.65 -21.05
N THR C 295 36.41 -18.51 -22.24
CA THR C 295 36.43 -17.20 -22.88
C THR C 295 35.07 -16.79 -23.43
N LEU C 296 34.16 -17.75 -23.67
CA LEU C 296 32.80 -17.41 -24.05
C LEU C 296 32.08 -16.71 -22.92
N LEU C 297 32.09 -17.30 -21.72
CA LEU C 297 31.51 -16.65 -20.55
C LEU C 297 32.27 -15.40 -20.15
N GLU C 298 33.59 -15.36 -20.41
CA GLU C 298 34.39 -14.18 -20.13
C GLU C 298 33.96 -12.99 -20.98
N LYS C 299 33.87 -13.19 -22.30
CA LYS C 299 33.42 -12.15 -23.21
C LYS C 299 31.96 -11.76 -22.97
N ILE C 300 31.10 -12.73 -22.64
CA ILE C 300 29.70 -12.44 -22.34
C ILE C 300 29.58 -11.57 -21.10
N ASN C 301 30.30 -11.93 -20.02
CA ASN C 301 30.20 -11.18 -18.78
C ASN C 301 30.86 -9.81 -18.88
N VAL C 302 31.94 -9.69 -19.66
CA VAL C 302 32.58 -8.38 -19.77
C VAL C 302 31.76 -7.48 -20.70
N ARG C 303 30.95 -8.06 -21.60
CA ARG C 303 30.07 -7.22 -22.41
C ARG C 303 28.77 -6.89 -21.69
N ILE C 304 28.33 -7.75 -20.77
CA ILE C 304 27.16 -7.42 -19.95
C ILE C 304 27.53 -6.37 -18.91
N THR C 305 28.75 -6.44 -18.38
CA THR C 305 29.21 -5.51 -17.34
C THR C 305 29.23 -4.07 -17.84
N VAL C 306 29.54 -3.87 -19.12
CA VAL C 306 29.65 -2.52 -19.66
C VAL C 306 28.34 -2.00 -20.25
N VAL C 307 27.27 -2.81 -20.28
CA VAL C 307 26.01 -2.31 -20.81
C VAL C 307 24.92 -2.30 -19.75
N LYS C 308 25.02 -3.18 -18.74
CA LYS C 308 24.05 -3.16 -17.65
C LYS C 308 24.70 -2.86 -16.31
N ASP C 309 25.51 -3.77 -15.79
CA ASP C 309 26.21 -3.73 -14.50
C ASP C 309 26.98 -5.03 -14.36
N ARG C 310 27.80 -5.11 -13.33
CA ARG C 310 28.54 -6.33 -13.04
C ARG C 310 27.73 -7.34 -12.24
N ASP C 311 26.58 -6.94 -11.70
CA ASP C 311 25.77 -7.82 -10.87
C ASP C 311 24.76 -8.64 -11.66
N HIS C 312 24.56 -8.33 -12.93
CA HIS C 312 23.73 -9.14 -13.82
C HIS C 312 24.59 -10.03 -14.72
N ARG C 313 25.79 -10.39 -14.28
CA ARG C 313 26.65 -11.27 -15.06
C ARG C 313 26.11 -12.70 -15.01
N ILE C 314 26.33 -13.43 -16.10
CA ILE C 314 25.94 -14.83 -16.15
C ILE C 314 26.90 -15.63 -15.26
N GLY C 315 26.33 -16.36 -14.31
CA GLY C 315 27.14 -17.22 -13.48
C GLY C 315 27.61 -18.44 -14.23
N HIS C 316 28.60 -19.12 -13.64
CA HIS C 316 29.23 -20.24 -14.32
C HIS C 316 28.47 -21.54 -14.16
N SER C 317 27.40 -21.58 -13.38
CA SER C 317 26.64 -22.81 -13.19
C SER C 317 25.68 -23.09 -14.34
N TYR C 318 25.50 -22.15 -15.26
CA TYR C 318 24.73 -22.43 -16.46
C TYR C 318 25.45 -23.44 -17.35
N PHE C 319 26.76 -23.28 -17.50
CA PHE C 319 27.57 -24.13 -18.36
C PHE C 319 28.34 -25.20 -17.59
N LEU C 320 28.03 -25.40 -16.30
CA LEU C 320 28.75 -26.41 -15.54
C LEU C 320 28.26 -27.83 -15.84
N ASN C 321 27.01 -27.96 -16.27
CA ASN C 321 26.45 -29.27 -16.60
C ASN C 321 26.50 -29.58 -18.09
N VAL C 322 27.21 -28.76 -18.86
CA VAL C 322 27.37 -29.03 -20.29
C VAL C 322 28.36 -30.17 -20.46
N GLU C 323 27.92 -31.22 -21.15
CA GLU C 323 28.77 -32.36 -21.47
C GLU C 323 28.88 -32.61 -22.96
N THR C 324 27.80 -32.41 -23.71
CA THR C 324 27.78 -32.55 -25.16
C THR C 324 27.51 -31.19 -25.79
N VAL C 325 27.48 -31.18 -27.12
CA VAL C 325 27.21 -29.94 -27.85
C VAL C 325 25.73 -29.60 -27.80
N GLU C 326 24.86 -30.61 -27.82
CA GLU C 326 23.43 -30.37 -27.68
C GLU C 326 23.06 -29.83 -26.30
N ASP C 327 23.82 -30.22 -25.26
CA ASP C 327 23.62 -29.65 -23.94
C ASP C 327 23.96 -28.17 -23.92
N LEU C 328 25.04 -27.77 -24.61
CA LEU C 328 25.38 -26.36 -24.75
C LEU C 328 24.33 -25.62 -25.56
N HIS C 329 23.74 -26.28 -26.56
CA HIS C 329 22.67 -25.67 -27.35
C HIS C 329 21.42 -25.43 -26.51
N HIS C 330 21.08 -26.38 -25.63
CA HIS C 330 19.91 -26.21 -24.78
C HIS C 330 20.14 -25.17 -23.69
N VAL C 331 21.34 -25.16 -23.11
CA VAL C 331 21.70 -24.15 -22.12
C VAL C 331 21.70 -22.75 -22.75
N TRP C 332 22.12 -22.67 -24.01
CA TRP C 332 22.13 -21.38 -24.70
C TRP C 332 20.72 -20.91 -25.02
N TYR C 333 19.95 -21.73 -25.74
CA TYR C 333 18.67 -21.28 -26.26
C TYR C 333 17.55 -21.29 -25.24
N TYR C 334 17.72 -21.95 -24.09
CA TYR C 334 16.65 -22.02 -23.12
C TYR C 334 17.03 -21.51 -21.74
N GLU C 335 18.27 -21.13 -21.51
CA GLU C 335 18.65 -20.52 -20.25
C GLU C 335 19.40 -19.21 -20.42
N VAL C 336 20.22 -19.07 -21.45
CA VAL C 336 21.06 -17.90 -21.60
C VAL C 336 20.40 -16.85 -22.49
N LEU C 337 19.86 -17.24 -23.64
CA LEU C 337 19.16 -16.27 -24.49
C LEU C 337 17.83 -15.77 -23.94
N PRO C 338 16.97 -16.56 -23.26
CA PRO C 338 15.82 -15.93 -22.58
C PRO C 338 16.24 -15.01 -21.45
N LEU C 339 17.34 -15.30 -20.77
CA LEU C 339 17.85 -14.39 -19.74
C LEU C 339 18.35 -13.09 -20.36
N LEU C 340 19.01 -13.16 -21.52
CA LEU C 340 19.48 -11.95 -22.18
C LEU C 340 18.33 -11.17 -22.79
N MET C 341 17.27 -11.83 -23.23
CA MET C 341 16.11 -11.11 -23.74
C MET C 341 15.25 -10.55 -22.63
N GLU C 342 15.35 -11.10 -21.41
CA GLU C 342 14.73 -10.46 -20.26
C GLU C 342 15.59 -9.31 -19.72
N TYR C 343 16.90 -9.39 -19.91
CA TYR C 343 17.79 -8.28 -19.55
C TYR C 343 17.49 -7.05 -20.39
N PHE C 344 17.52 -7.21 -21.72
CA PHE C 344 17.33 -6.13 -22.67
C PHE C 344 16.01 -6.39 -23.41
N TYR C 345 14.92 -5.81 -22.93
CA TYR C 345 13.61 -6.00 -23.52
C TYR C 345 13.47 -5.01 -24.67
N ASN C 346 13.37 -5.55 -25.90
CA ASN C 346 13.25 -4.83 -27.18
C ASN C 346 14.47 -3.97 -27.52
N ASP C 347 15.52 -4.00 -26.70
CA ASP C 347 16.75 -3.28 -26.99
C ASP C 347 17.67 -4.19 -27.80
N TRP C 348 17.37 -4.26 -29.09
CA TRP C 348 18.01 -5.25 -29.96
C TRP C 348 19.47 -4.91 -30.22
N GLU C 349 19.78 -3.61 -30.23
CA GLU C 349 21.15 -3.17 -30.48
C GLU C 349 22.07 -3.59 -29.33
N THR C 350 21.58 -3.48 -28.09
CA THR C 350 22.39 -3.82 -26.93
C THR C 350 22.59 -5.34 -26.82
N ILE C 351 21.54 -6.12 -27.05
CA ILE C 351 21.68 -7.56 -26.93
C ILE C 351 22.46 -8.15 -28.10
N LYS C 352 22.40 -7.51 -29.27
CA LYS C 352 23.25 -7.97 -30.37
C LYS C 352 24.68 -7.46 -30.20
N TRP C 353 24.87 -6.40 -29.41
CA TRP C 353 26.22 -5.99 -29.06
C TRP C 353 26.83 -6.90 -28.01
N VAL C 354 26.00 -7.49 -27.13
CA VAL C 354 26.48 -8.44 -26.14
C VAL C 354 27.03 -9.69 -26.83
N LEU C 355 26.41 -10.10 -27.92
CA LEU C 355 26.91 -11.18 -28.75
C LEU C 355 27.80 -10.68 -29.88
N ASN C 356 28.18 -9.39 -29.84
CA ASN C 356 28.88 -8.59 -30.86
C ASN C 356 28.45 -8.88 -32.29
N GLU C 357 27.14 -9.04 -32.50
CA GLU C 357 26.57 -9.16 -33.83
C GLU C 357 25.94 -7.85 -34.29
N LYS C 358 26.47 -6.72 -33.82
CA LYS C 358 25.87 -5.42 -34.11
C LYS C 358 25.97 -5.05 -35.58
N GLY C 359 27.03 -5.48 -36.25
CA GLY C 359 27.21 -5.17 -37.65
C GLY C 359 26.32 -5.99 -38.56
N LYS C 360 26.41 -7.31 -38.48
CA LYS C 360 25.67 -8.17 -39.39
C LYS C 360 24.22 -8.32 -38.96
N GLU C 361 23.33 -8.48 -39.95
CA GLU C 361 21.90 -8.60 -39.70
C GLU C 361 21.32 -9.93 -40.16
N HIS C 362 22.10 -10.75 -40.87
CA HIS C 362 21.60 -12.01 -41.42
C HIS C 362 22.67 -13.06 -41.23
N GLY C 363 22.51 -14.20 -41.91
CA GLY C 363 23.50 -15.25 -41.87
C GLY C 363 23.38 -16.09 -40.61
N ASN C 364 24.50 -16.72 -40.25
CA ASN C 364 24.58 -17.55 -39.04
C ASN C 364 24.65 -16.61 -37.83
N VAL C 365 23.48 -16.13 -37.42
CA VAL C 365 23.35 -15.13 -36.38
C VAL C 365 22.22 -15.57 -35.46
N PHE C 366 22.22 -15.03 -34.24
CA PHE C 366 21.22 -15.43 -33.26
C PHE C 366 19.95 -14.60 -33.38
N PHE C 367 20.06 -13.37 -33.86
CA PHE C 367 18.91 -12.48 -34.06
C PHE C 367 18.98 -11.96 -35.50
N GLU C 368 18.21 -12.58 -36.38
CA GLU C 368 18.18 -12.18 -37.78
C GLU C 368 17.20 -11.02 -37.96
N LYS C 369 17.58 -10.04 -38.77
CA LYS C 369 16.74 -8.86 -38.94
C LYS C 369 15.55 -9.19 -39.84
N LEU C 370 14.36 -8.77 -39.41
CA LEU C 370 13.20 -8.83 -40.28
C LEU C 370 13.37 -7.86 -41.43
N ARG C 371 12.81 -8.23 -42.59
CA ARG C 371 12.98 -7.47 -43.81
C ARG C 371 11.99 -6.32 -43.95
N LEU C 372 11.40 -5.87 -42.85
CA LEU C 372 10.42 -4.80 -42.85
C LEU C 372 10.77 -3.79 -41.78
N THR C 373 10.72 -2.51 -42.14
CA THR C 373 10.95 -1.42 -41.20
C THR C 373 9.64 -0.69 -40.96
N GLY C 374 9.49 -0.15 -39.75
CA GLY C 374 8.25 0.44 -39.32
C GLY C 374 7.93 1.75 -40.01
N PRO C 375 6.74 2.30 -39.75
CA PRO C 375 6.36 3.57 -40.36
C PRO C 375 7.13 4.75 -39.81
N ASN C 376 7.68 4.64 -38.60
CA ASN C 376 8.50 5.69 -38.02
C ASN C 376 9.97 5.30 -37.98
N GLY C 377 10.40 4.42 -38.87
CA GLY C 377 11.79 4.04 -38.98
C GLY C 377 12.29 3.02 -38.00
N GLU C 378 11.39 2.37 -37.24
CA GLU C 378 11.81 1.35 -36.29
C GLU C 378 12.02 0.01 -36.98
N GLU C 379 12.99 -0.74 -36.49
CA GLU C 379 13.30 -2.07 -36.99
C GLU C 379 13.17 -3.08 -35.85
N ALA C 380 13.18 -4.36 -36.22
CA ALA C 380 13.04 -5.42 -35.23
C ALA C 380 13.75 -6.67 -35.73
N TYR C 381 14.01 -7.57 -34.80
CA TYR C 381 14.79 -8.77 -35.08
C TYR C 381 13.97 -10.01 -34.73
N GLN C 382 14.54 -11.18 -34.99
CA GLN C 382 13.87 -12.44 -34.80
C GLN C 382 14.87 -13.45 -34.25
N LEU C 383 14.46 -14.20 -33.23
CA LEU C 383 15.29 -15.26 -32.68
C LEU C 383 15.46 -16.38 -33.70
N LYS C 384 16.68 -16.54 -34.21
CA LYS C 384 16.99 -17.57 -35.18
C LYS C 384 17.62 -18.76 -34.46
N VAL C 385 17.03 -19.94 -34.66
CA VAL C 385 17.49 -21.15 -33.99
C VAL C 385 18.57 -21.79 -34.86
N LEU C 386 19.82 -21.70 -34.42
CA LEU C 386 20.94 -22.31 -35.11
C LEU C 386 21.23 -23.68 -34.52
N GLU C 387 21.76 -24.58 -35.35
CA GLU C 387 22.00 -25.95 -34.95
C GLU C 387 23.26 -26.47 -35.62
N GLY C 388 24.02 -27.28 -34.88
CA GLY C 388 25.19 -27.91 -35.43
C GLY C 388 26.41 -27.02 -35.50
N ASP C 389 27.13 -27.07 -36.62
CA ASP C 389 28.34 -26.29 -36.78
C ASP C 389 28.08 -24.81 -36.98
N ALA C 390 26.87 -24.43 -37.42
CA ALA C 390 26.53 -23.02 -37.51
C ALA C 390 26.38 -22.40 -36.13
N PHE C 391 25.89 -23.17 -35.17
CA PHE C 391 25.75 -22.68 -33.80
C PHE C 391 27.11 -22.48 -33.14
N ILE C 392 28.03 -23.41 -33.36
CA ILE C 392 29.39 -23.25 -32.83
C ILE C 392 30.13 -22.14 -33.57
N GLY C 393 29.83 -21.96 -34.86
CA GLY C 393 30.41 -20.84 -35.60
C GLY C 393 29.91 -19.49 -35.13
N ALA C 394 28.65 -19.41 -34.70
CA ALA C 394 28.14 -18.16 -34.14
C ALA C 394 28.65 -17.95 -32.71
N LEU C 395 28.87 -19.02 -31.96
CA LEU C 395 29.47 -18.88 -30.64
C LEU C 395 30.95 -18.50 -30.72
N LYS C 396 31.62 -18.90 -31.80
CA LYS C 396 33.01 -18.50 -32.02
C LYS C 396 33.16 -17.02 -32.31
N ARG C 397 32.11 -16.38 -32.82
CA ARG C 397 32.11 -14.95 -33.06
C ARG C 397 32.10 -14.13 -31.77
N ILE C 398 31.50 -14.65 -30.70
CA ILE C 398 31.48 -13.94 -29.42
C ILE C 398 32.87 -13.85 -28.82
N ILE C 399 33.70 -14.86 -29.03
CA ILE C 399 35.08 -14.83 -28.56
C ILE C 399 35.93 -13.91 -29.43
N GLU D 11 8.24 -32.85 -31.32
CA GLU D 11 8.85 -31.52 -31.48
C GLU D 11 8.91 -30.80 -30.15
N ASP D 12 7.80 -30.15 -29.78
CA ASP D 12 7.74 -29.46 -28.50
C ASP D 12 7.63 -30.44 -27.33
N TYR D 13 6.96 -31.57 -27.55
CA TYR D 13 6.89 -32.64 -26.54
C TYR D 13 8.29 -33.15 -26.18
N PHE D 14 9.14 -33.34 -27.19
CA PHE D 14 10.48 -33.87 -26.96
C PHE D 14 11.35 -32.87 -26.20
N ARG D 15 11.22 -31.57 -26.51
CA ARG D 15 12.04 -30.59 -25.81
C ARG D 15 11.52 -30.32 -24.40
N VAL D 16 10.21 -30.45 -24.17
CA VAL D 16 9.70 -30.36 -22.80
C VAL D 16 10.16 -31.55 -21.98
N ASP D 17 10.15 -32.76 -22.57
CA ASP D 17 10.62 -33.96 -21.88
C ASP D 17 12.12 -33.89 -21.64
N MET D 18 12.88 -33.28 -22.54
CA MET D 18 14.32 -33.20 -22.37
C MET D 18 14.72 -32.16 -21.33
N LEU D 19 14.13 -30.95 -21.41
CA LEU D 19 14.48 -29.90 -20.47
C LEU D 19 13.86 -30.09 -19.09
N LEU D 20 12.79 -30.88 -18.99
CA LEU D 20 12.22 -31.17 -17.69
C LEU D 20 13.07 -32.15 -16.89
N ASN D 21 13.96 -32.88 -17.54
CA ASN D 21 14.79 -33.85 -16.85
C ASN D 21 16.11 -33.27 -16.39
N LYS D 22 16.71 -32.38 -17.19
CA LYS D 22 18.00 -31.81 -16.80
C LYS D 22 17.85 -30.60 -15.89
N LYS D 23 16.73 -29.90 -15.96
CA LYS D 23 16.50 -28.73 -15.11
C LYS D 23 15.51 -28.98 -13.98
N GLY D 24 14.59 -29.92 -14.15
CA GLY D 24 13.58 -30.21 -13.17
C GLY D 24 12.31 -29.38 -13.31
N GLN D 25 12.41 -28.18 -13.87
CA GLN D 25 11.25 -27.33 -14.03
C GLN D 25 11.41 -26.46 -15.27
N VAL D 26 10.30 -26.29 -15.99
CA VAL D 26 10.27 -25.61 -17.27
C VAL D 26 9.18 -24.54 -17.21
N ILE D 27 9.41 -23.43 -17.92
CA ILE D 27 8.39 -22.41 -18.13
C ILE D 27 8.20 -22.26 -19.63
N LEU D 28 6.97 -22.50 -20.08
CA LEU D 28 6.59 -22.25 -21.46
C LEU D 28 6.07 -20.82 -21.54
N TYR D 29 6.86 -19.94 -22.15
CA TYR D 29 6.48 -18.54 -22.25
C TYR D 29 6.19 -18.19 -23.71
N GLY D 30 5.63 -17.02 -23.90
CA GLY D 30 5.29 -16.56 -25.23
C GLY D 30 4.09 -15.65 -25.23
N PRO D 31 3.64 -15.25 -26.42
CA PRO D 31 2.45 -14.41 -26.53
C PRO D 31 1.19 -15.21 -26.25
N PRO D 32 0.06 -14.54 -26.01
CA PRO D 32 -1.20 -15.28 -25.84
C PRO D 32 -1.64 -15.91 -27.15
N GLY D 33 -2.21 -17.11 -27.04
CA GLY D 33 -2.71 -17.80 -28.21
C GLY D 33 -1.89 -19.01 -28.58
N THR D 34 -0.58 -18.91 -28.41
CA THR D 34 0.29 -20.06 -28.60
C THR D 34 -0.01 -21.12 -27.55
N GLY D 35 0.01 -22.37 -27.95
CA GLY D 35 -0.49 -23.42 -27.07
C GLY D 35 0.49 -23.85 -26.00
N LYS D 36 0.69 -23.02 -24.98
CA LYS D 36 1.57 -23.39 -23.88
C LYS D 36 0.85 -24.24 -22.84
N THR D 37 -0.34 -23.79 -22.42
CA THR D 37 -1.17 -24.59 -21.52
C THR D 37 -1.60 -25.89 -22.21
N TRP D 38 -1.84 -25.83 -23.52
CA TRP D 38 -2.21 -27.02 -24.28
C TRP D 38 -1.08 -28.04 -24.30
N ILE D 39 0.15 -27.60 -24.59
CA ILE D 39 1.25 -28.56 -24.66
C ILE D 39 1.65 -29.02 -23.27
N ALA D 40 1.45 -28.20 -22.24
CA ALA D 40 1.71 -28.63 -20.87
C ALA D 40 0.73 -29.71 -20.43
N ARG D 41 -0.56 -29.47 -20.66
CA ARG D 41 -1.59 -30.43 -20.30
C ARG D 41 -1.46 -31.71 -21.13
N LYS D 42 -1.15 -31.58 -22.42
CA LYS D 42 -1.03 -32.76 -23.29
C LYS D 42 0.19 -33.59 -22.91
N TYR D 43 1.31 -32.93 -22.59
CA TYR D 43 2.50 -33.65 -22.16
C TYR D 43 2.28 -34.36 -20.83
N VAL D 44 1.56 -33.72 -19.90
CA VAL D 44 1.39 -34.34 -18.59
C VAL D 44 0.37 -35.47 -18.63
N VAL D 45 -0.70 -35.33 -19.41
CA VAL D 45 -1.65 -36.43 -19.57
C VAL D 45 -1.01 -37.58 -20.35
N GLU D 46 -0.21 -37.28 -21.37
CA GLU D 46 0.47 -38.36 -22.08
C GLU D 46 1.63 -38.95 -21.31
N GLU D 47 2.09 -38.30 -20.23
CA GLU D 47 3.18 -38.82 -19.41
C GLU D 47 2.69 -39.54 -18.16
N THR D 48 1.53 -39.18 -17.63
CA THR D 48 0.97 -39.85 -16.46
C THR D 48 -0.11 -40.85 -16.80
N ASN D 49 -0.61 -40.82 -18.04
CA ASN D 49 -1.71 -41.69 -18.53
C ASN D 49 -2.96 -41.55 -17.67
N GLU D 50 -3.27 -40.33 -17.26
CA GLU D 50 -4.52 -40.02 -16.58
C GLU D 50 -4.96 -38.62 -16.99
N LYS D 51 -6.25 -38.46 -17.25
CA LYS D 51 -6.80 -37.26 -17.85
C LYS D 51 -7.41 -36.31 -16.84
N THR D 52 -7.20 -36.55 -15.54
CA THR D 52 -7.79 -35.71 -14.51
C THR D 52 -6.69 -35.41 -13.49
N PRO D 53 -6.59 -34.16 -13.03
CA PRO D 53 -5.69 -33.85 -11.91
C PRO D 53 -6.13 -34.57 -10.65
N GLY D 54 -5.18 -34.75 -9.74
CA GLY D 54 -5.42 -35.72 -8.70
C GLY D 54 -4.16 -36.42 -8.23
N ASN D 55 -4.14 -37.75 -8.41
CA ASN D 55 -3.12 -38.62 -7.84
C ASN D 55 -1.71 -38.24 -8.30
N LYS D 56 -1.42 -38.35 -9.59
CA LYS D 56 -0.05 -38.23 -10.05
C LYS D 56 0.28 -36.88 -10.68
N TRP D 57 -0.69 -35.99 -10.83
CA TRP D 57 -0.38 -34.63 -11.26
C TRP D 57 -1.44 -33.67 -10.77
N GLU D 58 -1.01 -32.42 -10.58
CA GLU D 58 -1.90 -31.35 -10.16
C GLU D 58 -1.80 -30.19 -11.14
N PHE D 59 -2.92 -29.48 -11.29
CA PHE D 59 -3.01 -28.29 -12.12
C PHE D 59 -3.45 -27.14 -11.21
N ILE D 60 -2.64 -26.09 -11.15
CA ILE D 60 -2.99 -24.88 -10.42
C ILE D 60 -2.78 -23.69 -11.33
N THR D 61 -3.29 -22.54 -10.90
CA THR D 61 -3.11 -21.28 -11.62
C THR D 61 -2.76 -20.20 -10.62
N PHE D 62 -1.59 -19.60 -10.77
CA PHE D 62 -1.19 -18.52 -9.88
C PHE D 62 -1.98 -17.26 -10.16
N HIS D 63 -2.27 -16.53 -9.10
CA HIS D 63 -2.83 -15.19 -9.19
C HIS D 63 -2.36 -14.42 -7.96
N GLN D 64 -2.88 -13.21 -7.79
CA GLN D 64 -2.43 -12.35 -6.70
C GLN D 64 -2.97 -12.78 -5.34
N SER D 65 -3.97 -13.66 -5.30
CA SER D 65 -4.45 -14.19 -4.04
C SER D 65 -3.80 -15.52 -3.68
N TYR D 66 -2.76 -15.93 -4.41
CA TYR D 66 -1.87 -16.97 -3.94
C TYR D 66 -0.82 -16.36 -3.02
N SER D 67 -0.60 -16.99 -1.88
CA SER D 67 0.47 -16.58 -0.99
C SER D 67 1.35 -17.78 -0.71
N TYR D 68 2.33 -17.58 0.17
CA TYR D 68 3.15 -18.69 0.64
C TYR D 68 2.32 -19.66 1.48
N GLU D 69 1.26 -19.15 2.12
CA GLU D 69 0.47 -19.97 3.03
C GLU D 69 -0.41 -20.97 2.28
N GLU D 70 -1.00 -20.54 1.16
CA GLU D 70 -1.85 -21.43 0.39
C GLU D 70 -1.06 -22.36 -0.51
N PHE D 71 0.21 -22.08 -0.76
CA PHE D 71 1.03 -22.87 -1.68
C PHE D 71 1.91 -23.89 -0.97
N ILE D 72 2.63 -23.47 0.06
CA ILE D 72 3.56 -24.38 0.72
C ILE D 72 3.00 -24.81 2.07
N GLU D 73 2.88 -23.87 3.01
CA GLU D 73 2.26 -24.17 4.29
C GLU D 73 1.88 -22.86 4.97
N GLY D 74 0.84 -22.91 5.79
CA GLY D 74 0.41 -21.73 6.49
C GLY D 74 -0.46 -22.06 7.68
N PHE D 75 -0.53 -21.11 8.61
CA PHE D 75 -1.37 -21.28 9.79
C PHE D 75 -2.84 -21.18 9.40
N ARG D 76 -3.65 -22.14 9.85
CA ARG D 76 -5.06 -22.15 9.55
C ARG D 76 -5.74 -22.74 10.78
N PRO D 77 -6.76 -22.08 11.32
CA PRO D 77 -7.48 -22.65 12.48
C PRO D 77 -8.42 -23.76 12.04
N ARG D 78 -8.28 -24.92 12.66
CA ARG D 78 -9.10 -26.08 12.34
C ARG D 78 -9.34 -26.94 13.57
N ILE D 85 -11.43 -25.63 17.53
CA ILE D 85 -10.63 -24.43 17.34
C ILE D 85 -9.19 -24.68 17.75
N ARG D 86 -8.33 -24.85 16.75
CA ARG D 86 -6.91 -25.12 17.00
C ARG D 86 -6.14 -24.69 15.76
N TYR D 87 -5.24 -23.72 15.91
CA TYR D 87 -4.46 -23.22 14.79
C TYR D 87 -3.39 -24.23 14.43
N VAL D 88 -3.56 -24.89 13.28
CA VAL D 88 -2.63 -25.92 12.84
C VAL D 88 -1.96 -25.45 11.56
N VAL D 89 -0.79 -26.03 11.28
CA VAL D 89 -0.05 -25.70 10.08
C VAL D 89 -0.61 -26.56 8.95
N GLU D 90 -1.46 -25.96 8.12
CA GLU D 90 -2.00 -26.66 6.96
C GLU D 90 -1.02 -26.55 5.80
N ASP D 91 -0.64 -27.70 5.26
CA ASP D 91 0.24 -27.75 4.12
C ASP D 91 -0.50 -27.24 2.88
N GLY D 92 0.20 -26.46 2.06
CA GLY D 92 -0.36 -25.96 0.83
C GLY D 92 -0.31 -27.00 -0.26
N ILE D 93 -0.45 -26.53 -1.50
CA ILE D 93 -0.56 -27.43 -2.64
C ILE D 93 0.78 -28.07 -2.95
N PHE D 94 1.86 -27.28 -2.89
CA PHE D 94 3.16 -27.81 -3.26
C PHE D 94 3.68 -28.79 -2.22
N LYS D 95 3.44 -28.53 -0.94
CA LYS D 95 3.93 -29.47 0.07
C LYS D 95 3.15 -30.77 0.04
N LYS D 96 1.85 -30.71 -0.25
CA LYS D 96 1.07 -31.93 -0.43
C LYS D 96 1.55 -32.74 -1.64
N ILE D 97 1.79 -32.08 -2.77
CA ILE D 97 2.21 -32.84 -3.94
C ILE D 97 3.67 -33.27 -3.84
N ALA D 98 4.51 -32.55 -3.09
CA ALA D 98 5.90 -32.93 -2.92
C ALA D 98 6.04 -34.07 -1.92
N LEU D 99 5.27 -34.05 -0.84
CA LEU D 99 5.25 -35.18 0.08
C LEU D 99 4.61 -36.40 -0.57
N ARG D 100 3.61 -36.20 -1.43
CA ARG D 100 3.02 -37.30 -2.18
C ARG D 100 4.03 -37.92 -3.14
N ALA D 101 4.80 -37.08 -3.83
CA ALA D 101 5.83 -37.57 -4.74
C ALA D 101 6.95 -38.29 -4.01
N LEU D 102 7.36 -37.76 -2.85
CA LEU D 102 8.42 -38.39 -2.06
C LEU D 102 7.97 -39.73 -1.49
N VAL D 103 6.76 -39.79 -0.96
CA VAL D 103 6.25 -41.03 -0.36
C VAL D 103 6.01 -42.09 -1.44
N LYS D 104 5.41 -41.69 -2.57
CA LYS D 104 5.19 -42.63 -3.66
C LYS D 104 6.50 -43.08 -4.31
N GLY D 105 7.53 -42.24 -4.26
CA GLY D 105 8.85 -42.69 -4.69
C GLY D 105 9.51 -43.61 -3.69
N LEU D 106 9.21 -43.43 -2.41
CA LEU D 106 9.72 -44.33 -1.39
C LEU D 106 8.92 -45.62 -1.27
N PHE D 107 7.81 -45.76 -2.00
CA PHE D 107 7.16 -47.06 -2.12
C PHE D 107 8.06 -48.07 -2.79
N GLU D 108 8.42 -47.83 -4.07
CA GLU D 108 9.19 -48.80 -4.83
C GLU D 108 10.66 -48.84 -4.45
N LEU D 109 11.15 -47.89 -3.67
CA LEU D 109 12.56 -47.89 -3.28
C LEU D 109 12.77 -48.98 -2.23
N GLU D 110 13.42 -50.06 -2.64
CA GLU D 110 13.63 -51.20 -1.75
C GLU D 110 14.82 -50.91 -0.84
N ASP D 111 14.57 -50.90 0.47
CA ASP D 111 15.63 -50.71 1.46
C ASP D 111 15.15 -51.35 2.76
N ALA D 112 16.09 -51.53 3.69
CA ALA D 112 15.78 -52.13 4.98
C ALA D 112 15.39 -51.12 6.04
N THR D 113 15.75 -49.85 5.88
CA THR D 113 15.40 -48.83 6.86
C THR D 113 14.07 -48.17 6.57
N ILE D 114 13.44 -48.47 5.44
CA ILE D 114 12.18 -47.85 5.06
C ILE D 114 11.05 -48.78 5.51
N GLY D 115 10.34 -48.36 6.56
CA GLY D 115 9.18 -49.10 7.02
C GLY D 115 7.99 -48.84 6.12
N LYS D 116 7.56 -49.86 5.38
CA LYS D 116 6.57 -49.67 4.33
C LYS D 116 5.18 -49.39 4.87
N ASP D 117 4.86 -49.81 6.09
CA ASP D 117 3.52 -49.58 6.62
C ASP D 117 3.32 -48.12 7.00
N LYS D 118 4.35 -47.48 7.56
CA LYS D 118 4.25 -46.06 7.90
C LYS D 118 4.23 -45.19 6.64
N ILE D 119 4.99 -45.59 5.62
CA ILE D 119 4.99 -44.89 4.35
C ILE D 119 3.64 -45.05 3.64
N HIS D 120 3.03 -46.23 3.76
CA HIS D 120 1.72 -46.45 3.14
C HIS D 120 0.62 -45.68 3.87
N ARG D 121 0.70 -45.62 5.20
CA ARG D 121 -0.25 -44.82 5.96
C ARG D 121 -0.08 -43.33 5.69
N LEU D 122 1.17 -42.89 5.48
CA LEU D 122 1.41 -41.51 5.09
C LEU D 122 0.86 -41.22 3.70
N TYR D 123 0.91 -42.19 2.79
CA TYR D 123 0.32 -41.99 1.47
C TYR D 123 -1.20 -41.94 1.54
N ILE D 124 -1.80 -42.74 2.43
CA ILE D 124 -3.25 -42.69 2.61
C ILE D 124 -3.67 -41.36 3.22
N LEU D 125 -2.86 -40.84 4.16
CA LEU D 125 -3.17 -39.54 4.76
C LEU D 125 -2.92 -38.39 3.78
N LEU D 126 -1.99 -38.55 2.84
CA LEU D 126 -1.72 -37.49 1.88
C LEU D 126 -2.74 -37.48 0.75
N THR D 127 -3.16 -38.66 0.29
CA THR D 127 -4.11 -38.78 -0.81
C THR D 127 -5.56 -38.81 -0.34
N LYS D 128 -5.85 -38.29 0.85
CA LYS D 128 -7.21 -38.27 1.37
C LYS D 128 -7.85 -36.93 1.04
N LYS D 129 -8.94 -36.98 0.27
CA LYS D 129 -9.65 -35.75 -0.09
C LYS D 129 -10.49 -35.20 1.05
N GLU D 130 -10.90 -36.05 1.98
CA GLU D 130 -11.59 -35.59 3.16
C GLU D 130 -10.61 -34.86 4.08
N PRO D 131 -11.09 -33.88 4.85
CA PRO D 131 -10.20 -33.19 5.79
C PRO D 131 -9.82 -34.11 6.95
N LEU D 132 -8.59 -33.94 7.41
CA LEU D 132 -8.03 -34.85 8.41
C LEU D 132 -8.57 -34.51 9.80
N SER D 133 -8.98 -35.54 10.53
CA SER D 133 -9.45 -35.38 11.89
C SER D 133 -8.29 -35.01 12.81
N PRO D 134 -8.57 -34.42 13.98
CA PRO D 134 -7.49 -34.16 14.95
C PRO D 134 -6.82 -35.42 15.49
N THR D 135 -7.47 -36.58 15.41
CA THR D 135 -6.79 -37.83 15.72
C THR D 135 -5.93 -38.33 14.57
N GLU D 136 -6.18 -37.85 13.35
CA GLU D 136 -5.36 -38.20 12.20
C GLU D 136 -4.39 -37.12 11.78
N TYR D 137 -4.58 -35.88 12.25
CA TYR D 137 -3.62 -34.82 11.93
C TYR D 137 -2.33 -35.00 12.71
N GLU D 138 -2.42 -35.45 13.95
CA GLU D 138 -1.20 -35.69 14.74
C GLU D 138 -0.47 -36.93 14.26
N GLU D 139 -1.21 -37.93 13.78
CA GLU D 139 -0.60 -39.08 13.12
C GLU D 139 0.09 -38.64 11.83
N TYR D 140 -0.50 -37.67 11.13
CA TYR D 140 0.12 -37.11 9.92
C TYR D 140 1.42 -36.39 10.24
N LEU D 141 1.44 -35.62 11.34
CA LEU D 141 2.66 -34.94 11.75
C LEU D 141 3.73 -35.93 12.19
N ARG D 142 3.32 -37.00 12.88
CA ARG D 142 4.27 -38.02 13.32
C ARG D 142 4.87 -38.77 12.13
N LEU D 143 4.05 -39.11 11.14
CA LEU D 143 4.56 -39.79 9.95
C LEU D 143 5.40 -38.85 9.10
N LYS D 144 5.09 -37.55 9.11
CA LYS D 144 5.92 -36.58 8.40
C LYS D 144 7.30 -36.45 9.04
N ARG D 145 7.35 -36.36 10.37
CA ARG D 145 8.66 -36.25 11.02
C ARG D 145 9.43 -37.57 10.97
N TYR D 146 8.73 -38.70 10.89
CA TYR D 146 9.40 -39.97 10.62
C TYR D 146 9.97 -40.00 9.21
N LEU D 147 9.23 -39.44 8.25
CA LEU D 147 9.69 -39.38 6.86
C LEU D 147 10.93 -38.51 6.74
N TRP D 148 10.94 -37.36 7.41
CA TRP D 148 12.10 -36.48 7.33
C TRP D 148 13.26 -36.96 8.19
N GLU D 149 12.99 -37.80 9.20
CA GLU D 149 14.07 -38.52 9.87
C GLU D 149 14.64 -39.62 8.99
N LEU D 150 13.80 -40.18 8.10
CA LEU D 150 14.23 -41.29 7.26
C LEU D 150 15.15 -40.81 6.14
N VAL D 151 14.73 -39.78 5.39
CA VAL D 151 15.52 -39.33 4.24
C VAL D 151 16.76 -38.54 4.63
N GLY D 152 16.92 -38.18 5.89
CA GLY D 152 18.15 -37.59 6.38
C GLY D 152 19.26 -38.57 6.65
N GLY D 153 19.00 -39.87 6.45
CA GLY D 153 20.01 -40.90 6.61
C GLY D 153 20.12 -41.77 5.38
N LEU D 154 19.16 -41.61 4.46
CA LEU D 154 19.20 -42.36 3.21
C LEU D 154 20.34 -41.86 2.32
N PRO D 155 20.98 -42.73 1.57
CA PRO D 155 22.07 -42.29 0.68
C PRO D 155 21.55 -41.58 -0.55
N LYS D 156 22.46 -40.88 -1.22
CA LYS D 156 22.09 -40.07 -2.38
C LYS D 156 21.76 -40.94 -3.59
N ASP D 157 22.49 -42.04 -3.77
CA ASP D 157 22.32 -42.85 -4.97
C ASP D 157 21.05 -43.71 -4.95
N LYS D 158 20.35 -43.77 -3.82
CA LYS D 158 19.05 -44.43 -3.78
C LYS D 158 17.90 -43.44 -3.96
N LEU D 159 18.03 -42.23 -3.42
CA LEU D 159 17.04 -41.18 -3.61
C LEU D 159 17.14 -40.52 -4.99
N LYS D 160 18.19 -40.80 -5.76
CA LYS D 160 18.42 -40.09 -7.01
C LYS D 160 17.41 -40.47 -8.09
N ASN D 161 16.86 -41.68 -8.03
CA ASN D 161 15.90 -42.16 -9.03
C ASN D 161 14.68 -42.73 -8.31
N LEU D 162 13.71 -41.86 -8.01
CA LEU D 162 12.43 -42.31 -7.52
C LEU D 162 11.58 -42.78 -8.70
N THR D 163 10.76 -43.81 -8.47
CA THR D 163 10.20 -44.58 -9.59
C THR D 163 9.13 -43.83 -10.37
N PRO D 164 8.03 -43.27 -9.76
CA PRO D 164 7.05 -42.58 -10.61
C PRO D 164 7.51 -41.19 -11.03
N LYS D 165 6.62 -40.44 -11.67
CA LYS D 165 6.90 -39.04 -11.99
C LYS D 165 5.64 -38.22 -11.70
N PHE D 166 5.81 -37.18 -10.89
CA PHE D 166 4.72 -36.32 -10.48
C PHE D 166 4.89 -34.94 -11.09
N TYR D 167 3.80 -34.38 -11.61
CA TYR D 167 3.85 -33.12 -12.32
C TYR D 167 2.93 -32.10 -11.66
N LEU D 168 3.38 -30.85 -11.65
CA LEU D 168 2.59 -29.72 -11.17
C LEU D 168 2.60 -28.66 -12.25
N ILE D 169 1.49 -28.51 -12.96
CA ILE D 169 1.38 -27.49 -14.00
C ILE D 169 0.86 -26.22 -13.34
N ILE D 170 1.70 -25.19 -13.32
CA ILE D 170 1.33 -23.89 -12.77
C ILE D 170 1.05 -22.99 -13.97
N ASP D 171 -0.22 -22.94 -14.37
CA ASP D 171 -0.60 -22.06 -15.48
C ASP D 171 -0.62 -20.62 -15.02
N GLU D 172 -0.17 -19.72 -15.90
CA GLU D 172 -0.02 -18.28 -15.65
C GLU D 172 0.80 -18.05 -14.38
N ILE D 173 2.01 -18.61 -14.39
CA ILE D 173 2.86 -18.62 -13.20
C ILE D 173 3.35 -17.22 -12.87
N ASN D 174 3.42 -16.34 -13.87
CA ASN D 174 3.92 -15.00 -13.66
C ASN D 174 2.87 -14.03 -13.12
N ARG D 175 1.62 -14.46 -13.00
CA ARG D 175 0.57 -13.58 -12.52
C ARG D 175 0.63 -13.36 -11.01
N GLY D 176 1.21 -14.29 -10.27
CA GLY D 176 1.46 -14.10 -8.86
C GLY D 176 2.90 -13.67 -8.63
N ASN D 177 3.15 -13.12 -7.44
CA ASN D 177 4.51 -12.80 -7.04
C ASN D 177 5.23 -14.11 -6.75
N ILE D 178 6.02 -14.57 -7.73
CA ILE D 178 6.55 -15.93 -7.68
C ILE D 178 7.61 -16.06 -6.60
N SER D 179 8.45 -15.02 -6.42
CA SER D 179 9.49 -15.07 -5.40
C SER D 179 8.92 -14.99 -3.99
N LYS D 180 7.69 -14.50 -3.84
CA LYS D 180 7.01 -14.52 -2.55
C LYS D 180 6.26 -15.82 -2.33
N ILE D 181 5.63 -16.35 -3.39
CA ILE D 181 4.91 -17.61 -3.28
C ILE D 181 5.88 -18.78 -3.13
N PHE D 182 6.91 -18.82 -3.97
CA PHE D 182 7.98 -19.82 -3.82
C PHE D 182 8.84 -19.34 -2.67
N GLY D 183 8.46 -19.70 -1.45
CA GLY D 183 9.21 -19.23 -0.30
C GLY D 183 10.58 -19.88 -0.18
N GLU D 184 10.59 -21.16 0.14
CA GLU D 184 11.83 -21.94 0.21
C GLU D 184 12.13 -22.67 -1.09
N LEU D 185 11.29 -22.50 -2.10
CA LEU D 185 11.46 -23.14 -3.40
C LEU D 185 12.39 -22.36 -4.33
N ILE D 186 12.96 -21.24 -3.88
CA ILE D 186 14.03 -20.65 -4.67
C ILE D 186 15.28 -21.52 -4.55
N THR D 187 15.51 -22.09 -3.39
CA THR D 187 16.67 -22.93 -3.14
C THR D 187 16.45 -24.37 -3.55
N LEU D 188 15.29 -24.92 -3.23
CA LEU D 188 15.07 -26.36 -3.30
C LEU D 188 14.69 -26.85 -4.68
N LEU D 189 14.23 -25.96 -5.57
CA LEU D 189 13.72 -26.43 -6.85
C LEU D 189 14.83 -26.81 -7.82
N GLU D 190 16.06 -26.35 -7.58
CA GLU D 190 17.16 -26.67 -8.47
C GLU D 190 17.47 -28.16 -8.41
N LYS D 191 17.74 -28.75 -9.59
CA LYS D 191 17.89 -30.20 -9.71
C LYS D 191 19.10 -30.71 -8.95
N ASP D 192 20.14 -29.89 -8.82
CA ASP D 192 21.28 -30.23 -8.00
C ASP D 192 21.04 -29.99 -6.52
N LYS D 193 19.89 -29.40 -6.15
CA LYS D 193 19.54 -29.17 -4.74
C LYS D 193 18.36 -30.01 -4.28
N ARG D 194 17.86 -30.91 -5.11
CA ARG D 194 16.75 -31.75 -4.70
C ARG D 194 17.28 -32.96 -3.92
N LEU D 195 16.36 -33.86 -3.54
CA LEU D 195 16.75 -35.04 -2.80
C LEU D 195 17.50 -36.01 -3.69
N GLY D 196 18.58 -36.58 -3.16
CA GLY D 196 19.44 -37.43 -3.96
C GLY D 196 20.36 -36.70 -4.92
N GLY D 197 20.31 -35.37 -4.95
CA GLY D 197 21.19 -34.60 -5.79
C GLY D 197 22.60 -34.55 -5.24
N GLU D 198 23.48 -33.92 -6.03
CA GLU D 198 24.89 -33.84 -5.63
C GLU D 198 25.09 -32.88 -4.45
N ASN D 199 24.23 -31.87 -4.31
CA ASN D 199 24.25 -30.97 -3.16
C ASN D 199 22.84 -30.95 -2.58
N GLN D 200 22.52 -31.91 -1.72
CA GLN D 200 21.16 -32.10 -1.26
C GLN D 200 20.85 -31.11 -0.16
N LEU D 201 19.82 -30.29 -0.36
CA LEU D 201 19.38 -29.30 0.61
C LEU D 201 18.06 -29.75 1.24
N ILE D 202 17.95 -29.54 2.55
CA ILE D 202 16.72 -29.78 3.30
C ILE D 202 16.52 -28.54 4.18
N VAL D 203 15.59 -27.67 3.79
CA VAL D 203 15.40 -26.41 4.51
C VAL D 203 14.55 -26.66 5.76
N ARG D 204 14.49 -25.66 6.63
CA ARG D 204 13.63 -25.67 7.80
C ARG D 204 12.49 -24.69 7.56
N LEU D 205 11.27 -25.19 7.53
CA LEU D 205 10.12 -24.35 7.23
C LEU D 205 9.73 -23.53 8.46
N PRO D 206 9.36 -22.26 8.29
CA PRO D 206 9.15 -21.39 9.45
C PRO D 206 7.87 -21.68 10.24
N TYR D 207 6.78 -21.99 9.55
CA TYR D 207 5.49 -22.14 10.23
C TYR D 207 5.42 -23.46 10.99
N SER D 208 5.69 -24.57 10.32
CA SER D 208 5.61 -25.87 10.99
C SER D 208 6.83 -26.11 11.89
N GLY D 209 7.98 -25.57 11.54
CA GLY D 209 9.21 -25.94 12.22
C GLY D 209 9.72 -27.31 11.86
N GLU D 210 9.19 -27.92 10.82
CA GLU D 210 9.44 -29.22 10.21
C GLU D 210 10.29 -29.07 8.96
N PRO D 211 11.25 -29.96 8.75
CA PRO D 211 12.11 -29.86 7.56
C PRO D 211 11.36 -30.25 6.30
N PHE D 212 11.94 -29.85 5.16
CA PHE D 212 11.28 -30.02 3.87
C PHE D 212 12.32 -29.97 2.76
N ALA D 213 12.12 -30.80 1.74
CA ALA D 213 13.00 -30.85 0.58
C ALA D 213 12.20 -31.37 -0.60
N VAL D 214 12.41 -30.79 -1.77
CA VAL D 214 11.70 -31.22 -2.97
C VAL D 214 12.32 -32.53 -3.45
N PRO D 215 11.51 -33.56 -3.71
CA PRO D 215 12.04 -34.80 -4.28
C PRO D 215 12.41 -34.61 -5.73
N PRO D 216 13.23 -35.50 -6.31
CA PRO D 216 13.44 -35.47 -7.77
C PRO D 216 12.28 -36.09 -8.53
N ASN D 217 11.34 -36.69 -7.80
CA ASN D 217 10.11 -37.23 -8.38
C ASN D 217 9.24 -36.16 -9.02
N LEU D 218 9.30 -34.94 -8.49
CA LEU D 218 8.31 -33.91 -8.81
C LEU D 218 8.87 -32.92 -9.83
N TYR D 219 8.10 -32.66 -10.89
CA TYR D 219 8.44 -31.71 -11.93
C TYR D 219 7.39 -30.62 -12.03
N ILE D 220 7.81 -29.44 -12.45
CA ILE D 220 6.94 -28.26 -12.55
C ILE D 220 6.96 -27.76 -13.98
N ILE D 221 5.78 -27.57 -14.56
CA ILE D 221 5.64 -26.98 -15.89
C ILE D 221 4.86 -25.69 -15.73
N GLY D 222 5.56 -24.57 -15.67
CA GLY D 222 4.88 -23.29 -15.68
C GLY D 222 4.55 -22.84 -17.09
N THR D 223 3.47 -22.08 -17.20
CA THR D 223 3.17 -21.35 -18.42
C THR D 223 3.11 -19.86 -18.08
N MET D 224 3.41 -19.02 -19.05
CA MET D 224 3.64 -17.60 -18.74
C MET D 224 3.26 -16.76 -19.94
N ASN D 225 2.42 -15.75 -19.70
CA ASN D 225 2.19 -14.71 -20.69
C ASN D 225 3.31 -13.69 -20.62
N THR D 226 3.86 -13.35 -21.78
CA THR D 226 4.89 -12.33 -21.88
C THR D 226 4.41 -11.06 -22.55
N ALA D 227 3.14 -10.98 -22.94
CA ALA D 227 2.61 -9.74 -23.48
C ALA D 227 2.49 -8.66 -22.42
N ASP D 228 2.11 -9.04 -21.20
CA ASP D 228 1.97 -8.09 -20.10
C ASP D 228 3.31 -8.00 -19.38
N ARG D 229 3.90 -6.80 -19.40
CA ARG D 229 5.19 -6.57 -18.77
C ARG D 229 5.07 -6.14 -17.31
N SER D 230 3.86 -5.86 -16.83
CA SER D 230 3.67 -5.57 -15.42
C SER D 230 3.81 -6.83 -14.56
N ILE D 231 3.63 -8.00 -15.16
CA ILE D 231 3.79 -9.26 -14.46
C ILE D 231 4.95 -10.04 -15.07
N ALA D 232 5.92 -9.33 -15.63
CA ALA D 232 7.06 -9.99 -16.25
C ALA D 232 7.96 -10.61 -15.19
N LEU D 233 8.47 -11.81 -15.47
CA LEU D 233 9.39 -12.49 -14.57
C LEU D 233 10.76 -11.84 -14.73
N LEU D 234 10.97 -10.77 -13.96
CA LEU D 234 12.22 -10.03 -13.98
C LEU D 234 13.23 -10.53 -12.97
N ASP D 235 12.83 -11.47 -12.10
CA ASP D 235 13.73 -12.01 -11.09
C ASP D 235 14.77 -12.89 -11.75
N VAL D 236 16.00 -12.38 -11.85
CA VAL D 236 17.10 -13.09 -12.50
C VAL D 236 17.49 -14.33 -11.72
N ALA D 237 17.35 -14.29 -10.39
CA ALA D 237 17.70 -15.45 -9.58
C ALA D 237 16.70 -16.58 -9.75
N LEU D 238 15.44 -16.26 -10.04
CA LEU D 238 14.41 -17.27 -10.22
C LEU D 238 14.38 -17.84 -11.63
N ARG D 239 14.88 -17.08 -12.61
CA ARG D 239 14.98 -17.61 -13.97
C ARG D 239 16.11 -18.61 -14.14
N ARG D 240 16.96 -18.78 -13.13
CA ARG D 240 18.02 -19.77 -13.20
C ARG D 240 17.51 -21.18 -12.92
N ARG D 241 16.43 -21.30 -12.16
CA ARG D 241 15.92 -22.61 -11.79
C ARG D 241 15.15 -23.27 -12.93
N PHE D 242 14.52 -22.46 -13.78
CA PHE D 242 13.66 -22.97 -14.84
C PHE D 242 14.41 -22.98 -16.17
N ALA D 243 13.98 -23.88 -17.06
CA ALA D 243 14.36 -23.81 -18.45
C ALA D 243 13.23 -23.12 -19.20
N PHE D 244 13.56 -22.15 -20.03
CA PHE D 244 12.56 -21.27 -20.62
C PHE D 244 12.35 -21.65 -22.09
N ILE D 245 11.21 -22.28 -22.36
CA ILE D 245 10.84 -22.66 -23.72
C ILE D 245 9.90 -21.60 -24.27
N GLU D 246 10.29 -20.97 -25.37
CA GLU D 246 9.42 -20.02 -26.05
C GLU D 246 8.51 -20.77 -26.99
N VAL D 247 7.21 -20.73 -26.71
CA VAL D 247 6.20 -21.26 -27.62
C VAL D 247 5.81 -20.10 -28.53
N GLU D 248 6.40 -20.05 -29.71
CA GLU D 248 6.16 -18.99 -30.67
C GLU D 248 4.82 -19.20 -31.37
N PRO D 249 4.27 -18.15 -31.99
CA PRO D 249 3.12 -18.37 -32.87
C PRO D 249 3.53 -19.17 -34.09
N ARG D 250 2.75 -20.20 -34.39
CA ARG D 250 3.02 -21.05 -35.54
C ARG D 250 1.94 -20.82 -36.60
N PRO D 251 2.18 -19.94 -37.58
CA PRO D 251 1.18 -19.73 -38.63
C PRO D 251 1.04 -20.92 -39.57
N GLU D 252 2.04 -21.81 -39.62
CA GLU D 252 1.99 -22.99 -40.46
C GLU D 252 0.96 -24.02 -40.00
N PHE D 253 0.40 -23.85 -38.79
CA PHE D 253 -0.76 -24.63 -38.38
C PHE D 253 -2.04 -24.20 -39.09
N LEU D 254 -2.05 -23.00 -39.68
CA LEU D 254 -3.22 -22.47 -40.37
C LEU D 254 -3.19 -22.76 -41.87
N GLU D 255 -2.24 -23.57 -42.33
CA GLU D 255 -2.30 -24.08 -43.69
C GLU D 255 -3.47 -25.05 -43.81
N LYS D 256 -4.01 -25.15 -45.04
CA LYS D 256 -5.27 -25.87 -45.25
C LYS D 256 -5.15 -27.37 -45.02
N GLU D 257 -3.95 -27.92 -45.10
CA GLU D 257 -3.75 -29.32 -44.73
C GLU D 257 -3.51 -29.47 -43.24
N ASN D 258 -2.75 -28.55 -42.64
CA ASN D 258 -2.51 -28.60 -41.21
C ASN D 258 -3.76 -28.24 -40.41
N LEU D 259 -4.62 -27.39 -40.96
CA LEU D 259 -5.88 -27.07 -40.30
C LEU D 259 -6.82 -28.27 -40.29
N LYS D 260 -6.73 -29.13 -41.30
CA LYS D 260 -7.52 -30.35 -41.31
C LYS D 260 -6.87 -31.46 -40.48
N LYS D 261 -5.54 -31.45 -40.38
CA LYS D 261 -4.86 -32.44 -39.56
C LYS D 261 -4.99 -32.13 -38.07
N ILE D 262 -5.13 -30.85 -37.71
CA ILE D 262 -5.26 -30.48 -36.30
C ILE D 262 -6.69 -30.66 -35.83
N ARG D 263 -7.67 -30.20 -36.63
CA ARG D 263 -9.07 -30.26 -36.23
C ARG D 263 -9.67 -31.66 -36.31
N GLU D 264 -8.99 -32.61 -36.92
CA GLU D 264 -9.42 -34.00 -36.94
C GLU D 264 -8.67 -34.87 -35.94
N LYS D 265 -7.72 -34.31 -35.21
CA LYS D 265 -7.03 -35.03 -34.15
C LYS D 265 -7.77 -34.96 -32.83
N LYS D 266 -8.92 -34.28 -32.79
CA LYS D 266 -9.77 -34.22 -31.61
C LYS D 266 -11.07 -34.99 -31.77
N LEU D 267 -11.59 -35.10 -32.99
CA LEU D 267 -12.78 -35.87 -33.29
C LEU D 267 -12.39 -37.16 -33.99
N LYS D 268 -13.19 -38.21 -33.78
CA LYS D 268 -12.94 -39.53 -34.34
C LYS D 268 -14.09 -40.06 -35.18
N THR D 269 -15.19 -39.32 -35.29
CA THR D 269 -16.42 -39.84 -35.87
C THR D 269 -16.45 -39.64 -37.38
N GLU D 270 -17.62 -39.86 -37.98
CA GLU D 270 -17.78 -39.74 -39.43
C GLU D 270 -17.75 -38.28 -39.88
N ASP D 271 -18.28 -37.37 -39.05
CA ASP D 271 -18.45 -35.96 -39.38
C ASP D 271 -17.13 -35.20 -39.57
N ARG D 272 -15.97 -35.86 -39.42
CA ARG D 272 -14.72 -35.31 -39.91
C ARG D 272 -14.78 -35.01 -41.40
N LYS D 273 -15.52 -35.82 -42.18
CA LYS D 273 -15.70 -35.45 -43.59
C LYS D 273 -16.55 -34.19 -43.71
N ARG D 274 -17.46 -33.95 -42.77
CA ARG D 274 -18.16 -32.67 -42.67
C ARG D 274 -17.18 -31.55 -42.34
N LEU D 275 -16.11 -31.87 -41.61
CA LEU D 275 -15.02 -30.93 -41.40
C LEU D 275 -14.28 -30.63 -42.69
N ASN D 276 -14.19 -31.62 -43.59
CA ASN D 276 -13.28 -31.51 -44.73
C ASN D 276 -13.81 -30.55 -45.78
N GLU D 277 -15.01 -30.80 -46.30
CA GLU D 277 -15.58 -29.97 -47.36
C GLU D 277 -15.87 -28.56 -46.88
N LYS D 278 -16.26 -28.42 -45.60
CA LYS D 278 -16.42 -27.09 -45.00
C LYS D 278 -15.11 -26.32 -44.97
N LEU D 279 -13.98 -27.02 -44.85
CA LEU D 279 -12.70 -26.36 -45.05
C LEU D 279 -12.47 -26.03 -46.51
N ASN D 280 -12.87 -26.94 -47.41
CA ASN D 280 -12.70 -26.70 -48.84
C ASN D 280 -13.65 -25.64 -49.35
N GLU D 281 -14.79 -25.44 -48.68
CA GLU D 281 -15.63 -24.29 -48.97
C GLU D 281 -14.96 -23.01 -48.48
N LEU D 282 -14.14 -23.10 -47.43
CA LEU D 282 -13.45 -21.92 -46.91
C LEU D 282 -12.36 -21.44 -47.86
N PHE D 283 -11.39 -22.31 -48.16
CA PHE D 283 -10.21 -21.88 -48.90
C PHE D 283 -10.49 -21.68 -50.39
N SER D 284 -11.64 -22.11 -50.88
CA SER D 284 -12.04 -21.73 -52.23
C SER D 284 -12.54 -20.29 -52.26
N LYS D 285 -13.09 -19.79 -51.15
CA LYS D 285 -13.52 -18.41 -51.08
C LYS D 285 -12.39 -17.44 -50.77
N LEU D 286 -11.31 -17.93 -50.17
CA LEU D 286 -10.15 -17.09 -49.86
C LEU D 286 -9.28 -16.82 -51.08
N GLY D 287 -9.55 -17.45 -52.21
CA GLY D 287 -8.81 -17.17 -53.43
C GLY D 287 -8.03 -18.38 -53.93
N ASN D 288 -8.48 -19.57 -53.55
CA ASN D 288 -7.79 -20.85 -53.80
C ASN D 288 -6.35 -20.82 -53.30
N ASP D 289 -6.16 -20.22 -52.13
CA ASP D 289 -4.86 -20.07 -51.50
C ASP D 289 -4.86 -20.98 -50.27
N ASN D 290 -4.04 -22.02 -50.30
CA ASN D 290 -3.92 -22.91 -49.16
C ASN D 290 -3.13 -22.30 -48.01
N TYR D 291 -2.39 -21.21 -48.26
CA TYR D 291 -1.62 -20.52 -47.24
C TYR D 291 -2.17 -19.12 -46.98
N PHE D 292 -3.50 -18.98 -46.99
CA PHE D 292 -4.10 -17.66 -46.79
C PHE D 292 -4.00 -17.23 -45.32
N LEU D 293 -4.50 -18.06 -44.42
CA LEU D 293 -4.43 -17.73 -42.99
C LEU D 293 -3.00 -17.80 -42.47
N LYS D 294 -2.17 -18.68 -43.05
CA LYS D 294 -0.77 -18.78 -42.67
C LYS D 294 -0.03 -17.50 -42.98
N THR D 295 -0.13 -17.01 -44.22
CA THR D 295 0.55 -15.78 -44.59
C THR D 295 -0.10 -14.57 -43.95
N LEU D 296 -1.40 -14.64 -43.66
CA LEU D 296 -2.07 -13.55 -42.96
C LEU D 296 -1.53 -13.38 -41.54
N LEU D 297 -1.47 -14.49 -40.78
CA LEU D 297 -0.93 -14.43 -39.43
C LEU D 297 0.56 -14.12 -39.43
N GLU D 298 1.30 -14.61 -40.43
CA GLU D 298 2.73 -14.34 -40.51
C GLU D 298 3.00 -12.86 -40.78
N LYS D 299 2.27 -12.27 -41.74
CA LYS D 299 2.43 -10.84 -42.03
C LYS D 299 2.00 -9.98 -40.85
N ILE D 300 0.89 -10.32 -40.20
CA ILE D 300 0.41 -9.53 -39.07
C ILE D 300 1.36 -9.63 -37.89
N ASN D 301 1.94 -10.81 -37.65
CA ASN D 301 2.91 -10.95 -36.58
C ASN D 301 4.21 -10.23 -36.88
N VAL D 302 4.62 -10.15 -38.15
CA VAL D 302 5.79 -9.36 -38.50
C VAL D 302 5.53 -7.87 -38.28
N ARG D 303 4.31 -7.41 -38.61
CA ARG D 303 3.94 -6.01 -38.36
C ARG D 303 3.94 -5.68 -36.88
N ILE D 304 3.34 -6.57 -36.07
CA ILE D 304 3.30 -6.37 -34.62
C ILE D 304 4.70 -6.42 -34.02
N THR D 305 5.55 -7.32 -34.54
CA THR D 305 6.93 -7.42 -34.08
C THR D 305 7.74 -6.18 -34.40
N VAL D 306 7.47 -5.54 -35.55
CA VAL D 306 8.26 -4.35 -35.88
C VAL D 306 7.70 -3.05 -35.29
N VAL D 307 6.41 -2.98 -34.95
CA VAL D 307 5.86 -1.76 -34.36
C VAL D 307 5.57 -1.88 -32.87
N LYS D 308 5.61 -3.07 -32.30
CA LYS D 308 5.49 -3.26 -30.85
C LYS D 308 6.49 -4.39 -30.52
N ASP D 309 6.34 -5.01 -29.35
CA ASP D 309 7.23 -6.10 -28.97
C ASP D 309 6.93 -7.35 -29.79
N ARG D 310 7.87 -8.29 -29.72
CA ARG D 310 7.68 -9.61 -30.31
C ARG D 310 6.83 -10.52 -29.43
N ASP D 311 6.56 -10.11 -28.21
CA ASP D 311 5.71 -10.85 -27.29
C ASP D 311 4.24 -10.47 -27.41
N HIS D 312 3.92 -9.52 -28.28
CA HIS D 312 2.54 -9.12 -28.53
C HIS D 312 1.99 -9.73 -29.81
N ARG D 313 2.67 -10.73 -30.36
CA ARG D 313 2.23 -11.35 -31.61
C ARG D 313 0.93 -12.10 -31.42
N ILE D 314 0.15 -12.17 -32.50
CA ILE D 314 -1.16 -12.81 -32.44
C ILE D 314 -0.95 -14.32 -32.47
N GLY D 315 -1.49 -15.01 -31.47
CA GLY D 315 -1.41 -16.46 -31.46
C GLY D 315 -2.30 -17.09 -32.51
N HIS D 316 -2.02 -18.36 -32.79
CA HIS D 316 -2.77 -19.07 -33.81
C HIS D 316 -4.07 -19.67 -33.28
N SER D 317 -4.36 -19.51 -32.00
CA SER D 317 -5.60 -20.05 -31.45
C SER D 317 -6.82 -19.24 -31.85
N TYR D 318 -6.63 -18.01 -32.32
CA TYR D 318 -7.74 -17.23 -32.84
C TYR D 318 -8.29 -17.87 -34.12
N PHE D 319 -7.41 -18.35 -34.98
CA PHE D 319 -7.80 -18.85 -36.30
C PHE D 319 -7.81 -20.38 -36.38
N LEU D 320 -7.54 -21.08 -35.27
CA LEU D 320 -7.58 -22.53 -35.30
C LEU D 320 -9.00 -23.05 -35.40
N ASN D 321 -9.96 -22.34 -34.83
CA ASN D 321 -11.36 -22.73 -34.87
C ASN D 321 -12.10 -22.11 -36.06
N VAL D 322 -11.39 -21.44 -36.96
CA VAL D 322 -12.00 -20.92 -38.17
C VAL D 322 -12.27 -22.08 -39.12
N GLU D 323 -13.54 -22.30 -39.44
CA GLU D 323 -13.93 -23.36 -40.36
C GLU D 323 -14.73 -22.88 -41.55
N THR D 324 -15.30 -21.68 -41.51
CA THR D 324 -15.94 -21.08 -42.66
C THR D 324 -15.53 -19.61 -42.73
N VAL D 325 -16.06 -18.91 -43.73
CA VAL D 325 -15.67 -17.52 -43.93
C VAL D 325 -16.36 -16.61 -42.91
N GLU D 326 -17.56 -16.98 -42.44
CA GLU D 326 -18.23 -16.19 -41.41
C GLU D 326 -17.53 -16.34 -40.06
N ASP D 327 -16.96 -17.50 -39.78
CA ASP D 327 -16.17 -17.65 -38.55
C ASP D 327 -14.88 -16.84 -38.62
N LEU D 328 -14.27 -16.75 -39.81
CA LEU D 328 -13.10 -15.89 -39.98
C LEU D 328 -13.47 -14.42 -39.83
N HIS D 329 -14.67 -14.05 -40.29
CA HIS D 329 -15.15 -12.68 -40.12
C HIS D 329 -15.41 -12.36 -38.66
N HIS D 330 -15.96 -13.32 -37.92
CA HIS D 330 -16.20 -13.13 -36.49
C HIS D 330 -14.89 -13.04 -35.70
N VAL D 331 -13.93 -13.90 -36.04
CA VAL D 331 -12.62 -13.90 -35.39
C VAL D 331 -11.89 -12.59 -35.69
N TRP D 332 -12.06 -12.08 -36.91
CA TRP D 332 -11.39 -10.84 -37.27
C TRP D 332 -12.02 -9.64 -36.57
N TYR D 333 -13.34 -9.53 -36.60
CA TYR D 333 -13.97 -8.30 -36.12
C TYR D 333 -14.25 -8.30 -34.63
N TYR D 334 -14.24 -9.45 -33.96
CA TYR D 334 -14.53 -9.48 -32.54
C TYR D 334 -13.42 -10.07 -31.69
N GLU D 335 -12.31 -10.47 -32.28
CA GLU D 335 -11.23 -10.97 -31.43
C GLU D 335 -9.90 -10.26 -31.67
N VAL D 336 -9.53 -9.99 -32.92
CA VAL D 336 -8.22 -9.40 -33.20
C VAL D 336 -8.30 -7.93 -33.59
N LEU D 337 -9.41 -7.45 -34.13
CA LEU D 337 -9.52 -6.01 -34.37
C LEU D 337 -9.77 -5.23 -33.08
N PRO D 338 -10.58 -5.70 -32.11
CA PRO D 338 -10.49 -5.08 -30.77
C PRO D 338 -9.14 -5.24 -30.13
N LEU D 339 -8.44 -6.34 -30.41
CA LEU D 339 -7.09 -6.52 -29.87
C LEU D 339 -6.11 -5.54 -30.50
N LEU D 340 -6.23 -5.29 -31.80
CA LEU D 340 -5.35 -4.32 -32.44
C LEU D 340 -5.69 -2.89 -32.03
N MET D 341 -6.98 -2.60 -31.80
CA MET D 341 -7.34 -1.27 -31.32
C MET D 341 -6.99 -1.09 -29.85
N GLU D 342 -6.81 -2.18 -29.10
CA GLU D 342 -6.31 -2.09 -27.73
C GLU D 342 -4.80 -1.99 -27.69
N TYR D 343 -4.12 -2.59 -28.67
CA TYR D 343 -2.67 -2.43 -28.80
C TYR D 343 -2.30 -0.99 -29.07
N PHE D 344 -2.91 -0.41 -30.10
CA PHE D 344 -2.61 0.94 -30.56
C PHE D 344 -3.85 1.79 -30.30
N TYR D 345 -3.93 2.33 -29.10
CA TYR D 345 -5.07 3.17 -28.74
C TYR D 345 -4.81 4.57 -29.27
N ASN D 346 -5.72 5.04 -30.14
CA ASN D 346 -5.70 6.34 -30.81
C ASN D 346 -4.51 6.55 -31.73
N ASP D 347 -3.71 5.52 -31.99
CA ASP D 347 -2.57 5.63 -32.88
C ASP D 347 -3.01 5.01 -34.20
N TRP D 348 -3.77 5.80 -34.97
CA TRP D 348 -4.43 5.30 -36.16
C TRP D 348 -3.46 4.98 -37.28
N GLU D 349 -2.31 5.66 -37.30
CA GLU D 349 -1.32 5.39 -38.35
C GLU D 349 -0.63 4.04 -38.14
N THR D 350 -0.38 3.67 -36.88
CA THR D 350 0.30 2.41 -36.62
C THR D 350 -0.61 1.20 -36.87
N ILE D 351 -1.87 1.28 -36.42
CA ILE D 351 -2.82 0.21 -36.72
C ILE D 351 -3.18 0.22 -38.21
N LYS D 352 -3.11 1.39 -38.85
CA LYS D 352 -3.27 1.49 -40.28
C LYS D 352 -2.12 0.80 -41.02
N TRP D 353 -0.92 0.86 -40.46
CA TRP D 353 0.24 0.27 -41.12
C TRP D 353 0.38 -1.21 -40.80
N VAL D 354 -0.18 -1.67 -39.68
CA VAL D 354 -0.19 -3.09 -39.37
C VAL D 354 -1.04 -3.85 -40.38
N LEU D 355 -2.16 -3.26 -40.80
CA LEU D 355 -2.94 -3.82 -41.89
C LEU D 355 -2.49 -3.31 -43.25
N ASN D 356 -1.32 -2.66 -43.30
CA ASN D 356 -0.67 -2.02 -44.48
C ASN D 356 -1.66 -1.29 -45.40
N GLU D 357 -2.51 -0.49 -44.78
CA GLU D 357 -3.46 0.35 -45.48
C GLU D 357 -3.22 1.82 -45.12
N LYS D 358 -1.94 2.18 -44.96
CA LYS D 358 -1.55 3.48 -44.43
C LYS D 358 -1.90 4.62 -45.36
N GLY D 359 -1.95 4.37 -46.67
CA GLY D 359 -2.34 5.40 -47.61
C GLY D 359 -3.82 5.35 -47.92
N LYS D 360 -4.40 4.15 -47.88
CA LYS D 360 -5.81 3.94 -48.22
C LYS D 360 -6.68 4.48 -47.10
N GLU D 361 -7.22 5.68 -47.30
CA GLU D 361 -8.08 6.32 -46.32
C GLU D 361 -9.56 6.19 -46.67
N HIS D 362 -9.91 5.44 -47.72
CA HIS D 362 -11.28 5.25 -48.13
C HIS D 362 -11.36 3.96 -48.95
N GLY D 363 -12.57 3.60 -49.33
CA GLY D 363 -12.79 2.40 -50.11
C GLY D 363 -13.14 1.21 -49.24
N ASN D 364 -12.89 0.03 -49.79
CA ASN D 364 -13.06 -1.23 -49.04
C ASN D 364 -11.85 -1.39 -48.12
N VAL D 365 -11.92 -0.70 -46.98
CA VAL D 365 -10.82 -0.64 -46.05
C VAL D 365 -11.39 -0.72 -44.64
N PHE D 366 -10.58 -1.24 -43.70
CA PHE D 366 -11.08 -1.53 -42.36
C PHE D 366 -11.34 -0.26 -41.57
N PHE D 367 -10.50 0.75 -41.75
CA PHE D 367 -10.63 2.02 -41.04
C PHE D 367 -10.78 3.13 -42.07
N GLU D 368 -12.01 3.50 -42.38
CA GLU D 368 -12.26 4.59 -43.31
C GLU D 368 -12.05 5.91 -42.60
N LYS D 369 -11.27 6.81 -43.22
CA LYS D 369 -11.00 8.10 -42.60
C LYS D 369 -12.24 8.98 -42.64
N LEU D 370 -12.57 9.59 -41.50
CA LEU D 370 -13.64 10.56 -41.44
C LEU D 370 -13.30 11.78 -42.30
N ARG D 371 -14.30 12.28 -43.02
CA ARG D 371 -14.09 13.40 -43.91
C ARG D 371 -13.83 14.71 -43.16
N LEU D 372 -14.23 14.78 -41.90
CA LEU D 372 -14.07 15.97 -41.08
C LEU D 372 -12.72 15.94 -40.36
N THR D 373 -12.18 17.13 -40.14
CA THR D 373 -10.82 17.30 -39.63
C THR D 373 -10.84 18.28 -38.45
N GLY D 374 -10.12 17.95 -37.39
CA GLY D 374 -10.10 18.73 -36.18
C GLY D 374 -9.48 20.12 -36.33
N PRO D 375 -9.58 20.94 -35.28
CA PRO D 375 -9.10 22.32 -35.41
C PRO D 375 -7.58 22.45 -35.36
N ASN D 376 -6.91 21.61 -34.57
CA ASN D 376 -5.46 21.63 -34.49
C ASN D 376 -4.80 20.74 -35.54
N GLY D 377 -5.56 20.23 -36.49
CA GLY D 377 -5.01 19.46 -37.59
C GLY D 377 -5.11 17.96 -37.46
N GLU D 378 -5.60 17.45 -36.33
CA GLU D 378 -5.68 16.01 -36.14
C GLU D 378 -6.83 15.41 -36.95
N GLU D 379 -6.62 14.17 -37.38
CA GLU D 379 -7.59 13.43 -38.17
C GLU D 379 -7.90 12.11 -37.48
N ALA D 380 -9.12 11.62 -37.68
CA ALA D 380 -9.55 10.38 -37.05
C ALA D 380 -10.09 9.42 -38.11
N TYR D 381 -10.20 8.16 -37.70
CA TYR D 381 -10.66 7.09 -38.56
C TYR D 381 -11.87 6.43 -37.92
N GLN D 382 -12.54 5.57 -38.69
CA GLN D 382 -13.77 4.93 -38.26
C GLN D 382 -13.73 3.47 -38.68
N LEU D 383 -14.05 2.58 -37.74
CA LEU D 383 -14.06 1.16 -38.01
C LEU D 383 -15.17 0.82 -38.99
N LYS D 384 -14.79 0.30 -40.16
CA LYS D 384 -15.73 -0.08 -41.19
C LYS D 384 -15.88 -1.59 -41.20
N VAL D 385 -17.11 -2.07 -41.17
CA VAL D 385 -17.41 -3.49 -41.16
C VAL D 385 -17.53 -3.96 -42.61
N LEU D 386 -16.70 -4.92 -42.99
CA LEU D 386 -16.67 -5.44 -44.36
C LEU D 386 -17.19 -6.86 -44.35
N GLU D 387 -18.11 -7.16 -45.26
CA GLU D 387 -18.70 -8.48 -45.36
C GLU D 387 -18.56 -9.00 -46.78
N GLY D 388 -18.54 -10.32 -46.91
CA GLY D 388 -18.48 -10.95 -48.22
C GLY D 388 -17.13 -10.87 -48.90
N ASP D 389 -17.13 -10.61 -50.20
CA ASP D 389 -15.90 -10.59 -50.97
C ASP D 389 -15.07 -9.34 -50.71
N ALA D 390 -15.68 -8.28 -50.21
CA ALA D 390 -14.89 -7.09 -49.87
C ALA D 390 -14.03 -7.33 -48.64
N PHE D 391 -14.50 -8.16 -47.71
CA PHE D 391 -13.70 -8.52 -46.54
C PHE D 391 -12.50 -9.38 -46.94
N ILE D 392 -12.70 -10.31 -47.88
CA ILE D 392 -11.60 -11.12 -48.36
C ILE D 392 -10.65 -10.28 -49.21
N GLY D 393 -11.17 -9.28 -49.93
CA GLY D 393 -10.30 -8.38 -50.66
C GLY D 393 -9.50 -7.47 -49.77
N ALA D 394 -10.04 -7.13 -48.59
CA ALA D 394 -9.27 -6.35 -47.62
C ALA D 394 -8.23 -7.23 -46.92
N LEU D 395 -8.56 -8.50 -46.68
CA LEU D 395 -7.58 -9.42 -46.10
C LEU D 395 -6.48 -9.79 -47.09
N LYS D 396 -6.77 -9.77 -48.39
CA LYS D 396 -5.75 -10.06 -49.39
C LYS D 396 -4.72 -8.94 -49.46
N ARG D 397 -5.11 -7.72 -49.10
CA ARG D 397 -4.19 -6.58 -49.08
C ARG D 397 -3.11 -6.74 -48.02
N ILE D 398 -3.44 -7.36 -46.88
CA ILE D 398 -2.46 -7.57 -45.82
C ILE D 398 -1.39 -8.57 -46.24
N ILE D 399 -1.72 -9.49 -47.14
CA ILE D 399 -0.76 -10.46 -47.63
C ILE D 399 0.03 -9.89 -48.80
N LYS E 10 -33.38 -10.37 -33.65
CA LYS E 10 -32.76 -9.10 -33.98
C LYS E 10 -31.39 -9.30 -34.61
N GLU E 11 -30.57 -8.26 -34.60
CA GLU E 11 -29.21 -8.30 -35.13
C GLU E 11 -28.16 -8.38 -34.04
N ASP E 12 -28.20 -7.45 -33.07
CA ASP E 12 -27.28 -7.51 -31.94
C ASP E 12 -27.60 -8.68 -31.03
N TYR E 13 -28.87 -9.08 -30.95
CA TYR E 13 -29.26 -10.29 -30.23
C TYR E 13 -28.60 -11.53 -30.84
N PHE E 14 -28.65 -11.65 -32.17
CA PHE E 14 -27.99 -12.76 -32.84
C PHE E 14 -26.47 -12.65 -32.75
N ARG E 15 -25.94 -11.44 -32.66
CA ARG E 15 -24.50 -11.24 -32.47
C ARG E 15 -24.04 -11.79 -31.13
N VAL E 16 -24.74 -11.41 -30.05
CA VAL E 16 -24.42 -11.90 -28.71
C VAL E 16 -24.62 -13.40 -28.64
N ASP E 17 -25.68 -13.93 -29.27
CA ASP E 17 -25.95 -15.36 -29.24
C ASP E 17 -24.87 -16.16 -29.97
N MET E 18 -24.48 -15.71 -31.17
CA MET E 18 -23.48 -16.42 -31.96
C MET E 18 -22.11 -16.36 -31.29
N LEU E 19 -21.71 -15.19 -30.80
CA LEU E 19 -20.39 -15.08 -30.17
C LEU E 19 -20.36 -15.76 -28.81
N LEU E 20 -21.48 -15.82 -28.10
CA LEU E 20 -21.51 -16.51 -26.82
C LEU E 20 -21.53 -18.02 -26.99
N ASN E 21 -22.16 -18.51 -28.05
CA ASN E 21 -22.10 -19.95 -28.31
C ASN E 21 -20.73 -20.35 -28.85
N LYS E 22 -20.10 -19.51 -29.65
CA LYS E 22 -18.81 -19.83 -30.24
C LYS E 22 -17.68 -19.71 -29.23
N LYS E 23 -17.70 -18.66 -28.41
CA LYS E 23 -16.58 -18.36 -27.54
C LYS E 23 -16.81 -18.79 -26.10
N GLY E 24 -18.04 -18.65 -25.61
CA GLY E 24 -18.33 -18.97 -24.23
C GLY E 24 -18.53 -17.73 -23.40
N GLN E 25 -17.74 -16.70 -23.68
CA GLN E 25 -17.82 -15.44 -22.96
C GLN E 25 -17.79 -14.29 -23.96
N VAL E 26 -18.41 -13.18 -23.57
CA VAL E 26 -18.48 -12.00 -24.43
C VAL E 26 -18.37 -10.77 -23.55
N ILE E 27 -17.86 -9.68 -24.15
CA ILE E 27 -17.82 -8.38 -23.53
C ILE E 27 -18.42 -7.38 -24.49
N LEU E 28 -19.52 -6.75 -24.09
CA LEU E 28 -20.12 -5.66 -24.83
C LEU E 28 -19.42 -4.39 -24.39
N TYR E 29 -18.56 -3.86 -25.24
CA TYR E 29 -17.76 -2.71 -24.85
C TYR E 29 -18.10 -1.53 -25.75
N GLY E 30 -17.89 -0.33 -25.21
CA GLY E 30 -18.19 0.88 -25.94
C GLY E 30 -18.33 2.08 -25.04
N PRO E 31 -18.77 3.21 -25.60
CA PRO E 31 -18.97 4.42 -24.81
C PRO E 31 -20.17 4.29 -23.90
N PRO E 32 -20.30 5.15 -22.88
CA PRO E 32 -21.47 5.08 -21.99
C PRO E 32 -22.76 5.43 -22.69
N GLY E 33 -23.82 4.69 -22.36
CA GLY E 33 -25.13 4.97 -22.88
C GLY E 33 -25.44 4.41 -24.23
N THR E 34 -24.87 3.25 -24.58
CA THR E 34 -25.14 2.63 -25.86
C THR E 34 -25.97 1.37 -25.75
N GLY E 35 -26.33 0.95 -24.54
CA GLY E 35 -27.19 -0.18 -24.37
C GLY E 35 -26.45 -1.49 -24.24
N LYS E 36 -25.36 -1.50 -23.47
CA LYS E 36 -24.60 -2.72 -23.25
C LYS E 36 -25.24 -3.55 -22.15
N THR E 37 -25.53 -2.91 -21.00
CA THR E 37 -26.31 -3.56 -19.95
C THR E 37 -27.72 -3.88 -20.42
N TRP E 38 -28.27 -3.03 -21.29
CA TRP E 38 -29.63 -3.27 -21.81
C TRP E 38 -29.68 -4.52 -22.68
N ILE E 39 -28.76 -4.65 -23.64
CA ILE E 39 -28.80 -5.82 -24.52
C ILE E 39 -28.34 -7.06 -23.78
N ALA E 40 -27.49 -6.90 -22.76
CA ALA E 40 -27.08 -8.06 -21.95
C ALA E 40 -28.25 -8.60 -21.14
N ARG E 41 -28.95 -7.71 -20.42
CA ARG E 41 -30.12 -8.12 -19.64
C ARG E 41 -31.24 -8.61 -20.54
N LYS E 42 -31.43 -7.98 -21.70
CA LYS E 42 -32.49 -8.40 -22.62
C LYS E 42 -32.21 -9.78 -23.20
N TYR E 43 -30.96 -10.04 -23.61
CA TYR E 43 -30.59 -11.34 -24.14
C TYR E 43 -30.72 -12.43 -23.09
N VAL E 44 -30.37 -12.11 -21.84
CA VAL E 44 -30.41 -13.15 -20.82
C VAL E 44 -31.86 -13.43 -20.36
N VAL E 45 -32.70 -12.40 -20.27
CA VAL E 45 -34.10 -12.67 -19.94
C VAL E 45 -34.88 -13.24 -21.12
N GLU E 46 -34.36 -13.11 -22.34
CA GLU E 46 -35.01 -13.75 -23.47
C GLU E 46 -34.57 -15.18 -23.68
N GLU E 47 -33.32 -15.51 -23.38
CA GLU E 47 -32.88 -16.91 -23.46
C GLU E 47 -33.45 -17.71 -22.30
N THR E 48 -33.06 -17.37 -21.08
CA THR E 48 -33.70 -17.93 -19.88
C THR E 48 -34.92 -17.08 -19.57
N ASN E 49 -36.10 -17.68 -19.65
CA ASN E 49 -37.36 -16.95 -19.48
C ASN E 49 -37.61 -16.67 -18.01
N GLU E 50 -36.80 -15.75 -17.48
CA GLU E 50 -36.85 -15.33 -16.08
C GLU E 50 -36.54 -13.84 -16.04
N LYS E 51 -37.44 -13.06 -15.46
CA LYS E 51 -37.24 -11.62 -15.39
C LYS E 51 -36.37 -11.19 -14.22
N THR E 52 -35.97 -12.12 -13.36
CA THR E 52 -35.30 -11.85 -12.10
C THR E 52 -34.16 -12.84 -11.94
N PRO E 53 -32.97 -12.38 -11.49
CA PRO E 53 -31.85 -13.31 -11.25
C PRO E 53 -32.10 -14.33 -10.15
N GLY E 54 -31.14 -15.22 -9.92
CA GLY E 54 -31.41 -16.36 -9.08
C GLY E 54 -31.13 -17.68 -9.76
N ASN E 55 -32.20 -18.41 -10.11
CA ASN E 55 -32.15 -19.78 -10.60
C ASN E 55 -31.28 -19.97 -11.84
N LYS E 56 -31.63 -19.35 -12.96
CA LYS E 56 -30.94 -19.63 -14.22
C LYS E 56 -29.89 -18.59 -14.58
N TRP E 57 -29.86 -17.44 -13.89
CA TRP E 57 -28.85 -16.44 -14.20
C TRP E 57 -28.59 -15.57 -12.99
N GLU E 58 -27.44 -14.93 -13.00
CA GLU E 58 -27.05 -13.99 -11.95
C GLU E 58 -26.57 -12.69 -12.59
N PHE E 59 -26.71 -11.61 -11.82
CA PHE E 59 -26.24 -10.29 -12.21
C PHE E 59 -25.32 -9.78 -11.11
N ILE E 60 -24.06 -9.49 -11.46
CA ILE E 60 -23.13 -8.89 -10.52
C ILE E 60 -22.46 -7.70 -11.20
N THR E 61 -21.82 -6.88 -10.39
CA THR E 61 -21.13 -5.69 -10.87
C THR E 61 -19.71 -5.69 -10.32
N PHE E 62 -18.72 -5.66 -11.22
CA PHE E 62 -17.34 -5.57 -10.78
C PHE E 62 -17.01 -4.16 -10.33
N HIS E 63 -16.24 -4.07 -9.25
CA HIS E 63 -15.67 -2.83 -8.77
C HIS E 63 -14.46 -3.18 -7.92
N GLN E 64 -13.82 -2.16 -7.36
CA GLN E 64 -12.55 -2.36 -6.68
C GLN E 64 -12.69 -3.07 -5.33
N SER E 65 -13.90 -3.20 -4.81
CA SER E 65 -14.11 -3.91 -3.54
C SER E 65 -14.42 -5.38 -3.72
N TYR E 66 -14.54 -5.87 -4.95
CA TYR E 66 -14.49 -7.32 -5.10
C TYR E 66 -13.05 -7.81 -4.93
N SER E 67 -12.94 -9.12 -4.73
CA SER E 67 -11.65 -9.77 -4.71
C SER E 67 -11.87 -11.20 -5.20
N TYR E 68 -10.82 -12.01 -5.11
CA TYR E 68 -10.94 -13.44 -5.39
C TYR E 68 -11.80 -14.13 -4.34
N GLU E 69 -11.82 -13.60 -3.12
CA GLU E 69 -12.55 -14.22 -2.02
C GLU E 69 -14.05 -13.99 -2.13
N GLU E 70 -14.47 -12.87 -2.71
CA GLU E 70 -15.88 -12.58 -2.88
C GLU E 70 -16.42 -13.08 -4.22
N PHE E 71 -15.55 -13.63 -5.07
CA PHE E 71 -15.94 -14.11 -6.39
C PHE E 71 -15.84 -15.61 -6.52
N ILE E 72 -14.71 -16.20 -6.11
CA ILE E 72 -14.55 -17.64 -6.24
C ILE E 72 -14.76 -18.31 -4.90
N GLU E 73 -13.87 -18.06 -3.95
CA GLU E 73 -13.95 -18.65 -2.61
C GLU E 73 -13.01 -17.91 -1.69
N GLY E 74 -13.39 -17.85 -0.41
CA GLY E 74 -12.56 -17.21 0.58
C GLY E 74 -12.98 -17.61 1.97
N PHE E 75 -12.08 -17.41 2.91
CA PHE E 75 -12.34 -17.80 4.29
C PHE E 75 -13.22 -16.77 4.98
N ARG E 76 -14.16 -17.26 5.78
CA ARG E 76 -15.14 -16.43 6.47
C ARG E 76 -15.49 -17.10 7.78
N PRO E 77 -15.92 -16.32 8.79
CA PRO E 77 -16.44 -16.95 10.00
C PRO E 77 -17.89 -17.40 9.83
N ARG E 78 -18.16 -18.61 10.30
CA ARG E 78 -19.50 -19.19 10.23
C ARG E 78 -19.81 -19.84 11.57
N THR E 79 -20.88 -19.39 12.21
CA THR E 79 -21.26 -19.92 13.52
C THR E 79 -21.97 -21.26 13.39
N LYS E 84 -19.60 -22.91 18.45
CA LYS E 84 -18.81 -21.69 18.43
C LYS E 84 -18.62 -21.17 17.01
N ILE E 85 -17.52 -20.46 16.78
CA ILE E 85 -17.23 -19.93 15.46
C ILE E 85 -16.42 -20.95 14.67
N ARG E 86 -16.54 -20.90 13.36
CA ARG E 86 -15.83 -21.80 12.47
C ARG E 86 -15.15 -21.00 11.37
N TYR E 87 -13.95 -21.43 11.00
CA TYR E 87 -13.17 -20.77 9.96
C TYR E 87 -13.46 -21.51 8.66
N VAL E 88 -14.55 -21.12 8.01
CA VAL E 88 -15.15 -21.89 6.92
C VAL E 88 -14.80 -21.22 5.60
N VAL E 89 -14.32 -22.01 4.65
CA VAL E 89 -14.16 -21.50 3.29
C VAL E 89 -15.53 -21.46 2.61
N GLU E 90 -15.93 -20.29 2.16
CA GLU E 90 -17.22 -20.07 1.53
C GLU E 90 -17.00 -19.75 0.05
N ASP E 91 -17.79 -20.38 -0.81
CA ASP E 91 -17.72 -20.11 -2.23
C ASP E 91 -18.28 -18.73 -2.55
N GLY E 92 -17.73 -18.10 -3.58
CA GLY E 92 -18.20 -16.81 -4.03
C GLY E 92 -19.39 -16.95 -4.94
N ILE E 93 -19.64 -15.89 -5.73
CA ILE E 93 -20.77 -15.93 -6.64
C ILE E 93 -20.48 -16.83 -7.84
N PHE E 94 -19.24 -16.82 -8.34
CA PHE E 94 -18.93 -17.60 -9.53
C PHE E 94 -18.88 -19.08 -9.23
N LYS E 95 -18.30 -19.47 -8.09
CA LYS E 95 -18.25 -20.89 -7.75
C LYS E 95 -19.64 -21.43 -7.48
N LYS E 96 -20.51 -20.61 -6.87
CA LYS E 96 -21.89 -21.04 -6.65
C LYS E 96 -22.64 -21.18 -7.96
N ILE E 97 -22.48 -20.23 -8.89
CA ILE E 97 -23.23 -20.37 -10.15
C ILE E 97 -22.61 -21.42 -11.07
N ALA E 98 -21.30 -21.67 -10.98
CA ALA E 98 -20.65 -22.68 -11.81
C ALA E 98 -20.74 -24.08 -11.23
N LEU E 99 -21.08 -24.20 -9.95
CA LEU E 99 -21.51 -25.50 -9.44
C LEU E 99 -22.98 -25.72 -9.69
N ARG E 100 -23.79 -24.65 -9.64
CA ARG E 100 -25.22 -24.75 -9.92
C ARG E 100 -25.46 -25.14 -11.37
N ALA E 101 -24.70 -24.58 -12.30
CA ALA E 101 -24.85 -24.89 -13.72
C ALA E 101 -24.39 -26.31 -14.01
N LEU E 102 -23.34 -26.76 -13.33
CA LEU E 102 -22.84 -28.11 -13.53
C LEU E 102 -23.82 -29.15 -12.97
N VAL E 103 -24.33 -28.90 -11.76
CA VAL E 103 -25.23 -29.84 -11.11
C VAL E 103 -26.59 -29.86 -11.82
N LYS E 104 -27.07 -28.70 -12.28
CA LYS E 104 -28.27 -28.66 -13.09
C LYS E 104 -28.06 -29.32 -14.45
N GLY E 105 -26.83 -29.25 -14.98
CA GLY E 105 -26.52 -29.98 -16.20
C GLY E 105 -26.44 -31.48 -16.01
N LEU E 106 -26.14 -31.93 -14.80
CA LEU E 106 -26.10 -33.36 -14.52
C LEU E 106 -27.46 -33.93 -14.14
N PHE E 107 -28.52 -33.12 -14.17
CA PHE E 107 -29.87 -33.66 -14.01
C PHE E 107 -30.31 -34.41 -15.25
N GLU E 108 -30.23 -33.75 -16.42
CA GLU E 108 -30.70 -34.37 -17.66
C GLU E 108 -29.70 -35.32 -18.29
N LEU E 109 -28.58 -35.60 -17.63
CA LEU E 109 -27.63 -36.59 -18.13
C LEU E 109 -28.02 -37.96 -17.60
N GLU E 110 -28.22 -38.90 -18.52
CA GLU E 110 -28.59 -40.27 -18.16
C GLU E 110 -27.32 -41.10 -18.12
N ASP E 111 -26.91 -41.49 -16.92
CA ASP E 111 -25.71 -42.30 -16.73
C ASP E 111 -25.86 -43.11 -15.45
N ALA E 112 -25.18 -44.26 -15.42
CA ALA E 112 -25.25 -45.14 -14.26
C ALA E 112 -24.41 -44.64 -13.10
N THR E 113 -23.26 -44.01 -13.38
CA THR E 113 -22.39 -43.52 -12.32
C THR E 113 -22.92 -42.26 -11.67
N ILE E 114 -23.87 -41.56 -12.30
CA ILE E 114 -24.42 -40.34 -11.75
C ILE E 114 -25.47 -40.73 -10.70
N GLY E 115 -25.19 -40.43 -9.44
CA GLY E 115 -26.16 -40.67 -8.39
C GLY E 115 -27.05 -39.46 -8.20
N LYS E 116 -28.25 -39.51 -8.80
CA LYS E 116 -29.12 -38.33 -8.85
C LYS E 116 -29.76 -38.00 -7.52
N ASP E 117 -29.82 -38.96 -6.59
CA ASP E 117 -30.30 -38.66 -5.24
C ASP E 117 -29.33 -37.77 -4.49
N LYS E 118 -28.04 -37.85 -4.83
CA LYS E 118 -27.04 -36.96 -4.27
C LYS E 118 -26.91 -35.67 -5.06
N ILE E 119 -27.08 -35.74 -6.38
CA ILE E 119 -26.99 -34.54 -7.22
C ILE E 119 -28.16 -33.60 -6.94
N HIS E 120 -29.35 -34.15 -6.66
CA HIS E 120 -30.50 -33.32 -6.31
C HIS E 120 -30.33 -32.67 -4.95
N ARG E 121 -29.73 -33.38 -3.99
CA ARG E 121 -29.45 -32.81 -2.69
C ARG E 121 -28.39 -31.71 -2.80
N LEU E 122 -27.40 -31.90 -3.67
CA LEU E 122 -26.41 -30.85 -3.92
C LEU E 122 -27.03 -29.64 -4.58
N TYR E 123 -28.02 -29.85 -5.46
CA TYR E 123 -28.71 -28.71 -6.07
C TYR E 123 -29.56 -27.96 -5.06
N ILE E 124 -30.18 -28.69 -4.12
CA ILE E 124 -30.96 -28.03 -3.07
C ILE E 124 -30.04 -27.24 -2.14
N LEU E 125 -28.85 -27.78 -1.84
CA LEU E 125 -27.91 -27.05 -1.01
C LEU E 125 -27.27 -25.88 -1.75
N LEU E 126 -27.20 -25.94 -3.08
CA LEU E 126 -26.66 -24.83 -3.85
C LEU E 126 -27.69 -23.71 -4.00
N THR E 127 -28.94 -24.05 -4.28
CA THR E 127 -30.01 -23.06 -4.40
C THR E 127 -30.68 -22.75 -3.06
N LYS E 128 -30.03 -23.05 -1.95
CA LYS E 128 -30.56 -22.72 -0.64
C LYS E 128 -30.28 -21.26 -0.34
N LYS E 129 -31.34 -20.47 -0.18
CA LYS E 129 -31.17 -19.04 0.08
C LYS E 129 -30.74 -18.77 1.52
N GLU E 130 -31.13 -19.64 2.44
CA GLU E 130 -30.65 -19.53 3.82
C GLU E 130 -29.17 -19.89 3.88
N PRO E 131 -28.43 -19.34 4.84
CA PRO E 131 -27.05 -19.80 5.05
C PRO E 131 -27.02 -21.23 5.55
N LEU E 132 -25.93 -21.92 5.22
CA LEU E 132 -25.85 -23.36 5.47
C LEU E 132 -25.67 -23.63 6.97
N SER E 133 -26.40 -24.62 7.46
CA SER E 133 -26.27 -25.06 8.84
C SER E 133 -24.90 -25.69 9.06
N PRO E 134 -24.34 -25.57 10.28
CA PRO E 134 -23.04 -26.21 10.56
C PRO E 134 -23.05 -27.73 10.52
N THR E 135 -24.22 -28.37 10.55
CA THR E 135 -24.32 -29.79 10.27
C THR E 135 -24.72 -30.07 8.82
N GLU E 136 -25.11 -29.04 8.07
CA GLU E 136 -25.47 -29.16 6.67
C GLU E 136 -24.37 -28.66 5.75
N TYR E 137 -23.29 -28.09 6.31
CA TYR E 137 -22.19 -27.58 5.51
C TYR E 137 -21.20 -28.67 5.13
N GLU E 138 -20.90 -29.61 6.03
CA GLU E 138 -20.03 -30.71 5.65
C GLU E 138 -20.75 -31.72 4.75
N GLU E 139 -22.08 -31.78 4.83
CA GLU E 139 -22.85 -32.50 3.83
C GLU E 139 -22.63 -31.91 2.44
N TYR E 140 -22.63 -30.57 2.36
CA TYR E 140 -22.36 -29.88 1.10
C TYR E 140 -20.92 -30.09 0.66
N LEU E 141 -19.99 -30.17 1.61
CA LEU E 141 -18.58 -30.40 1.27
C LEU E 141 -18.36 -31.79 0.72
N ARG E 142 -18.92 -32.82 1.36
CA ARG E 142 -18.76 -34.17 0.84
C ARG E 142 -19.58 -34.39 -0.43
N LEU E 143 -20.66 -33.62 -0.62
CA LEU E 143 -21.37 -33.66 -1.89
C LEU E 143 -20.55 -33.05 -3.02
N LYS E 144 -19.80 -31.99 -2.72
CA LYS E 144 -18.89 -31.43 -3.71
C LYS E 144 -17.74 -32.37 -4.00
N ARG E 145 -17.26 -33.09 -2.98
CA ARG E 145 -16.20 -34.08 -3.19
C ARG E 145 -16.69 -35.23 -4.06
N TYR E 146 -17.93 -35.69 -3.83
CA TYR E 146 -18.51 -36.72 -4.67
C TYR E 146 -18.75 -36.22 -6.09
N LEU E 147 -19.12 -34.93 -6.22
CA LEU E 147 -19.34 -34.34 -7.54
C LEU E 147 -18.04 -34.27 -8.34
N TRP E 148 -16.95 -33.85 -7.71
CA TRP E 148 -15.69 -33.77 -8.43
C TRP E 148 -14.99 -35.11 -8.58
N GLU E 149 -15.40 -36.12 -7.81
CA GLU E 149 -15.00 -37.49 -8.13
C GLU E 149 -15.81 -38.03 -9.29
N LEU E 150 -17.05 -37.58 -9.44
CA LEU E 150 -17.91 -38.02 -10.54
C LEU E 150 -17.49 -37.39 -11.86
N VAL E 151 -17.21 -36.08 -11.86
CA VAL E 151 -16.97 -35.34 -13.10
C VAL E 151 -15.63 -35.74 -13.71
N GLY E 152 -14.63 -36.01 -12.87
CA GLY E 152 -13.35 -36.51 -13.36
C GLY E 152 -13.39 -37.92 -13.90
N GLY E 153 -14.46 -38.66 -13.60
CA GLY E 153 -14.62 -40.01 -14.10
C GLY E 153 -15.55 -40.12 -15.29
N LEU E 154 -16.28 -39.04 -15.59
CA LEU E 154 -17.18 -39.06 -16.73
C LEU E 154 -16.41 -38.96 -18.05
N PRO E 155 -16.94 -39.55 -19.12
CA PRO E 155 -16.38 -39.30 -20.44
C PRO E 155 -16.66 -37.88 -20.91
N LYS E 156 -15.85 -37.43 -21.86
CA LYS E 156 -15.93 -36.04 -22.31
C LYS E 156 -17.16 -35.76 -23.15
N ASP E 157 -17.71 -36.79 -23.82
CA ASP E 157 -18.86 -36.56 -24.69
C ASP E 157 -20.14 -36.29 -23.91
N LYS E 158 -20.24 -36.79 -22.69
CA LYS E 158 -21.43 -36.51 -21.88
C LYS E 158 -21.39 -35.13 -21.26
N LEU E 159 -20.21 -34.67 -20.85
CA LEU E 159 -20.03 -33.31 -20.35
C LEU E 159 -19.92 -32.27 -21.46
N LYS E 160 -19.99 -32.68 -22.73
CA LYS E 160 -19.77 -31.77 -23.83
C LYS E 160 -20.93 -30.79 -23.99
N ASN E 161 -22.16 -31.27 -23.84
CA ASN E 161 -23.36 -30.45 -24.02
C ASN E 161 -24.32 -30.68 -22.86
N LEU E 162 -24.18 -29.86 -21.82
CA LEU E 162 -25.14 -29.88 -20.72
C LEU E 162 -26.43 -29.19 -21.16
N THR E 163 -27.55 -29.67 -20.61
CA THR E 163 -28.85 -29.37 -21.21
C THR E 163 -29.30 -27.92 -21.04
N PRO E 164 -29.37 -27.32 -19.81
CA PRO E 164 -29.83 -25.91 -19.77
C PRO E 164 -28.71 -24.94 -20.12
N LYS E 165 -28.96 -23.64 -19.96
CA LYS E 165 -27.93 -22.64 -20.16
C LYS E 165 -28.00 -21.63 -19.01
N PHE E 166 -26.85 -21.34 -18.41
CA PHE E 166 -26.76 -20.46 -17.26
C PHE E 166 -25.95 -19.23 -17.64
N TYR E 167 -26.35 -18.08 -17.12
CA TYR E 167 -25.74 -16.82 -17.52
C TYR E 167 -25.30 -16.03 -16.29
N LEU E 168 -24.17 -15.37 -16.41
CA LEU E 168 -23.64 -14.47 -15.39
C LEU E 168 -23.32 -13.15 -16.07
N ILE E 169 -24.15 -12.15 -15.85
CA ILE E 169 -23.88 -10.83 -16.40
C ILE E 169 -23.01 -10.06 -15.41
N ILE E 170 -21.75 -9.87 -15.78
CA ILE E 170 -20.80 -9.10 -15.01
C ILE E 170 -20.79 -7.70 -15.62
N ASP E 171 -21.56 -6.79 -15.04
CA ASP E 171 -21.67 -5.46 -15.62
C ASP E 171 -20.62 -4.55 -15.03
N GLU E 172 -20.12 -3.62 -15.86
CA GLU E 172 -18.92 -2.81 -15.59
C GLU E 172 -17.76 -3.71 -15.17
N ILE E 173 -17.39 -4.60 -16.09
CA ILE E 173 -16.42 -5.64 -15.77
C ILE E 173 -15.02 -5.06 -15.60
N ASN E 174 -14.72 -3.96 -16.28
CA ASN E 174 -13.39 -3.37 -16.22
C ASN E 174 -13.17 -2.53 -14.97
N ARG E 175 -14.22 -2.29 -14.17
CA ARG E 175 -14.08 -1.48 -12.97
C ARG E 175 -13.37 -2.21 -11.84
N GLY E 176 -13.34 -3.54 -11.88
CA GLY E 176 -12.57 -4.31 -10.94
C GLY E 176 -11.28 -4.82 -11.55
N ASN E 177 -10.35 -5.23 -10.70
CA ASN E 177 -9.10 -5.83 -11.16
C ASN E 177 -9.39 -7.27 -11.54
N ILE E 178 -9.64 -7.51 -12.84
CA ILE E 178 -10.18 -8.80 -13.28
C ILE E 178 -9.12 -9.89 -13.19
N SER E 179 -7.85 -9.54 -13.44
CA SER E 179 -6.79 -10.54 -13.34
C SER E 179 -6.57 -10.99 -11.90
N LYS E 180 -6.89 -10.13 -10.93
CA LYS E 180 -6.88 -10.54 -9.53
C LYS E 180 -8.16 -11.29 -9.17
N ILE E 181 -9.30 -10.84 -9.69
CA ILE E 181 -10.57 -11.47 -9.38
C ILE E 181 -10.70 -12.82 -10.07
N PHE E 182 -10.52 -12.85 -11.39
CA PHE E 182 -10.52 -14.11 -12.12
C PHE E 182 -9.23 -14.86 -11.82
N GLY E 183 -9.17 -15.58 -10.71
CA GLY E 183 -7.93 -16.22 -10.33
C GLY E 183 -7.53 -17.38 -11.21
N GLU E 184 -8.27 -18.48 -11.12
CA GLU E 184 -8.05 -19.61 -11.99
C GLU E 184 -8.77 -19.46 -13.32
N LEU E 185 -9.69 -18.51 -13.42
CA LEU E 185 -10.53 -18.26 -14.58
C LEU E 185 -9.80 -17.61 -15.73
N ILE E 186 -8.52 -17.26 -15.58
CA ILE E 186 -7.72 -17.00 -16.77
C ILE E 186 -7.59 -18.27 -17.58
N THR E 187 -7.40 -19.41 -16.89
CA THR E 187 -7.25 -20.68 -17.59
C THR E 187 -8.60 -21.27 -17.98
N LEU E 188 -9.54 -21.31 -17.04
CA LEU E 188 -10.72 -22.16 -17.18
C LEU E 188 -11.80 -21.59 -18.06
N LEU E 189 -11.80 -20.27 -18.31
CA LEU E 189 -12.91 -19.71 -19.08
C LEU E 189 -12.81 -19.97 -20.57
N GLU E 190 -11.65 -20.38 -21.07
CA GLU E 190 -11.54 -20.75 -22.47
C GLU E 190 -12.38 -21.99 -22.75
N LYS E 191 -13.12 -21.96 -23.86
CA LYS E 191 -14.15 -22.96 -24.13
C LYS E 191 -13.57 -24.34 -24.39
N ASP E 192 -12.31 -24.43 -24.82
CA ASP E 192 -11.65 -25.72 -24.91
C ASP E 192 -11.24 -26.25 -23.55
N LYS E 193 -11.09 -25.38 -22.54
CA LYS E 193 -10.72 -25.80 -21.20
C LYS E 193 -11.93 -25.98 -20.30
N ARG E 194 -13.14 -25.74 -20.80
CA ARG E 194 -14.35 -26.05 -20.06
C ARG E 194 -14.60 -27.55 -20.07
N LEU E 195 -15.57 -27.97 -19.26
CA LEU E 195 -15.87 -29.40 -19.12
C LEU E 195 -16.48 -29.95 -20.40
N GLY E 196 -16.02 -31.12 -20.80
CA GLY E 196 -16.40 -31.69 -22.08
C GLY E 196 -15.62 -31.15 -23.27
N GLY E 197 -14.74 -30.19 -23.05
CA GLY E 197 -13.90 -29.69 -24.13
C GLY E 197 -12.82 -30.67 -24.49
N GLU E 198 -12.15 -30.38 -25.61
CA GLU E 198 -11.10 -31.27 -26.09
C GLU E 198 -9.85 -31.22 -25.21
N ASN E 199 -9.65 -30.13 -24.46
CA ASN E 199 -8.51 -29.93 -23.59
C ASN E 199 -8.96 -29.45 -22.22
N GLN E 200 -9.91 -30.17 -21.61
CA GLN E 200 -10.52 -29.70 -20.38
C GLN E 200 -9.53 -29.69 -19.22
N LEU E 201 -9.77 -28.80 -18.28
CA LEU E 201 -8.86 -28.58 -17.16
C LEU E 201 -9.66 -28.42 -15.89
N ILE E 202 -9.17 -29.04 -14.82
CA ILE E 202 -9.80 -28.99 -13.51
C ILE E 202 -8.74 -28.52 -12.54
N VAL E 203 -8.78 -27.23 -12.19
CA VAL E 203 -7.77 -26.63 -11.32
C VAL E 203 -7.97 -27.09 -9.88
N ARG E 204 -6.98 -26.82 -9.04
CA ARG E 204 -7.10 -26.99 -7.60
C ARG E 204 -7.11 -25.60 -6.97
N LEU E 205 -8.19 -25.26 -6.30
CA LEU E 205 -8.33 -23.92 -5.73
C LEU E 205 -7.48 -23.80 -4.46
N PRO E 206 -6.87 -22.62 -4.22
CA PRO E 206 -5.87 -22.53 -3.15
C PRO E 206 -6.44 -22.56 -1.74
N TYR E 207 -7.61 -21.95 -1.53
CA TYR E 207 -8.12 -21.80 -0.17
C TYR E 207 -8.74 -23.11 0.34
N SER E 208 -9.66 -23.68 -0.42
CA SER E 208 -10.31 -24.91 0.01
C SER E 208 -9.43 -26.13 -0.25
N GLY E 209 -8.84 -26.20 -1.44
CA GLY E 209 -8.21 -27.40 -1.91
C GLY E 209 -9.10 -28.28 -2.76
N GLU E 210 -10.40 -28.01 -2.79
CA GLU E 210 -11.33 -28.75 -3.62
C GLU E 210 -11.15 -28.35 -5.08
N PRO E 211 -11.25 -29.32 -6.00
CA PRO E 211 -11.09 -28.99 -7.42
C PRO E 211 -12.26 -28.19 -7.97
N PHE E 212 -12.05 -27.64 -9.16
CA PHE E 212 -13.02 -26.75 -9.77
C PHE E 212 -12.80 -26.72 -11.27
N ALA E 213 -13.90 -26.63 -12.03
CA ALA E 213 -13.84 -26.52 -13.48
C ALA E 213 -15.12 -25.85 -13.95
N VAL E 214 -14.98 -24.92 -14.89
CA VAL E 214 -16.12 -24.17 -15.41
C VAL E 214 -16.91 -25.07 -16.36
N PRO E 215 -18.20 -25.28 -16.13
CA PRO E 215 -19.00 -26.09 -17.04
C PRO E 215 -19.26 -25.35 -18.34
N PRO E 216 -19.61 -26.07 -19.42
CA PRO E 216 -20.08 -25.38 -20.63
C PRO E 216 -21.50 -24.88 -20.52
N ASN E 217 -22.19 -25.27 -19.44
CA ASN E 217 -23.52 -24.77 -19.12
C ASN E 217 -23.50 -23.25 -18.91
N LEU E 218 -22.41 -22.73 -18.35
CA LEU E 218 -22.33 -21.33 -17.92
C LEU E 218 -21.86 -20.44 -19.07
N TYR E 219 -22.38 -19.21 -19.10
CA TYR E 219 -22.01 -18.22 -20.10
C TYR E 219 -21.88 -16.86 -19.43
N ILE E 220 -20.65 -16.37 -19.31
CA ILE E 220 -20.40 -15.07 -18.69
C ILE E 220 -20.53 -13.98 -19.75
N ILE E 221 -21.24 -12.90 -19.40
CA ILE E 221 -21.42 -11.76 -20.29
C ILE E 221 -20.91 -10.53 -19.56
N GLY E 222 -19.81 -9.95 -20.05
CA GLY E 222 -19.28 -8.73 -19.50
C GLY E 222 -19.78 -7.53 -20.27
N THR E 223 -19.80 -6.37 -19.61
CA THR E 223 -19.97 -5.09 -20.28
C THR E 223 -18.90 -4.15 -19.78
N MET E 224 -18.38 -3.31 -20.67
CA MET E 224 -17.18 -2.55 -20.39
C MET E 224 -17.37 -1.09 -20.78
N ASN E 225 -16.96 -0.20 -19.90
CA ASN E 225 -16.86 1.22 -20.20
C ASN E 225 -15.48 1.49 -20.79
N THR E 226 -15.43 1.89 -22.04
CA THR E 226 -14.18 2.20 -22.71
C THR E 226 -13.93 3.70 -22.80
N ALA E 227 -14.76 4.52 -22.17
CA ALA E 227 -14.44 5.94 -22.08
C ALA E 227 -13.32 6.18 -21.07
N ASP E 228 -13.27 5.37 -20.02
CA ASP E 228 -12.24 5.48 -18.99
C ASP E 228 -11.03 4.66 -19.41
N ARG E 229 -9.89 5.33 -19.60
CA ARG E 229 -8.68 4.65 -20.01
C ARG E 229 -7.91 4.08 -18.83
N SER E 230 -8.20 4.52 -17.61
CA SER E 230 -7.48 4.07 -16.43
C SER E 230 -7.88 2.68 -15.98
N ILE E 231 -8.97 2.12 -16.52
CA ILE E 231 -9.47 0.82 -16.06
C ILE E 231 -9.64 -0.13 -17.24
N ALA E 232 -9.11 0.24 -18.40
CA ALA E 232 -9.29 -0.54 -19.61
C ALA E 232 -8.54 -1.87 -19.55
N LEU E 233 -8.97 -2.81 -20.38
CA LEU E 233 -8.36 -4.14 -20.46
C LEU E 233 -7.05 -4.07 -21.23
N LEU E 234 -5.99 -3.70 -20.51
CA LEU E 234 -4.65 -3.76 -21.08
C LEU E 234 -4.06 -5.16 -21.04
N ASP E 235 -4.70 -6.09 -20.33
CA ASP E 235 -4.21 -7.47 -20.20
C ASP E 235 -4.58 -8.25 -21.45
N VAL E 236 -3.56 -8.64 -22.23
CA VAL E 236 -3.79 -9.27 -23.53
C VAL E 236 -4.26 -10.71 -23.36
N ALA E 237 -3.80 -11.40 -22.32
CA ALA E 237 -4.16 -12.82 -22.15
C ALA E 237 -5.61 -12.99 -21.75
N LEU E 238 -6.18 -12.03 -21.04
CA LEU E 238 -7.59 -12.10 -20.69
C LEU E 238 -8.47 -11.83 -21.90
N ARG E 239 -7.98 -11.04 -22.86
CA ARG E 239 -8.78 -10.67 -24.02
C ARG E 239 -8.95 -11.80 -25.02
N ARG E 240 -8.21 -12.90 -24.87
CA ARG E 240 -8.49 -14.09 -25.69
C ARG E 240 -9.80 -14.75 -25.31
N ARG E 241 -10.13 -14.74 -24.02
CA ARG E 241 -11.21 -15.55 -23.52
C ARG E 241 -12.57 -14.99 -23.90
N PHE E 242 -12.64 -13.71 -24.23
CA PHE E 242 -13.89 -13.02 -24.49
C PHE E 242 -13.99 -12.69 -25.96
N ALA E 243 -15.19 -12.82 -26.52
CA ALA E 243 -15.48 -12.08 -27.73
C ALA E 243 -15.73 -10.63 -27.34
N PHE E 244 -15.58 -9.72 -28.30
CA PHE E 244 -15.64 -8.29 -28.00
C PHE E 244 -16.59 -7.62 -28.99
N ILE E 245 -17.76 -7.23 -28.51
CA ILE E 245 -18.77 -6.58 -29.34
C ILE E 245 -18.71 -5.09 -29.09
N GLU E 246 -18.29 -4.33 -30.10
CA GLU E 246 -18.33 -2.87 -30.03
C GLU E 246 -19.77 -2.41 -30.17
N VAL E 247 -20.31 -1.85 -29.09
CA VAL E 247 -21.67 -1.33 -29.08
C VAL E 247 -21.53 0.17 -29.34
N GLU E 248 -21.59 0.54 -30.62
CA GLU E 248 -21.46 1.94 -31.01
C GLU E 248 -22.72 2.70 -30.63
N PRO E 249 -22.64 4.02 -30.48
CA PRO E 249 -23.86 4.82 -30.38
C PRO E 249 -24.59 4.81 -31.72
N ARG E 250 -25.87 4.49 -31.68
CA ARG E 250 -26.68 4.49 -32.89
C ARG E 250 -27.57 5.72 -32.88
N PRO E 251 -27.23 6.77 -33.64
CA PRO E 251 -28.12 7.94 -33.71
C PRO E 251 -29.34 7.70 -34.56
N GLU E 252 -29.39 6.61 -35.33
CA GLU E 252 -30.57 6.23 -36.09
C GLU E 252 -31.74 5.82 -35.20
N PHE E 253 -31.51 5.58 -33.91
CA PHE E 253 -32.59 5.41 -32.96
C PHE E 253 -33.25 6.73 -32.60
N LEU E 254 -32.63 7.85 -32.92
CA LEU E 254 -33.16 9.16 -32.58
C LEU E 254 -33.99 9.78 -33.70
N GLU E 255 -34.30 9.01 -34.74
CA GLU E 255 -35.29 9.45 -35.71
C GLU E 255 -36.69 9.36 -35.11
N LYS E 256 -37.64 10.03 -35.74
CA LYS E 256 -39.00 10.10 -35.20
C LYS E 256 -39.70 8.75 -35.27
N GLU E 257 -39.52 8.03 -36.38
CA GLU E 257 -40.13 6.71 -36.52
C GLU E 257 -39.46 5.70 -35.59
N ASN E 258 -38.15 5.79 -35.44
CA ASN E 258 -37.45 4.88 -34.54
C ASN E 258 -37.72 5.20 -33.08
N LEU E 259 -37.91 6.49 -32.74
CA LEU E 259 -38.33 6.84 -31.38
C LEU E 259 -39.75 6.36 -31.10
N LYS E 260 -40.62 6.40 -32.12
CA LYS E 260 -41.96 5.86 -31.95
C LYS E 260 -41.94 4.33 -31.84
N LYS E 261 -40.98 3.67 -32.48
CA LYS E 261 -40.87 2.22 -32.34
C LYS E 261 -40.30 1.82 -30.98
N ILE E 262 -39.33 2.58 -30.48
CA ILE E 262 -38.69 2.22 -29.22
C ILE E 262 -39.58 2.58 -28.02
N ARG E 263 -40.10 3.81 -28.01
CA ARG E 263 -40.80 4.30 -26.83
C ARG E 263 -42.20 3.69 -26.66
N GLU E 264 -42.88 3.39 -27.76
CA GLU E 264 -44.22 2.80 -27.70
C GLU E 264 -44.20 1.27 -27.77
N LYS E 265 -43.09 0.65 -27.40
CA LYS E 265 -42.98 -0.81 -27.42
C LYS E 265 -43.30 -1.44 -26.08
N LYS E 266 -42.85 -0.85 -24.97
CA LYS E 266 -43.13 -1.41 -23.65
C LYS E 266 -44.55 -1.07 -23.22
N LEU E 267 -44.87 0.22 -23.11
CA LEU E 267 -46.20 0.68 -22.73
C LEU E 267 -47.10 0.57 -23.95
N LYS E 268 -47.75 -0.58 -24.09
CA LYS E 268 -48.65 -0.85 -25.22
C LYS E 268 -50.09 -0.46 -24.93
N THR E 269 -50.31 0.51 -24.04
CA THR E 269 -51.64 0.99 -23.69
C THR E 269 -52.06 2.08 -24.67
N GLU E 270 -53.13 2.81 -24.32
CA GLU E 270 -53.62 3.90 -25.16
C GLU E 270 -52.70 5.12 -25.15
N ASP E 271 -51.71 5.18 -24.25
CA ASP E 271 -50.86 6.36 -24.14
C ASP E 271 -49.92 6.54 -25.33
N ARG E 272 -49.73 5.48 -26.14
CA ARG E 272 -49.06 5.64 -27.43
C ARG E 272 -49.79 6.64 -28.32
N LYS E 273 -51.12 6.61 -28.29
CA LYS E 273 -51.91 7.60 -29.02
C LYS E 273 -51.77 9.00 -28.43
N ARG E 274 -51.26 9.12 -27.20
CA ARG E 274 -50.79 10.40 -26.70
C ARG E 274 -49.33 10.63 -27.07
N LEU E 275 -48.50 9.58 -27.00
CA LEU E 275 -47.05 9.73 -27.02
C LEU E 275 -46.53 10.19 -28.37
N ASN E 276 -47.07 9.62 -29.46
CA ASN E 276 -46.74 10.10 -30.80
C ASN E 276 -47.20 11.54 -30.99
N GLU E 277 -48.32 11.92 -30.36
CA GLU E 277 -48.72 13.33 -30.31
C GLU E 277 -47.65 14.17 -29.63
N LYS E 278 -47.08 13.66 -28.54
CA LYS E 278 -45.97 14.33 -27.88
C LYS E 278 -44.73 14.35 -28.76
N LEU E 279 -44.61 13.37 -29.68
CA LEU E 279 -43.52 13.46 -30.64
C LEU E 279 -43.81 14.48 -31.72
N ASN E 280 -45.09 14.66 -32.07
CA ASN E 280 -45.45 15.56 -33.15
C ASN E 280 -45.27 17.02 -32.74
N GLU E 281 -45.39 17.31 -31.44
CA GLU E 281 -45.04 18.63 -30.95
C GLU E 281 -43.53 18.84 -30.95
N LEU E 282 -42.76 17.76 -30.85
CA LEU E 282 -41.31 17.88 -30.69
C LEU E 282 -40.65 18.26 -32.00
N PHE E 283 -40.78 17.42 -33.02
CA PHE E 283 -40.02 17.60 -34.25
C PHE E 283 -40.54 18.76 -35.08
N SER E 284 -41.82 19.08 -34.96
CA SER E 284 -42.34 20.31 -35.55
C SER E 284 -41.76 21.54 -34.87
N LYS E 285 -41.42 21.44 -33.59
CA LYS E 285 -40.65 22.49 -32.94
C LYS E 285 -39.20 22.48 -33.39
N LEU E 286 -38.71 21.36 -33.91
CA LEU E 286 -37.35 21.27 -34.41
C LEU E 286 -37.21 21.73 -35.85
N GLY E 287 -38.31 21.84 -36.59
CA GLY E 287 -38.27 22.28 -37.96
C GLY E 287 -38.85 21.28 -38.94
N ASN E 288 -39.75 20.42 -38.42
CA ASN E 288 -40.38 19.32 -39.17
C ASN E 288 -39.34 18.39 -39.79
N ASP E 289 -38.25 18.17 -39.06
CA ASP E 289 -37.14 17.31 -39.48
C ASP E 289 -37.07 16.13 -38.54
N ASN E 290 -37.37 14.94 -39.06
CA ASN E 290 -37.33 13.73 -38.24
C ASN E 290 -35.90 13.32 -37.90
N TYR E 291 -34.92 13.80 -38.66
CA TYR E 291 -33.51 13.47 -38.43
C TYR E 291 -32.77 14.63 -37.77
N PHE E 292 -33.43 15.35 -36.86
CA PHE E 292 -32.74 16.43 -36.15
C PHE E 292 -31.81 15.87 -35.09
N LEU E 293 -32.34 15.04 -34.19
CA LEU E 293 -31.51 14.45 -33.14
C LEU E 293 -30.52 13.44 -33.69
N LYS E 294 -30.88 12.78 -34.80
CA LYS E 294 -29.98 11.79 -35.41
C LYS E 294 -28.73 12.45 -35.96
N THR E 295 -28.90 13.47 -36.82
CA THR E 295 -27.74 14.19 -37.33
C THR E 295 -27.08 15.05 -36.27
N LEU E 296 -27.81 15.45 -35.23
CA LEU E 296 -27.19 16.15 -34.11
C LEU E 296 -26.21 15.25 -33.37
N LEU E 297 -26.64 14.04 -33.03
CA LEU E 297 -25.75 13.09 -32.36
C LEU E 297 -24.62 12.64 -33.29
N GLU E 298 -24.90 12.52 -34.60
CA GLU E 298 -23.86 12.18 -35.56
C GLU E 298 -22.78 13.25 -35.63
N LYS E 299 -23.19 14.50 -35.82
CA LYS E 299 -22.26 15.62 -35.95
C LYS E 299 -21.74 16.12 -34.61
N ILE E 300 -22.14 15.50 -33.49
CA ILE E 300 -21.42 15.68 -32.24
C ILE E 300 -20.40 14.56 -32.04
N ASN E 301 -20.80 13.31 -32.34
CA ASN E 301 -19.93 12.17 -32.12
C ASN E 301 -18.77 12.15 -33.08
N VAL E 302 -18.89 12.75 -34.27
CA VAL E 302 -17.72 12.82 -35.14
C VAL E 302 -16.73 13.87 -34.61
N ARG E 303 -17.22 14.92 -33.95
CA ARG E 303 -16.31 15.86 -33.29
C ARG E 303 -15.60 15.20 -32.12
N ILE E 304 -16.33 14.45 -31.29
CA ILE E 304 -15.72 13.71 -30.19
C ILE E 304 -14.74 12.67 -30.72
N THR E 305 -15.03 12.09 -31.89
CA THR E 305 -14.11 11.12 -32.48
C THR E 305 -12.84 11.80 -33.01
N VAL E 306 -12.94 13.03 -33.50
CA VAL E 306 -11.73 13.62 -34.06
C VAL E 306 -10.86 14.33 -33.02
N VAL E 307 -11.44 14.97 -31.99
CA VAL E 307 -10.58 15.65 -31.01
C VAL E 307 -10.26 14.77 -29.80
N LYS E 308 -11.05 13.75 -29.53
CA LYS E 308 -10.78 12.77 -28.49
C LYS E 308 -10.72 11.39 -29.12
N ASP E 309 -10.71 10.37 -28.29
CA ASP E 309 -10.82 9.01 -28.77
C ASP E 309 -12.22 8.73 -29.31
N ARG E 310 -12.34 7.63 -30.06
CA ARG E 310 -13.60 7.24 -30.68
C ARG E 310 -14.60 6.67 -29.70
N ASP E 311 -14.24 6.47 -28.43
CA ASP E 311 -15.11 5.80 -27.48
C ASP E 311 -15.42 6.68 -26.27
N HIS E 312 -15.11 7.97 -26.34
CA HIS E 312 -15.71 8.96 -25.45
C HIS E 312 -16.96 9.58 -26.04
N ARG E 313 -17.54 8.96 -27.08
CA ARG E 313 -18.68 9.53 -27.76
C ARG E 313 -19.92 9.51 -26.88
N ILE E 314 -20.84 10.43 -27.17
CA ILE E 314 -22.10 10.51 -26.44
C ILE E 314 -23.00 9.38 -26.91
N GLY E 315 -23.44 8.54 -25.99
CA GLY E 315 -24.36 7.49 -26.34
C GLY E 315 -25.75 8.02 -26.64
N HIS E 316 -26.53 7.19 -27.33
CA HIS E 316 -27.87 7.60 -27.72
C HIS E 316 -28.88 7.54 -26.59
N SER E 317 -28.50 6.99 -25.43
CA SER E 317 -29.43 6.87 -24.32
C SER E 317 -29.71 8.21 -23.63
N TYR E 318 -28.93 9.25 -23.93
CA TYR E 318 -29.20 10.57 -23.39
C TYR E 318 -30.46 11.16 -24.01
N PHE E 319 -30.70 10.86 -25.29
CA PHE E 319 -31.79 11.48 -26.05
C PHE E 319 -32.94 10.52 -26.32
N LEU E 320 -32.96 9.33 -25.71
CA LEU E 320 -34.05 8.41 -25.95
C LEU E 320 -35.31 8.78 -25.19
N ASN E 321 -35.17 9.44 -24.03
CA ASN E 321 -36.31 9.84 -23.23
C ASN E 321 -36.78 11.25 -23.56
N VAL E 322 -36.21 11.89 -24.58
CA VAL E 322 -36.62 13.24 -24.97
C VAL E 322 -37.96 13.15 -25.68
N GLU E 323 -38.97 13.80 -25.11
CA GLU E 323 -40.30 13.82 -25.69
C GLU E 323 -40.73 15.21 -26.14
N THR E 324 -40.39 16.25 -25.40
CA THR E 324 -40.71 17.62 -25.76
C THR E 324 -39.42 18.42 -25.90
N VAL E 325 -39.56 19.71 -26.22
CA VAL E 325 -38.40 20.56 -26.37
C VAL E 325 -37.82 20.97 -25.01
N GLU E 326 -38.64 20.93 -23.95
CA GLU E 326 -38.13 21.20 -22.62
C GLU E 326 -37.27 20.05 -22.13
N ASP E 327 -37.63 18.81 -22.50
CA ASP E 327 -36.81 17.65 -22.18
C ASP E 327 -35.48 17.69 -22.94
N LEU E 328 -35.51 18.16 -24.19
CA LEU E 328 -34.27 18.30 -24.95
C LEU E 328 -33.39 19.39 -24.37
N HIS E 329 -33.99 20.48 -23.91
CA HIS E 329 -33.23 21.55 -23.27
C HIS E 329 -32.60 21.09 -21.97
N HIS E 330 -33.34 20.29 -21.17
CA HIS E 330 -32.80 19.83 -19.89
C HIS E 330 -31.73 18.76 -20.09
N VAL E 331 -31.91 17.87 -21.07
CA VAL E 331 -30.89 16.88 -21.40
C VAL E 331 -29.65 17.56 -21.94
N TRP E 332 -29.81 18.64 -22.70
CA TRP E 332 -28.66 19.35 -23.23
C TRP E 332 -27.90 20.10 -22.14
N TYR E 333 -28.61 20.84 -21.31
CA TYR E 333 -27.94 21.74 -20.39
C TYR E 333 -27.53 21.08 -19.08
N TYR E 334 -28.11 19.93 -18.72
CA TYR E 334 -27.78 19.29 -17.46
C TYR E 334 -27.16 17.91 -17.61
N GLU E 335 -27.05 17.38 -18.82
CA GLU E 335 -26.44 16.06 -18.93
C GLU E 335 -25.25 16.00 -19.88
N VAL E 336 -25.33 16.66 -21.05
CA VAL E 336 -24.28 16.53 -22.05
C VAL E 336 -23.37 17.76 -22.11
N LEU E 337 -23.88 18.96 -21.81
CA LEU E 337 -22.98 20.10 -21.70
C LEU E 337 -22.09 20.06 -20.45
N PRO E 338 -22.55 19.57 -19.28
CA PRO E 338 -21.56 19.20 -18.26
C PRO E 338 -20.63 18.08 -18.69
N LEU E 339 -21.10 17.15 -19.52
CA LEU E 339 -20.23 16.09 -20.00
C LEU E 339 -19.18 16.62 -20.97
N LEU E 340 -19.57 17.56 -21.84
CA LEU E 340 -18.59 18.17 -22.72
C LEU E 340 -17.65 19.10 -21.97
N MET E 341 -18.13 19.74 -20.89
CA MET E 341 -17.25 20.55 -20.06
C MET E 341 -16.30 19.69 -19.25
N GLU E 342 -16.67 18.44 -18.97
CA GLU E 342 -15.79 17.52 -18.28
C GLU E 342 -14.82 16.81 -19.22
N TYR E 343 -15.19 16.66 -20.49
CA TYR E 343 -14.26 16.14 -21.49
C TYR E 343 -13.11 17.11 -21.70
N PHE E 344 -13.42 18.32 -22.13
CA PHE E 344 -12.44 19.38 -22.38
C PHE E 344 -12.55 20.36 -21.22
N TYR E 345 -11.86 20.05 -20.12
CA TYR E 345 -11.93 20.89 -18.94
C TYR E 345 -11.03 22.11 -19.14
N ASN E 346 -11.65 23.29 -19.13
CA ASN E 346 -10.99 24.60 -19.33
C ASN E 346 -10.26 24.68 -20.66
N ASP E 347 -10.72 23.91 -21.65
CA ASP E 347 -10.19 23.92 -23.01
C ASP E 347 -11.33 24.44 -23.87
N TRP E 348 -11.43 25.76 -23.99
CA TRP E 348 -12.60 26.37 -24.58
C TRP E 348 -12.64 26.26 -26.09
N GLU E 349 -11.48 26.29 -26.74
CA GLU E 349 -11.42 26.24 -28.20
C GLU E 349 -11.69 24.85 -28.76
N THR E 350 -11.79 23.83 -27.92
CA THR E 350 -12.19 22.50 -28.36
C THR E 350 -13.67 22.22 -28.12
N ILE E 351 -14.20 22.59 -26.95
CA ILE E 351 -15.62 22.41 -26.69
C ILE E 351 -16.44 23.37 -27.54
N LYS E 352 -15.90 24.55 -27.84
CA LYS E 352 -16.58 25.47 -28.73
C LYS E 352 -16.52 24.97 -30.17
N TRP E 353 -15.45 24.27 -30.53
CA TRP E 353 -15.33 23.70 -31.87
C TRP E 353 -16.22 22.47 -32.06
N VAL E 354 -16.48 21.72 -30.98
CA VAL E 354 -17.36 20.56 -31.07
C VAL E 354 -18.78 20.98 -31.43
N LEU E 355 -19.23 22.11 -30.89
CA LEU E 355 -20.51 22.69 -31.28
C LEU E 355 -20.40 23.57 -32.52
N ASN E 356 -19.26 23.53 -33.22
CA ASN E 356 -18.87 24.32 -34.41
C ASN E 356 -19.32 25.79 -34.34
N GLU E 357 -19.03 26.40 -33.20
CA GLU E 357 -19.24 27.84 -33.00
C GLU E 357 -17.92 28.53 -32.69
N LYS E 358 -16.83 28.05 -33.28
CA LYS E 358 -15.49 28.50 -32.92
C LYS E 358 -15.25 29.94 -33.32
N GLY E 359 -15.65 30.32 -34.53
CA GLY E 359 -15.57 31.71 -34.94
C GLY E 359 -16.64 32.60 -34.37
N LYS E 360 -17.68 32.03 -33.77
CA LYS E 360 -18.81 32.79 -33.27
C LYS E 360 -18.64 33.09 -31.77
N GLU E 361 -19.13 34.26 -31.37
CA GLU E 361 -19.15 34.68 -29.98
C GLU E 361 -20.18 35.78 -29.83
N HIS E 362 -20.65 35.95 -28.58
CA HIS E 362 -21.50 37.07 -28.15
C HIS E 362 -22.84 37.12 -28.89
N GLY E 363 -23.35 35.97 -29.30
CA GLY E 363 -24.63 35.90 -29.99
C GLY E 363 -25.51 34.82 -29.38
N ASN E 364 -26.26 34.15 -30.25
CA ASN E 364 -27.05 32.98 -29.85
C ASN E 364 -26.09 31.78 -29.82
N VAL E 365 -25.31 31.72 -28.76
CA VAL E 365 -24.19 30.79 -28.66
C VAL E 365 -24.26 30.11 -27.30
N PHE E 366 -23.68 28.91 -27.23
CA PHE E 366 -23.70 28.16 -25.98
C PHE E 366 -22.63 28.62 -25.00
N PHE E 367 -21.57 29.26 -25.50
CA PHE E 367 -20.48 29.72 -24.64
C PHE E 367 -20.12 31.15 -25.04
N GLU E 368 -20.58 32.10 -24.24
CA GLU E 368 -20.37 33.51 -24.52
C GLU E 368 -18.99 33.94 -24.08
N LYS E 369 -18.31 34.71 -24.92
CA LYS E 369 -16.97 35.18 -24.61
C LYS E 369 -17.02 36.28 -23.56
N LEU E 370 -16.17 36.17 -22.54
CA LEU E 370 -16.06 37.22 -21.54
C LEU E 370 -15.26 38.38 -22.09
N ARG E 371 -15.64 39.59 -21.68
CA ARG E 371 -15.00 40.80 -22.20
C ARG E 371 -13.60 41.04 -21.64
N LEU E 372 -13.23 40.34 -20.57
CA LEU E 372 -11.95 40.55 -19.91
C LEU E 372 -10.91 39.56 -20.43
N THR E 373 -9.68 40.01 -20.53
CA THR E 373 -8.55 39.19 -20.95
C THR E 373 -7.48 39.22 -19.85
N GLY E 374 -6.85 38.06 -19.63
CA GLY E 374 -5.89 37.93 -18.55
C GLY E 374 -4.57 38.61 -18.86
N PRO E 375 -3.67 38.57 -17.87
CA PRO E 375 -2.36 39.23 -18.05
C PRO E 375 -1.44 38.51 -19.02
N ASN E 376 -1.61 37.20 -19.21
CA ASN E 376 -0.85 36.46 -20.21
C ASN E 376 -1.55 36.42 -21.56
N GLY E 377 -2.60 37.21 -21.74
CA GLY E 377 -3.34 37.25 -22.98
C GLY E 377 -4.36 36.14 -23.15
N GLU E 378 -4.54 35.28 -22.16
CA GLU E 378 -5.50 34.19 -22.30
C GLU E 378 -6.90 34.69 -21.97
N GLU E 379 -7.89 33.98 -22.50
CA GLU E 379 -9.29 34.33 -22.33
C GLU E 379 -10.09 33.08 -21.99
N ALA E 380 -11.22 33.29 -21.30
CA ALA E 380 -12.10 32.20 -20.91
C ALA E 380 -13.53 32.63 -21.14
N TYR E 381 -14.39 31.66 -21.46
CA TYR E 381 -15.78 31.94 -21.80
C TYR E 381 -16.67 31.49 -20.65
N GLN E 382 -17.97 31.76 -20.80
CA GLN E 382 -18.95 31.37 -19.80
C GLN E 382 -20.10 30.64 -20.46
N LEU E 383 -20.76 29.79 -19.68
CA LEU E 383 -21.92 29.07 -20.18
C LEU E 383 -23.12 30.02 -20.25
N LYS E 384 -23.76 30.06 -21.42
CA LYS E 384 -24.93 30.89 -21.64
C LYS E 384 -26.14 30.00 -21.86
N VAL E 385 -27.20 30.24 -21.09
CA VAL E 385 -28.41 29.42 -21.16
C VAL E 385 -29.34 30.03 -22.19
N LEU E 386 -29.61 29.27 -23.25
CA LEU E 386 -30.53 29.67 -24.31
C LEU E 386 -31.82 28.87 -24.20
N GLU E 387 -32.94 29.56 -24.21
CA GLU E 387 -34.25 28.93 -24.13
C GLU E 387 -35.09 29.31 -25.35
N GLY E 388 -36.23 28.64 -25.50
CA GLY E 388 -37.15 28.99 -26.57
C GLY E 388 -36.66 28.47 -27.90
N ASP E 389 -36.71 29.34 -28.91
CA ASP E 389 -36.29 28.98 -30.27
C ASP E 389 -34.85 29.37 -30.55
N ALA E 390 -34.24 30.21 -29.70
CA ALA E 390 -32.80 30.49 -29.83
C ALA E 390 -31.97 29.24 -29.54
N PHE E 391 -32.46 28.39 -28.63
CA PHE E 391 -31.80 27.11 -28.36
C PHE E 391 -31.87 26.18 -29.56
N ILE E 392 -33.01 26.17 -30.26
CA ILE E 392 -33.15 25.33 -31.44
C ILE E 392 -32.33 25.89 -32.60
N GLY E 393 -32.22 27.21 -32.69
CA GLY E 393 -31.32 27.81 -33.67
C GLY E 393 -29.86 27.55 -33.37
N ALA E 394 -29.51 27.40 -32.09
CA ALA E 394 -28.15 27.02 -31.74
C ALA E 394 -27.88 25.56 -32.06
N LEU E 395 -28.87 24.69 -31.82
CA LEU E 395 -28.72 23.27 -32.18
C LEU E 395 -28.72 23.04 -33.69
N LYS E 396 -29.40 23.91 -34.44
CA LYS E 396 -29.41 23.81 -35.89
C LYS E 396 -28.04 24.17 -36.48
N ARG E 397 -27.30 25.03 -35.79
CA ARG E 397 -25.93 25.35 -36.17
C ARG E 397 -25.00 24.14 -36.06
N ILE E 398 -25.15 23.33 -35.01
CA ILE E 398 -24.28 22.18 -34.77
C ILE E 398 -24.44 21.15 -35.88
N ILE E 399 -25.65 21.00 -36.40
CA ILE E 399 -25.91 20.14 -37.54
C ILE E 399 -25.31 20.74 -38.82
N LYS F 10 -39.71 28.30 -5.10
CA LYS F 10 -38.54 28.85 -5.77
C LYS F 10 -38.37 28.24 -7.16
N GLU F 11 -37.26 28.58 -7.83
CA GLU F 11 -36.96 28.05 -9.15
C GLU F 11 -35.86 26.99 -9.14
N ASP F 12 -34.83 27.17 -8.30
CA ASP F 12 -33.79 26.16 -8.18
C ASP F 12 -34.32 24.88 -7.55
N TYR F 13 -35.26 25.02 -6.60
CA TYR F 13 -35.91 23.84 -6.02
C TYR F 13 -36.78 23.12 -7.05
N PHE F 14 -37.45 23.88 -7.93
CA PHE F 14 -38.24 23.26 -8.99
C PHE F 14 -37.36 22.56 -10.01
N ARG F 15 -36.19 23.14 -10.32
CA ARG F 15 -35.23 22.50 -11.20
C ARG F 15 -34.68 21.21 -10.60
N VAL F 16 -34.30 21.24 -9.31
CA VAL F 16 -33.86 20.05 -8.60
C VAL F 16 -34.95 18.98 -8.59
N ASP F 17 -36.20 19.41 -8.40
CA ASP F 17 -37.32 18.47 -8.35
C ASP F 17 -37.57 17.80 -9.69
N MET F 18 -37.55 18.57 -10.78
CA MET F 18 -37.85 17.97 -12.08
C MET F 18 -36.68 17.11 -12.57
N LEU F 19 -35.43 17.51 -12.30
CA LEU F 19 -34.31 16.69 -12.74
C LEU F 19 -34.16 15.46 -11.85
N LEU F 20 -34.59 15.55 -10.59
CA LEU F 20 -34.54 14.41 -9.70
C LEU F 20 -35.67 13.43 -10.01
N ASN F 21 -36.80 13.93 -10.50
CA ASN F 21 -37.86 13.03 -10.93
C ASN F 21 -37.58 12.42 -12.29
N LYS F 22 -36.78 13.09 -13.13
CA LYS F 22 -36.46 12.53 -14.45
C LYS F 22 -35.24 11.63 -14.45
N LYS F 23 -34.27 11.86 -13.57
CA LYS F 23 -33.05 11.07 -13.57
C LYS F 23 -32.88 10.18 -12.35
N GLY F 24 -33.63 10.42 -11.27
CA GLY F 24 -33.49 9.68 -10.04
C GLY F 24 -32.44 10.24 -9.10
N GLN F 25 -31.38 10.85 -9.63
CA GLN F 25 -30.32 11.41 -8.82
C GLN F 25 -29.69 12.61 -9.53
N VAL F 26 -29.43 13.65 -8.75
CA VAL F 26 -28.80 14.87 -9.25
C VAL F 26 -27.54 15.13 -8.44
N ILE F 27 -26.72 16.04 -8.96
CA ILE F 27 -25.53 16.53 -8.28
C ILE F 27 -25.51 18.05 -8.46
N LEU F 28 -25.55 18.77 -7.34
CA LEU F 28 -25.37 20.22 -7.34
C LEU F 28 -23.89 20.50 -7.28
N TYR F 29 -23.31 20.92 -8.40
CA TYR F 29 -21.86 21.09 -8.48
C TYR F 29 -21.51 22.55 -8.70
N GLY F 30 -20.47 22.99 -8.02
CA GLY F 30 -20.03 24.37 -8.11
C GLY F 30 -18.89 24.68 -7.15
N PRO F 31 -18.47 25.93 -7.13
CA PRO F 31 -17.41 26.36 -6.20
C PRO F 31 -17.90 26.35 -4.76
N PRO F 32 -17.00 26.34 -3.77
CA PRO F 32 -17.47 26.32 -2.38
C PRO F 32 -18.10 27.63 -1.97
N GLY F 33 -19.12 27.52 -1.12
CA GLY F 33 -19.79 28.68 -0.59
C GLY F 33 -20.95 29.20 -1.41
N THR F 34 -21.49 28.40 -2.33
CA THR F 34 -22.64 28.81 -3.11
C THR F 34 -23.94 28.23 -2.60
N GLY F 35 -23.91 27.46 -1.52
CA GLY F 35 -25.12 26.99 -0.90
C GLY F 35 -25.70 25.71 -1.46
N LYS F 36 -24.86 24.82 -2.00
CA LYS F 36 -25.36 23.58 -2.59
C LYS F 36 -25.87 22.63 -1.51
N THR F 37 -25.15 22.54 -0.40
CA THR F 37 -25.63 21.77 0.75
C THR F 37 -26.90 22.37 1.33
N TRP F 38 -26.97 23.71 1.37
CA TRP F 38 -28.15 24.39 1.89
C TRP F 38 -29.34 24.22 0.95
N ILE F 39 -29.11 24.25 -0.36
CA ILE F 39 -30.19 24.04 -1.34
C ILE F 39 -30.71 22.62 -1.26
N ALA F 40 -29.80 21.65 -1.13
CA ALA F 40 -30.20 20.24 -1.01
C ALA F 40 -30.98 19.99 0.28
N ARG F 41 -30.48 20.51 1.41
CA ARG F 41 -31.15 20.33 2.68
C ARG F 41 -32.51 21.04 2.71
N LYS F 42 -32.59 22.24 2.11
CA LYS F 42 -33.83 22.99 2.08
C LYS F 42 -34.88 22.28 1.22
N TYR F 43 -34.48 21.75 0.07
CA TYR F 43 -35.41 21.03 -0.79
C TYR F 43 -35.89 19.74 -0.13
N VAL F 44 -35.00 19.04 0.58
CA VAL F 44 -35.40 17.78 1.19
C VAL F 44 -36.32 18.02 2.39
N VAL F 45 -36.02 19.04 3.22
CA VAL F 45 -36.95 19.33 4.32
C VAL F 45 -38.23 20.00 3.82
N GLU F 46 -38.25 20.52 2.59
CA GLU F 46 -39.52 20.95 2.00
C GLU F 46 -40.31 19.78 1.44
N GLU F 47 -39.62 18.72 0.99
CA GLU F 47 -40.33 17.56 0.44
C GLU F 47 -40.90 16.68 1.55
N THR F 48 -40.03 16.15 2.41
CA THR F 48 -40.46 15.19 3.43
C THR F 48 -41.11 15.85 4.64
N ASN F 49 -41.00 17.19 4.76
CA ASN F 49 -41.52 17.99 5.88
C ASN F 49 -40.98 17.50 7.22
N GLU F 50 -39.70 17.13 7.24
CA GLU F 50 -39.01 16.71 8.45
C GLU F 50 -37.75 17.54 8.59
N LYS F 51 -37.57 18.18 9.74
CA LYS F 51 -36.45 19.10 9.91
C LYS F 51 -35.13 18.36 10.09
N THR F 52 -35.17 17.15 10.62
CA THR F 52 -33.99 16.35 10.90
C THR F 52 -33.99 15.09 10.06
N PRO F 53 -32.81 14.49 9.81
CA PRO F 53 -32.79 13.17 9.16
C PRO F 53 -33.27 12.06 10.07
N GLY F 54 -33.28 10.83 9.57
CA GLY F 54 -33.96 9.78 10.29
C GLY F 54 -34.68 8.81 9.39
N ASN F 55 -36.01 8.74 9.52
CA ASN F 55 -36.78 7.77 8.75
C ASN F 55 -36.78 8.08 7.26
N LYS F 56 -37.27 9.26 6.86
CA LYS F 56 -37.56 9.50 5.46
C LYS F 56 -36.39 10.04 4.66
N TRP F 57 -35.34 10.55 5.30
CA TRP F 57 -34.18 10.98 4.55
C TRP F 57 -32.92 10.87 5.40
N GLU F 58 -31.79 10.69 4.72
CA GLU F 58 -30.49 10.60 5.37
C GLU F 58 -29.54 11.63 4.77
N PHE F 59 -28.55 12.00 5.57
CA PHE F 59 -27.50 12.93 5.18
C PHE F 59 -26.16 12.28 5.48
N ILE F 60 -25.29 12.21 4.48
CA ILE F 60 -23.95 11.67 4.66
C ILE F 60 -22.97 12.61 3.98
N THR F 61 -21.70 12.50 4.39
CA THR F 61 -20.61 13.24 3.77
C THR F 61 -19.55 12.25 3.32
N PHE F 62 -19.25 12.27 2.02
CA PHE F 62 -18.16 11.48 1.49
C PHE F 62 -16.84 12.15 1.87
N HIS F 63 -15.94 11.39 2.48
CA HIS F 63 -14.58 11.84 2.73
C HIS F 63 -13.63 10.93 1.96
N GLN F 64 -12.32 11.17 2.16
CA GLN F 64 -11.31 10.40 1.44
C GLN F 64 -11.30 8.93 1.85
N SER F 65 -11.56 8.65 3.13
CA SER F 65 -11.55 7.29 3.64
C SER F 65 -12.93 6.65 3.66
N TYR F 66 -13.92 7.23 2.99
CA TYR F 66 -15.22 6.59 2.85
C TYR F 66 -15.09 5.39 1.93
N SER F 67 -15.66 4.27 2.34
CA SER F 67 -15.46 3.01 1.65
C SER F 67 -16.80 2.43 1.18
N TYR F 68 -16.69 1.40 0.34
CA TYR F 68 -17.85 0.61 -0.05
C TYR F 68 -18.42 -0.16 1.13
N GLU F 69 -17.55 -0.58 2.06
CA GLU F 69 -17.98 -1.41 3.17
C GLU F 69 -18.84 -0.65 4.17
N GLU F 70 -18.65 0.66 4.28
CA GLU F 70 -19.48 1.49 5.13
C GLU F 70 -20.58 2.20 4.35
N PHE F 71 -20.79 1.83 3.09
CA PHE F 71 -21.83 2.44 2.27
C PHE F 71 -22.88 1.44 1.80
N ILE F 72 -22.48 0.26 1.34
CA ILE F 72 -23.45 -0.73 0.90
C ILE F 72 -23.51 -1.86 1.93
N GLU F 73 -22.42 -2.61 2.06
CA GLU F 73 -22.35 -3.64 3.08
C GLU F 73 -20.89 -3.97 3.34
N GLY F 74 -20.59 -4.34 4.57
CA GLY F 74 -19.22 -4.65 4.94
C GLY F 74 -19.14 -5.46 6.20
N PHE F 75 -18.01 -6.14 6.36
CA PHE F 75 -17.75 -6.93 7.57
C PHE F 75 -17.43 -5.96 8.70
N ARG F 76 -18.42 -5.71 9.55
CA ARG F 76 -18.28 -4.83 10.70
C ARG F 76 -18.14 -5.67 11.97
N PRO F 77 -17.33 -5.20 12.93
CA PRO F 77 -17.27 -5.88 14.21
C PRO F 77 -18.51 -5.60 15.05
N ARG F 78 -18.99 -6.65 15.72
CA ARG F 78 -20.14 -6.55 16.59
C ARG F 78 -20.04 -7.64 17.64
N THR F 79 -20.42 -7.33 18.88
CA THR F 79 -20.19 -8.23 19.99
C THR F 79 -21.35 -9.23 20.11
N ASP F 80 -21.00 -10.49 20.27
CA ASP F 80 -21.98 -11.57 20.42
C ASP F 80 -22.16 -11.87 21.90
N ASN F 81 -23.39 -11.63 22.40
CA ASN F 81 -23.78 -11.84 23.80
C ASN F 81 -22.91 -11.05 24.78
N GLU F 82 -22.45 -9.86 24.34
CA GLU F 82 -21.65 -8.91 25.13
C GLU F 82 -20.35 -9.52 25.64
N GLU F 83 -19.79 -10.48 24.92
CA GLU F 83 -18.62 -11.20 25.39
C GLU F 83 -17.43 -11.13 24.45
N LYS F 84 -17.65 -11.24 23.14
CA LYS F 84 -16.53 -11.27 22.19
C LYS F 84 -17.01 -10.72 20.85
N ILE F 85 -16.14 -9.98 20.18
CA ILE F 85 -16.49 -9.37 18.91
C ILE F 85 -16.33 -10.38 17.79
N ARG F 86 -17.25 -10.32 16.83
CA ARG F 86 -17.19 -11.10 15.60
C ARG F 86 -17.45 -10.17 14.44
N TYR F 87 -16.90 -10.52 13.28
CA TYR F 87 -17.03 -9.69 12.08
C TYR F 87 -18.19 -10.24 11.27
N VAL F 88 -19.30 -9.50 11.24
CA VAL F 88 -20.49 -9.94 10.53
C VAL F 88 -20.85 -8.89 9.48
N VAL F 89 -21.51 -9.33 8.43
CA VAL F 89 -21.84 -8.45 7.30
C VAL F 89 -22.98 -7.54 7.72
N GLU F 90 -22.67 -6.28 8.00
CA GLU F 90 -23.69 -5.27 8.28
C GLU F 90 -23.87 -4.38 7.07
N ASP F 91 -25.12 -4.02 6.80
CA ASP F 91 -25.44 -3.15 5.67
C ASP F 91 -24.99 -1.72 5.96
N GLY F 92 -24.61 -1.02 4.90
CA GLY F 92 -24.15 0.35 5.01
C GLY F 92 -25.30 1.33 5.16
N ILE F 93 -25.01 2.59 4.83
CA ILE F 93 -26.02 3.63 4.92
C ILE F 93 -27.00 3.50 3.76
N PHE F 94 -26.48 3.29 2.55
CA PHE F 94 -27.34 3.26 1.37
C PHE F 94 -28.21 2.02 1.35
N LYS F 95 -27.68 0.87 1.77
CA LYS F 95 -28.50 -0.33 1.74
C LYS F 95 -29.60 -0.27 2.79
N LYS F 96 -29.31 0.33 3.95
CA LYS F 96 -30.34 0.49 4.97
C LYS F 96 -31.42 1.47 4.52
N ILE F 97 -31.03 2.59 3.90
CA ILE F 97 -32.05 3.53 3.44
C ILE F 97 -32.79 3.00 2.20
N ALA F 98 -32.17 2.13 1.39
CA ALA F 98 -32.87 1.58 0.24
C ALA F 98 -33.86 0.50 0.66
N LEU F 99 -33.48 -0.33 1.62
CA LEU F 99 -34.43 -1.30 2.18
C LEU F 99 -35.55 -0.59 2.93
N ARG F 100 -35.23 0.52 3.61
CA ARG F 100 -36.25 1.30 4.30
C ARG F 100 -37.23 1.93 3.32
N ALA F 101 -36.73 2.47 2.20
CA ALA F 101 -37.59 3.05 1.19
C ALA F 101 -38.45 2.00 0.50
N LEU F 102 -37.88 0.82 0.22
CA LEU F 102 -38.63 -0.24 -0.42
C LEU F 102 -39.71 -0.80 0.50
N VAL F 103 -39.40 -0.98 1.79
CA VAL F 103 -40.37 -1.53 2.72
C VAL F 103 -41.48 -0.52 3.01
N LYS F 104 -41.12 0.76 3.19
CA LYS F 104 -42.13 1.79 3.39
C LYS F 104 -42.98 2.02 2.15
N GLY F 105 -42.43 1.79 0.95
CA GLY F 105 -43.26 1.80 -0.24
C GLY F 105 -44.15 0.58 -0.35
N LEU F 106 -43.70 -0.55 0.20
CA LEU F 106 -44.53 -1.75 0.24
C LEU F 106 -45.56 -1.72 1.34
N PHE F 107 -45.51 -0.73 2.23
CA PHE F 107 -46.60 -0.50 3.18
C PHE F 107 -47.90 -0.16 2.45
N GLU F 108 -47.89 0.93 1.70
CA GLU F 108 -49.10 1.43 1.03
C GLU F 108 -49.42 0.67 -0.24
N LEU F 109 -48.61 -0.30 -0.65
CA LEU F 109 -48.88 -1.05 -1.86
C LEU F 109 -50.01 -2.04 -1.61
N GLU F 110 -51.07 -1.93 -2.40
CA GLU F 110 -52.22 -2.84 -2.28
C GLU F 110 -51.92 -4.10 -3.08
N ASP F 111 -51.47 -5.14 -2.39
CA ASP F 111 -51.22 -6.43 -3.01
C ASP F 111 -51.48 -7.52 -1.99
N ALA F 112 -51.87 -8.70 -2.48
CA ALA F 112 -52.20 -9.82 -1.61
C ALA F 112 -51.01 -10.71 -1.28
N THR F 113 -49.96 -10.67 -2.10
CA THR F 113 -48.79 -11.51 -1.87
C THR F 113 -47.91 -11.00 -0.73
N ILE F 114 -48.08 -9.75 -0.33
CA ILE F 114 -47.24 -9.16 0.70
C ILE F 114 -47.76 -9.58 2.07
N GLY F 115 -46.85 -10.10 2.90
CA GLY F 115 -47.18 -10.36 4.29
C GLY F 115 -46.81 -9.19 5.17
N LYS F 116 -47.81 -8.34 5.46
CA LYS F 116 -47.57 -7.03 6.04
C LYS F 116 -47.00 -7.13 7.45
N ASP F 117 -47.48 -8.11 8.23
CA ASP F 117 -46.97 -8.33 9.58
C ASP F 117 -45.52 -8.76 9.58
N LYS F 118 -45.04 -9.36 8.48
CA LYS F 118 -43.60 -9.53 8.32
C LYS F 118 -42.95 -8.20 7.95
N ILE F 119 -43.52 -7.51 6.94
CA ILE F 119 -42.88 -6.37 6.30
C ILE F 119 -42.74 -5.21 7.27
N HIS F 120 -43.80 -4.93 8.04
CA HIS F 120 -43.77 -3.92 9.09
C HIS F 120 -42.69 -4.20 10.11
N ARG F 121 -42.50 -5.48 10.47
CA ARG F 121 -41.45 -5.85 11.40
C ARG F 121 -40.09 -5.56 10.82
N LEU F 122 -39.93 -5.78 9.50
CA LEU F 122 -38.68 -5.43 8.82
C LEU F 122 -38.43 -3.94 8.89
N TYR F 123 -39.51 -3.14 8.80
CA TYR F 123 -39.38 -1.69 8.93
C TYR F 123 -38.85 -1.31 10.30
N ILE F 124 -39.32 -2.01 11.34
CA ILE F 124 -38.81 -1.77 12.69
C ILE F 124 -37.33 -2.12 12.75
N LEU F 125 -36.96 -3.22 12.10
CA LEU F 125 -35.56 -3.63 12.06
C LEU F 125 -34.71 -2.72 11.19
N LEU F 126 -35.33 -1.87 10.38
CA LEU F 126 -34.58 -0.86 9.64
C LEU F 126 -34.66 0.52 10.27
N THR F 127 -35.46 0.70 11.33
CA THR F 127 -35.63 2.03 11.90
C THR F 127 -35.19 2.15 13.36
N LYS F 128 -34.80 1.05 14.00
CA LYS F 128 -34.32 1.14 15.37
C LYS F 128 -32.88 1.66 15.40
N LYS F 129 -32.64 2.70 16.18
CA LYS F 129 -31.34 3.35 16.25
C LYS F 129 -30.48 2.72 17.35
N GLU F 130 -30.23 1.43 17.18
CA GLU F 130 -29.43 0.65 18.11
C GLU F 130 -28.93 -0.58 17.36
N PRO F 131 -27.77 -1.13 17.74
CA PRO F 131 -27.27 -2.32 17.04
C PRO F 131 -28.13 -3.55 17.31
N LEU F 132 -28.27 -4.38 16.29
CA LEU F 132 -29.18 -5.51 16.36
C LEU F 132 -28.56 -6.61 17.21
N SER F 133 -29.36 -7.15 18.13
CA SER F 133 -28.93 -8.32 18.88
C SER F 133 -28.90 -9.53 17.95
N PRO F 134 -28.02 -10.52 18.23
CA PRO F 134 -27.93 -11.68 17.34
C PRO F 134 -29.18 -12.57 17.33
N THR F 135 -30.05 -12.45 18.34
CA THR F 135 -31.32 -13.17 18.31
C THR F 135 -32.26 -12.60 17.25
N GLU F 136 -32.17 -11.30 16.99
CA GLU F 136 -33.02 -10.66 16.00
C GLU F 136 -32.27 -10.22 14.74
N TYR F 137 -30.94 -10.29 14.73
CA TYR F 137 -30.21 -10.01 13.51
C TYR F 137 -30.45 -11.11 12.47
N GLU F 138 -30.56 -12.36 12.92
CA GLU F 138 -30.94 -13.45 12.01
C GLU F 138 -32.38 -13.30 11.55
N GLU F 139 -33.25 -12.76 12.40
CA GLU F 139 -34.61 -12.44 11.98
C GLU F 139 -34.62 -11.35 10.92
N TYR F 140 -33.74 -10.37 11.06
CA TYR F 140 -33.60 -9.31 10.07
C TYR F 140 -33.08 -9.85 8.74
N LEU F 141 -32.14 -10.79 8.81
CA LEU F 141 -31.63 -11.44 7.59
C LEU F 141 -32.72 -12.28 6.92
N ARG F 142 -33.51 -13.00 7.70
CA ARG F 142 -34.58 -13.83 7.15
C ARG F 142 -35.70 -12.97 6.56
N LEU F 143 -35.99 -11.83 7.19
CA LEU F 143 -36.97 -10.91 6.64
C LEU F 143 -36.46 -10.24 5.36
N LYS F 144 -35.15 -9.99 5.27
CA LYS F 144 -34.59 -9.48 4.02
C LYS F 144 -34.66 -10.51 2.92
N ARG F 145 -34.42 -11.79 3.25
CA ARG F 145 -34.55 -12.86 2.26
C ARG F 145 -36.00 -13.00 1.79
N TYR F 146 -36.96 -12.86 2.71
CA TYR F 146 -38.37 -12.87 2.34
C TYR F 146 -38.71 -11.66 1.46
N LEU F 147 -38.12 -10.50 1.75
CA LEU F 147 -38.40 -9.30 0.98
C LEU F 147 -37.87 -9.43 -0.45
N TRP F 148 -36.66 -9.95 -0.61
CA TRP F 148 -36.12 -10.12 -1.95
C TRP F 148 -36.72 -11.31 -2.67
N GLU F 149 -37.34 -12.25 -1.95
CA GLU F 149 -38.15 -13.27 -2.62
C GLU F 149 -39.51 -12.72 -3.03
N LEU F 150 -40.00 -11.71 -2.32
CA LEU F 150 -41.32 -11.15 -2.61
C LEU F 150 -41.29 -10.22 -3.82
N VAL F 151 -40.29 -9.34 -3.89
CA VAL F 151 -40.19 -8.42 -5.02
C VAL F 151 -39.65 -9.08 -6.28
N GLY F 152 -39.17 -10.31 -6.19
CA GLY F 152 -38.77 -11.06 -7.36
C GLY F 152 -39.90 -11.71 -8.11
N GLY F 153 -41.14 -11.50 -7.68
CA GLY F 153 -42.31 -12.03 -8.38
C GLY F 153 -43.36 -10.96 -8.58
N LEU F 154 -43.13 -9.78 -8.01
CA LEU F 154 -44.06 -8.68 -8.16
C LEU F 154 -43.98 -8.10 -9.57
N PRO F 155 -45.09 -7.61 -10.12
CA PRO F 155 -45.06 -7.01 -11.45
C PRO F 155 -44.54 -5.59 -11.41
N LYS F 156 -44.34 -5.03 -12.62
CA LYS F 156 -43.77 -3.70 -12.74
C LYS F 156 -44.77 -2.61 -12.37
N ASP F 157 -46.07 -2.86 -12.59
CA ASP F 157 -47.07 -1.82 -12.36
C ASP F 157 -47.26 -1.51 -10.89
N LYS F 158 -46.99 -2.47 -10.01
CA LYS F 158 -47.02 -2.20 -8.58
C LYS F 158 -45.81 -1.40 -8.13
N LEU F 159 -44.61 -1.91 -8.41
CA LEU F 159 -43.38 -1.32 -7.93
C LEU F 159 -42.96 -0.07 -8.71
N LYS F 160 -43.69 0.31 -9.76
CA LYS F 160 -43.36 1.51 -10.51
C LYS F 160 -43.59 2.77 -9.68
N ASN F 161 -44.74 2.86 -9.03
CA ASN F 161 -45.12 4.05 -8.27
C ASN F 161 -45.22 3.69 -6.79
N LEU F 162 -44.27 4.21 -6.01
CA LEU F 162 -44.24 3.99 -4.57
C LEU F 162 -44.61 5.28 -3.85
N THR F 163 -45.41 5.17 -2.78
CA THR F 163 -46.18 6.31 -2.31
C THR F 163 -45.35 7.37 -1.58
N PRO F 164 -44.43 7.04 -0.60
CA PRO F 164 -43.58 8.12 -0.08
C PRO F 164 -42.44 8.49 -1.01
N LYS F 165 -41.53 9.35 -0.56
CA LYS F 165 -40.35 9.69 -1.34
C LYS F 165 -39.17 9.85 -0.38
N PHE F 166 -38.15 9.04 -0.59
CA PHE F 166 -36.99 9.00 0.29
C PHE F 166 -35.80 9.69 -0.37
N TYR F 167 -34.97 10.33 0.47
CA TYR F 167 -33.87 11.14 -0.03
C TYR F 167 -32.59 10.81 0.71
N LEU F 168 -31.48 10.82 -0.03
CA LEU F 168 -30.16 10.62 0.54
C LEU F 168 -29.26 11.74 0.02
N ILE F 169 -29.01 12.73 0.87
CA ILE F 169 -28.10 13.80 0.52
C ILE F 169 -26.67 13.33 0.76
N ILE F 170 -25.81 13.50 -0.23
CA ILE F 170 -24.40 13.14 -0.13
C ILE F 170 -23.61 14.44 -0.31
N ASP F 171 -23.27 15.08 0.79
CA ASP F 171 -22.49 16.31 0.74
C ASP F 171 -21.04 15.99 0.42
N GLU F 172 -20.43 16.85 -0.42
CA GLU F 172 -19.07 16.72 -0.92
C GLU F 172 -18.86 15.35 -1.57
N ILE F 173 -19.61 15.12 -2.65
CA ILE F 173 -19.65 13.79 -3.25
C ILE F 173 -18.36 13.43 -3.96
N ASN F 174 -17.57 14.41 -4.40
CA ASN F 174 -16.34 14.10 -5.12
C ASN F 174 -15.17 13.83 -4.20
N ARG F 175 -15.31 14.07 -2.89
CA ARG F 175 -14.20 13.88 -1.97
C ARG F 175 -13.91 12.41 -1.67
N GLY F 176 -14.76 11.49 -2.13
CA GLY F 176 -14.49 10.08 -2.06
C GLY F 176 -14.26 9.49 -3.45
N ASN F 177 -13.87 8.22 -3.46
CA ASN F 177 -13.69 7.46 -4.70
C ASN F 177 -15.07 6.92 -5.08
N ILE F 178 -15.79 7.70 -5.90
CA ILE F 178 -17.24 7.55 -6.04
C ILE F 178 -17.60 6.23 -6.71
N SER F 179 -16.76 5.78 -7.65
CA SER F 179 -16.97 4.47 -8.26
C SER F 179 -16.68 3.36 -7.28
N LYS F 180 -15.61 3.47 -6.52
CA LYS F 180 -15.27 2.46 -5.52
C LYS F 180 -16.25 2.44 -4.37
N ILE F 181 -16.79 3.60 -3.99
CA ILE F 181 -17.79 3.65 -2.92
C ILE F 181 -19.12 3.12 -3.41
N PHE F 182 -19.48 3.42 -4.66
CA PHE F 182 -20.77 2.99 -5.20
C PHE F 182 -20.77 1.50 -5.49
N GLY F 183 -19.92 1.04 -6.40
CA GLY F 183 -19.85 -0.38 -6.69
C GLY F 183 -20.98 -0.83 -7.59
N GLU F 184 -21.96 -1.53 -7.00
CA GLU F 184 -23.14 -1.97 -7.73
C GLU F 184 -24.06 -0.80 -8.08
N LEU F 185 -23.88 0.34 -7.44
CA LEU F 185 -24.70 1.51 -7.67
C LEU F 185 -24.34 2.24 -8.95
N ILE F 186 -23.26 1.85 -9.64
CA ILE F 186 -23.07 2.33 -11.00
C ILE F 186 -24.16 1.79 -11.90
N THR F 187 -24.52 0.53 -11.72
CA THR F 187 -25.56 -0.08 -12.55
C THR F 187 -26.95 0.18 -12.00
N LEU F 188 -27.11 0.11 -10.67
CA LEU F 188 -28.44 0.10 -10.08
C LEU F 188 -29.10 1.47 -10.03
N LEU F 189 -28.33 2.56 -10.06
CA LEU F 189 -28.91 3.87 -9.76
C LEU F 189 -29.68 4.48 -10.91
N GLU F 190 -29.60 3.92 -12.11
CA GLU F 190 -30.33 4.48 -13.23
C GLU F 190 -31.83 4.23 -13.06
N LYS F 191 -32.62 5.16 -13.57
CA LYS F 191 -34.07 5.13 -13.36
C LYS F 191 -34.73 3.96 -14.09
N ASP F 192 -34.11 3.47 -15.15
CA ASP F 192 -34.64 2.28 -15.81
C ASP F 192 -34.20 1.01 -15.11
N LYS F 193 -33.08 1.03 -14.39
CA LYS F 193 -32.56 -0.15 -13.71
C LYS F 193 -33.05 -0.28 -12.28
N ARG F 194 -34.01 0.53 -11.86
CA ARG F 194 -34.52 0.43 -10.50
C ARG F 194 -35.65 -0.59 -10.43
N LEU F 195 -36.22 -0.74 -9.24
CA LEU F 195 -37.35 -1.64 -9.07
C LEU F 195 -38.59 -1.08 -9.74
N GLY F 196 -39.33 -1.93 -10.43
CA GLY F 196 -40.49 -1.50 -11.17
C GLY F 196 -40.21 -0.77 -12.47
N GLY F 197 -38.94 -0.49 -12.78
CA GLY F 197 -38.57 0.10 -14.04
C GLY F 197 -38.66 -0.90 -15.17
N GLU F 198 -38.40 -0.41 -16.38
CA GLU F 198 -38.48 -1.25 -17.57
C GLU F 198 -37.37 -2.30 -17.58
N ASN F 199 -36.12 -1.86 -17.45
CA ASN F 199 -34.98 -2.77 -17.41
C ASN F 199 -34.55 -3.01 -15.97
N GLN F 200 -35.49 -3.53 -15.17
CA GLN F 200 -35.29 -3.69 -13.74
C GLN F 200 -34.19 -4.71 -13.44
N LEU F 201 -33.23 -4.28 -12.61
CA LEU F 201 -32.03 -5.07 -12.34
C LEU F 201 -31.91 -5.31 -10.85
N ILE F 202 -31.57 -6.54 -10.49
CA ILE F 202 -31.31 -6.93 -9.10
C ILE F 202 -29.93 -7.58 -9.06
N VAL F 203 -28.96 -6.87 -8.49
CA VAL F 203 -27.60 -7.38 -8.38
C VAL F 203 -27.50 -8.37 -7.24
N ARG F 204 -26.37 -9.08 -7.16
CA ARG F 204 -26.05 -9.97 -6.06
C ARG F 204 -24.81 -9.42 -5.37
N LEU F 205 -24.97 -8.98 -4.13
CA LEU F 205 -23.90 -8.31 -3.41
C LEU F 205 -22.80 -9.28 -2.99
N PRO F 206 -21.55 -8.82 -2.88
CA PRO F 206 -20.45 -9.77 -2.65
C PRO F 206 -20.38 -10.35 -1.25
N TYR F 207 -20.52 -9.53 -0.22
CA TYR F 207 -20.19 -9.97 1.13
C TYR F 207 -21.29 -10.83 1.73
N SER F 208 -22.50 -10.30 1.79
CA SER F 208 -23.62 -11.06 2.35
C SER F 208 -24.10 -12.13 1.38
N GLY F 209 -23.86 -11.94 0.09
CA GLY F 209 -24.33 -12.90 -0.90
C GLY F 209 -25.83 -12.90 -1.10
N GLU F 210 -26.49 -11.77 -0.84
CA GLU F 210 -27.92 -11.67 -0.99
C GLU F 210 -28.27 -10.65 -2.07
N PRO F 211 -29.44 -10.76 -2.69
CA PRO F 211 -29.79 -9.81 -3.75
C PRO F 211 -30.06 -8.41 -3.20
N PHE F 212 -30.04 -7.44 -4.13
CA PHE F 212 -30.23 -6.04 -3.80
C PHE F 212 -30.63 -5.28 -5.06
N ALA F 213 -31.49 -4.29 -4.89
CA ALA F 213 -31.93 -3.42 -5.97
C ALA F 213 -32.42 -2.10 -5.38
N VAL F 214 -32.14 -1.02 -6.09
CA VAL F 214 -32.53 0.31 -5.61
C VAL F 214 -34.01 0.53 -5.93
N PRO F 215 -34.83 0.92 -4.96
CA PRO F 215 -36.22 1.24 -5.24
C PRO F 215 -36.34 2.56 -5.98
N PRO F 216 -37.45 2.81 -6.68
CA PRO F 216 -37.69 4.15 -7.23
C PRO F 216 -38.18 5.14 -6.20
N ASN F 217 -38.48 4.65 -4.99
CA ASN F 217 -38.82 5.47 -3.85
C ASN F 217 -37.69 6.41 -3.46
N LEU F 218 -36.44 5.97 -3.65
CA LEU F 218 -35.28 6.67 -3.13
C LEU F 218 -34.66 7.60 -4.17
N TYR F 219 -34.24 8.77 -3.71
CA TYR F 219 -33.59 9.77 -4.55
C TYR F 219 -32.29 10.21 -3.89
N ILE F 220 -31.35 10.70 -4.70
CA ILE F 220 -30.03 11.11 -4.23
C ILE F 220 -29.76 12.52 -4.71
N ILE F 221 -29.40 13.41 -3.79
CA ILE F 221 -28.99 14.77 -4.12
C ILE F 221 -27.56 14.95 -3.62
N GLY F 222 -26.59 14.82 -4.52
CA GLY F 222 -25.21 15.05 -4.14
C GLY F 222 -24.79 16.49 -4.30
N THR F 223 -23.78 16.89 -3.54
CA THR F 223 -23.12 18.17 -3.72
C THR F 223 -21.66 17.91 -4.10
N MET F 224 -21.12 18.74 -4.98
CA MET F 224 -19.79 18.52 -5.52
C MET F 224 -19.00 19.81 -5.52
N ASN F 225 -17.93 19.85 -4.74
CA ASN F 225 -16.97 20.95 -4.77
C ASN F 225 -16.09 20.76 -6.00
N THR F 226 -16.31 21.57 -7.03
CA THR F 226 -15.55 21.45 -8.26
C THR F 226 -14.29 22.32 -8.28
N ALA F 227 -13.98 22.99 -7.16
CA ALA F 227 -12.77 23.83 -7.12
C ALA F 227 -11.52 22.97 -7.10
N ASP F 228 -11.41 22.10 -6.10
CA ASP F 228 -10.28 21.18 -6.05
C ASP F 228 -10.43 20.09 -7.12
N ARG F 229 -9.29 19.54 -7.53
CA ARG F 229 -9.32 18.52 -8.57
C ARG F 229 -8.33 17.38 -8.29
N SER F 230 -7.80 17.29 -7.07
CA SER F 230 -6.96 16.16 -6.70
C SER F 230 -7.78 14.87 -6.67
N ILE F 231 -8.80 14.82 -5.84
CA ILE F 231 -9.83 13.80 -5.95
C ILE F 231 -11.14 14.53 -6.25
N ALA F 232 -11.40 14.72 -7.54
CA ALA F 232 -12.69 15.22 -8.01
C ALA F 232 -13.13 14.60 -9.33
N LEU F 233 -12.37 13.68 -9.89
CA LEU F 233 -12.62 13.18 -11.24
C LEU F 233 -13.47 11.91 -11.14
N LEU F 234 -14.75 12.05 -11.45
CA LEU F 234 -15.65 10.91 -11.54
C LEU F 234 -15.79 10.48 -13.00
N ASP F 235 -16.13 9.22 -13.21
CA ASP F 235 -16.10 8.62 -14.53
C ASP F 235 -17.27 9.12 -15.38
N VAL F 236 -17.11 8.98 -16.69
CA VAL F 236 -18.12 9.45 -17.64
C VAL F 236 -19.41 8.65 -17.52
N ALA F 237 -19.28 7.33 -17.30
CA ALA F 237 -20.44 6.50 -17.00
C ALA F 237 -21.10 6.91 -15.69
N LEU F 238 -20.32 7.42 -14.75
CA LEU F 238 -20.88 7.95 -13.52
C LEU F 238 -21.47 9.33 -13.71
N ARG F 239 -21.01 10.08 -14.73
CA ARG F 239 -21.71 11.30 -15.11
C ARG F 239 -23.04 11.00 -15.76
N ARG F 240 -23.18 9.82 -16.36
CA ARG F 240 -24.44 9.47 -17.03
C ARG F 240 -25.58 9.23 -16.06
N ARG F 241 -25.30 8.77 -14.84
CA ARG F 241 -26.38 8.42 -13.93
C ARG F 241 -27.01 9.66 -13.31
N PHE F 242 -26.24 10.72 -13.10
CA PHE F 242 -26.69 11.89 -12.38
C PHE F 242 -27.03 13.00 -13.36
N ALA F 243 -28.07 13.77 -13.04
CA ALA F 243 -28.20 15.09 -13.65
C ALA F 243 -27.25 16.04 -12.94
N PHE F 244 -26.81 17.07 -13.65
CA PHE F 244 -25.77 17.95 -13.11
C PHE F 244 -26.27 19.38 -13.12
N ILE F 245 -26.39 19.97 -11.94
CA ILE F 245 -26.97 21.29 -11.75
C ILE F 245 -25.84 22.23 -11.33
N GLU F 246 -25.53 23.17 -12.20
CA GLU F 246 -24.51 24.17 -11.89
C GLU F 246 -25.05 25.18 -10.89
N VAL F 247 -24.43 25.23 -9.72
CA VAL F 247 -24.76 26.24 -8.73
C VAL F 247 -23.67 27.30 -8.78
N GLU F 248 -23.90 28.34 -9.57
CA GLU F 248 -22.97 29.44 -9.69
C GLU F 248 -22.98 30.27 -8.41
N PRO F 249 -21.92 31.01 -8.14
CA PRO F 249 -22.02 32.08 -7.14
C PRO F 249 -22.98 33.15 -7.62
N ARG F 250 -23.88 33.56 -6.73
CA ARG F 250 -24.88 34.58 -7.04
C ARG F 250 -24.50 35.87 -6.32
N PRO F 251 -23.79 36.79 -6.98
CA PRO F 251 -23.42 38.04 -6.32
C PRO F 251 -24.60 38.98 -6.16
N GLU F 252 -25.67 38.80 -6.92
CA GLU F 252 -26.89 39.57 -6.76
C GLU F 252 -27.62 39.26 -5.46
N PHE F 253 -27.23 38.22 -4.74
CA PHE F 253 -27.68 38.00 -3.38
C PHE F 253 -27.00 38.93 -2.37
N LEU F 254 -25.96 39.65 -2.79
CA LEU F 254 -25.22 40.54 -1.91
C LEU F 254 -25.57 42.01 -2.10
N GLU F 255 -26.60 42.31 -2.90
CA GLU F 255 -27.15 43.66 -2.93
C GLU F 255 -27.78 43.99 -1.58
N LYS F 256 -27.87 45.28 -1.28
CA LYS F 256 -28.26 45.74 0.05
C LYS F 256 -29.69 45.36 0.38
N GLU F 257 -30.62 45.59 -0.54
CA GLU F 257 -31.98 45.12 -0.35
C GLU F 257 -32.07 43.60 -0.44
N ASN F 258 -31.24 42.97 -1.28
CA ASN F 258 -31.24 41.52 -1.39
C ASN F 258 -30.67 40.86 -0.14
N LEU F 259 -29.54 41.38 0.37
CA LEU F 259 -28.99 40.87 1.63
C LEU F 259 -29.92 41.15 2.80
N LYS F 260 -30.64 42.28 2.75
CA LYS F 260 -31.67 42.58 3.73
C LYS F 260 -32.78 41.55 3.72
N LYS F 261 -33.26 41.17 2.52
CA LYS F 261 -34.35 40.22 2.43
C LYS F 261 -33.91 38.80 2.80
N ILE F 262 -32.68 38.43 2.44
CA ILE F 262 -32.18 37.10 2.80
C ILE F 262 -31.93 37.00 4.31
N ARG F 263 -31.35 38.04 4.92
CA ARG F 263 -31.14 38.00 6.36
C ARG F 263 -32.45 38.17 7.14
N GLU F 264 -33.46 38.79 6.54
CA GLU F 264 -34.75 38.96 7.17
C GLU F 264 -35.72 37.82 6.86
N LYS F 265 -35.33 36.89 5.99
CA LYS F 265 -36.16 35.71 5.76
C LYS F 265 -36.20 34.80 6.98
N LYS F 266 -35.17 34.85 7.82
CA LYS F 266 -35.21 34.15 9.10
C LYS F 266 -36.11 34.87 10.09
N LEU F 267 -36.36 34.22 11.21
CA LEU F 267 -37.28 34.75 12.22
C LEU F 267 -36.59 35.87 13.01
N LYS F 268 -37.14 37.07 12.92
CA LYS F 268 -36.68 38.21 13.73
C LYS F 268 -37.89 39.04 14.09
N THR F 269 -38.16 39.15 15.40
CA THR F 269 -39.33 39.88 15.87
C THR F 269 -39.12 41.39 15.79
N GLU F 270 -38.13 41.90 16.54
CA GLU F 270 -37.78 43.31 16.52
C GLU F 270 -36.34 43.55 16.08
N ASP F 271 -35.59 42.49 15.77
CA ASP F 271 -34.21 42.63 15.32
C ASP F 271 -34.10 42.98 13.85
N ARG F 272 -35.22 43.06 13.12
CA ARG F 272 -35.19 43.47 11.72
C ARG F 272 -34.80 44.94 11.60
N LYS F 273 -35.30 45.79 12.49
CA LYS F 273 -34.91 47.19 12.48
C LYS F 273 -33.46 47.36 12.93
N ARG F 274 -32.98 46.49 13.82
CA ARG F 274 -31.58 46.50 14.21
C ARG F 274 -30.68 46.11 13.04
N LEU F 275 -31.11 45.10 12.27
CA LEU F 275 -30.39 44.74 11.05
C LEU F 275 -30.44 45.86 10.01
N ASN F 276 -31.55 46.61 9.98
CA ASN F 276 -31.66 47.76 9.08
C ASN F 276 -30.66 48.84 9.42
N GLU F 277 -30.61 49.26 10.70
CA GLU F 277 -29.67 50.31 11.08
C GLU F 277 -28.23 49.82 11.09
N LYS F 278 -28.01 48.51 11.17
CA LYS F 278 -26.66 47.99 11.04
C LYS F 278 -26.21 47.93 9.58
N LEU F 279 -27.14 47.64 8.66
CA LEU F 279 -26.80 47.59 7.24
C LEU F 279 -26.68 48.97 6.62
N ASN F 280 -27.41 49.96 7.15
CA ASN F 280 -27.18 51.33 6.70
C ASN F 280 -25.84 51.87 7.16
N GLU F 281 -25.33 51.36 8.29
CA GLU F 281 -24.00 51.74 8.75
C GLU F 281 -22.91 51.15 7.85
N LEU F 282 -23.17 49.97 7.27
CA LEU F 282 -22.16 49.30 6.46
C LEU F 282 -21.96 50.01 5.12
N PHE F 283 -23.03 50.10 4.32
CA PHE F 283 -22.91 50.61 2.96
C PHE F 283 -22.68 52.12 2.89
N SER F 284 -22.90 52.84 3.99
CA SER F 284 -22.51 54.25 4.03
C SER F 284 -20.99 54.42 4.10
N LYS F 285 -20.26 53.41 4.57
CA LYS F 285 -18.81 53.43 4.57
C LYS F 285 -18.22 52.84 3.30
N LEU F 286 -19.01 52.12 2.51
CA LEU F 286 -18.55 51.53 1.25
C LEU F 286 -18.82 52.45 0.07
N GLY F 287 -18.98 53.75 0.30
CA GLY F 287 -19.16 54.70 -0.78
C GLY F 287 -20.59 54.98 -1.17
N ASN F 288 -21.55 54.72 -0.27
CA ASN F 288 -23.00 54.85 -0.51
C ASN F 288 -23.45 54.04 -1.73
N ASP F 289 -22.88 52.85 -1.88
CA ASP F 289 -23.17 51.96 -2.99
C ASP F 289 -23.88 50.72 -2.45
N ASN F 290 -25.17 50.58 -2.80
CA ASN F 290 -25.91 49.39 -2.40
C ASN F 290 -25.44 48.15 -3.14
N TYR F 291 -24.83 48.31 -4.31
CA TYR F 291 -24.37 47.19 -5.13
C TYR F 291 -22.87 46.93 -4.98
N PHE F 292 -22.29 47.29 -3.83
CA PHE F 292 -20.83 47.26 -3.70
C PHE F 292 -20.31 45.84 -3.56
N LEU F 293 -20.91 45.06 -2.65
CA LEU F 293 -20.51 43.66 -2.49
C LEU F 293 -20.86 42.84 -3.72
N LYS F 294 -21.96 43.19 -4.39
CA LYS F 294 -22.39 42.48 -5.59
C LYS F 294 -21.38 42.64 -6.72
N THR F 295 -21.03 43.90 -7.05
CA THR F 295 -20.06 44.10 -8.12
C THR F 295 -18.65 43.76 -7.69
N LEU F 296 -18.36 43.75 -6.38
CA LEU F 296 -17.07 43.25 -5.90
C LEU F 296 -16.93 41.76 -6.18
N LEU F 297 -17.96 40.98 -5.86
CA LEU F 297 -17.94 39.56 -6.14
C LEU F 297 -17.97 39.27 -7.64
N GLU F 298 -18.68 40.10 -8.42
CA GLU F 298 -18.67 39.91 -9.87
C GLU F 298 -17.30 40.18 -10.47
N LYS F 299 -16.63 41.26 -10.06
CA LYS F 299 -15.30 41.57 -10.57
C LYS F 299 -14.30 40.50 -10.16
N ILE F 300 -14.35 40.06 -8.90
CA ILE F 300 -13.38 39.06 -8.46
C ILE F 300 -13.68 37.69 -9.07
N ASN F 301 -14.94 37.41 -9.41
CA ASN F 301 -15.26 36.10 -10.01
C ASN F 301 -14.92 36.07 -11.48
N VAL F 302 -15.14 37.19 -12.20
CA VAL F 302 -14.72 37.28 -13.59
C VAL F 302 -13.20 37.24 -13.70
N ARG F 303 -12.51 37.88 -12.74
CA ARG F 303 -11.05 37.82 -12.76
C ARG F 303 -10.52 36.45 -12.34
N ILE F 304 -11.27 35.71 -11.52
CA ILE F 304 -10.93 34.32 -11.25
C ILE F 304 -11.09 33.47 -12.51
N THR F 305 -12.19 33.71 -13.25
CA THR F 305 -12.58 32.84 -14.37
C THR F 305 -11.57 32.88 -15.52
N VAL F 306 -10.90 34.01 -15.72
CA VAL F 306 -10.03 34.11 -16.90
C VAL F 306 -8.66 33.47 -16.66
N VAL F 307 -8.14 33.50 -15.43
CA VAL F 307 -6.83 32.92 -15.16
C VAL F 307 -6.92 31.53 -14.54
N LYS F 308 -7.85 31.33 -13.62
CA LYS F 308 -8.12 30.03 -13.03
C LYS F 308 -9.30 29.42 -13.76
N ASP F 309 -9.85 28.33 -13.22
CA ASP F 309 -11.00 27.69 -13.83
C ASP F 309 -12.26 28.50 -13.53
N ARG F 310 -13.34 28.13 -14.22
CA ARG F 310 -14.66 28.68 -13.91
C ARG F 310 -15.18 28.15 -12.58
N ASP F 311 -14.70 26.99 -12.15
CA ASP F 311 -15.14 26.33 -10.92
C ASP F 311 -14.40 26.82 -9.69
N HIS F 312 -13.45 27.75 -9.85
CA HIS F 312 -12.64 28.24 -8.75
C HIS F 312 -13.13 29.56 -8.20
N ARG F 313 -14.38 29.93 -8.47
CA ARG F 313 -14.91 31.21 -8.06
C ARG F 313 -15.15 31.25 -6.54
N ILE F 314 -15.41 32.43 -6.04
CA ILE F 314 -15.69 32.63 -4.62
C ILE F 314 -17.19 32.58 -4.40
N GLY F 315 -17.62 31.78 -3.44
CA GLY F 315 -19.03 31.66 -3.16
C GLY F 315 -19.61 32.89 -2.49
N HIS F 316 -20.92 33.04 -2.63
CA HIS F 316 -21.59 34.24 -2.12
C HIS F 316 -21.98 34.13 -0.66
N SER F 317 -21.97 32.93 -0.08
CA SER F 317 -22.46 32.78 1.28
C SER F 317 -21.42 33.16 2.34
N TYR F 318 -20.21 33.53 1.92
CA TYR F 318 -19.26 34.09 2.87
C TYR F 318 -19.68 35.49 3.30
N PHE F 319 -20.33 36.23 2.40
CA PHE F 319 -20.74 37.60 2.66
C PHE F 319 -22.20 37.70 3.07
N LEU F 320 -22.88 36.58 3.29
CA LEU F 320 -24.28 36.65 3.70
C LEU F 320 -24.42 36.99 5.18
N ASN F 321 -23.42 36.66 5.99
CA ASN F 321 -23.42 37.03 7.40
C ASN F 321 -22.75 38.38 7.65
N VAL F 322 -22.30 39.06 6.59
CA VAL F 322 -21.66 40.35 6.73
C VAL F 322 -22.73 41.40 7.02
N GLU F 323 -22.59 42.07 8.15
CA GLU F 323 -23.48 43.17 8.53
C GLU F 323 -22.72 44.44 8.86
N THR F 324 -21.55 44.33 9.48
CA THR F 324 -20.71 45.45 9.83
C THR F 324 -19.49 45.49 8.94
N VAL F 325 -18.63 46.49 9.17
CA VAL F 325 -17.39 46.61 8.40
C VAL F 325 -16.36 45.61 8.90
N GLU F 326 -16.28 45.41 10.22
CA GLU F 326 -15.33 44.45 10.79
C GLU F 326 -15.71 43.01 10.46
N ASP F 327 -17.01 42.73 10.27
CA ASP F 327 -17.43 41.43 9.79
C ASP F 327 -16.95 41.18 8.37
N LEU F 328 -17.03 42.19 7.52
CA LEU F 328 -16.50 42.09 6.15
C LEU F 328 -14.98 41.97 6.16
N HIS F 329 -14.31 42.61 7.12
CA HIS F 329 -12.86 42.50 7.24
C HIS F 329 -12.45 41.10 7.67
N HIS F 330 -13.19 40.52 8.62
CA HIS F 330 -12.94 39.13 9.03
C HIS F 330 -13.20 38.16 7.88
N VAL F 331 -14.29 38.37 7.14
CA VAL F 331 -14.63 37.49 6.02
C VAL F 331 -13.56 37.56 4.94
N TRP F 332 -13.06 38.78 4.66
CA TRP F 332 -12.02 38.93 3.65
C TRP F 332 -10.71 38.31 4.11
N TYR F 333 -10.27 38.60 5.33
CA TYR F 333 -8.95 38.17 5.76
C TYR F 333 -8.92 36.78 6.38
N TYR F 334 -10.05 36.08 6.46
CA TYR F 334 -10.03 34.71 6.98
C TYR F 334 -10.85 33.73 6.15
N GLU F 335 -11.56 34.18 5.11
CA GLU F 335 -12.46 33.24 4.46
C GLU F 335 -12.31 33.26 2.94
N VAL F 336 -11.91 34.38 2.36
CA VAL F 336 -11.74 34.46 0.91
C VAL F 336 -10.29 34.72 0.50
N LEU F 337 -9.46 35.32 1.35
CA LEU F 337 -8.04 35.45 1.02
C LEU F 337 -7.24 34.16 1.28
N PRO F 338 -7.50 33.36 2.34
CA PRO F 338 -6.94 32.00 2.34
C PRO F 338 -7.44 31.14 1.20
N LEU F 339 -8.66 31.37 0.71
CA LEU F 339 -9.14 30.64 -0.46
C LEU F 339 -8.34 31.00 -1.70
N LEU F 340 -8.05 32.30 -1.89
CA LEU F 340 -7.27 32.73 -3.03
C LEU F 340 -5.82 32.26 -2.92
N MET F 341 -5.25 32.31 -1.72
CA MET F 341 -3.89 31.80 -1.53
C MET F 341 -3.81 30.29 -1.63
N GLU F 342 -4.92 29.59 -1.39
CA GLU F 342 -4.95 28.15 -1.62
C GLU F 342 -5.06 27.83 -3.11
N TYR F 343 -5.79 28.67 -3.86
CA TYR F 343 -5.87 28.46 -5.30
C TYR F 343 -4.55 28.84 -5.98
N PHE F 344 -4.08 30.06 -5.75
CA PHE F 344 -2.81 30.52 -6.31
C PHE F 344 -1.69 30.37 -5.27
N TYR F 345 -1.33 29.13 -5.01
CA TYR F 345 -0.25 28.86 -4.07
C TYR F 345 1.09 29.14 -4.73
N ASN F 346 1.83 30.11 -4.16
CA ASN F 346 3.11 30.63 -4.67
C ASN F 346 2.99 31.14 -6.11
N ASP F 347 1.83 31.68 -6.47
CA ASP F 347 1.61 32.35 -7.73
C ASP F 347 1.14 33.76 -7.39
N TRP F 348 2.11 34.66 -7.16
CA TRP F 348 1.80 35.93 -6.52
C TRP F 348 1.33 36.99 -7.52
N GLU F 349 1.86 36.96 -8.75
CA GLU F 349 1.44 37.93 -9.75
C GLU F 349 -0.01 37.68 -10.18
N THR F 350 -0.42 36.42 -10.22
CA THR F 350 -1.79 36.11 -10.64
C THR F 350 -2.80 36.48 -9.55
N ILE F 351 -2.49 36.17 -8.28
CA ILE F 351 -3.40 36.53 -7.19
C ILE F 351 -3.38 38.05 -6.97
N LYS F 352 -2.29 38.72 -7.36
CA LYS F 352 -2.28 40.18 -7.34
C LYS F 352 -3.10 40.74 -8.51
N TRP F 353 -3.18 40.01 -9.62
CA TRP F 353 -3.98 40.46 -10.75
C TRP F 353 -5.47 40.21 -10.55
N VAL F 354 -5.84 39.20 -9.77
CA VAL F 354 -7.24 38.98 -9.43
C VAL F 354 -7.79 40.15 -8.62
N LEU F 355 -6.96 40.70 -7.74
CA LEU F 355 -7.28 41.93 -7.04
C LEU F 355 -6.87 43.17 -7.84
N ASN F 356 -6.29 42.97 -9.02
CA ASN F 356 -5.82 44.01 -9.99
C ASN F 356 -4.93 45.09 -9.37
N GLU F 357 -4.26 44.76 -8.27
CA GLU F 357 -3.20 45.60 -7.72
C GLU F 357 -1.83 45.15 -8.23
N LYS F 358 -1.78 44.59 -9.43
CA LYS F 358 -0.55 44.08 -10.02
C LYS F 358 0.37 45.24 -10.38
N GLY F 359 1.60 45.21 -9.85
CA GLY F 359 2.53 46.30 -10.00
C GLY F 359 2.40 47.39 -8.95
N LYS F 360 1.28 47.44 -8.23
CA LYS F 360 1.06 48.42 -7.18
C LYS F 360 1.49 47.78 -5.86
N GLU F 361 2.69 48.13 -5.41
CA GLU F 361 3.30 47.53 -4.23
C GLU F 361 3.59 48.61 -3.19
N HIS F 362 3.66 48.17 -1.93
CA HIS F 362 3.98 49.00 -0.76
C HIS F 362 3.02 50.17 -0.59
N GLY F 363 1.76 50.00 -0.98
CA GLY F 363 0.75 51.00 -0.75
C GLY F 363 -0.28 50.52 0.24
N ASN F 364 -1.55 50.78 -0.03
CA ASN F 364 -2.65 50.20 0.74
C ASN F 364 -3.07 48.90 0.05
N VAL F 365 -2.19 47.92 0.13
CA VAL F 365 -2.26 46.72 -0.67
C VAL F 365 -2.50 45.51 0.24
N PHE F 366 -3.07 44.46 -0.35
CA PHE F 366 -3.32 43.24 0.41
C PHE F 366 -2.07 42.38 0.53
N PHE F 367 -1.21 42.37 -0.49
CA PHE F 367 0.00 41.56 -0.51
C PHE F 367 1.19 42.49 -0.68
N GLU F 368 1.82 42.86 0.44
CA GLU F 368 2.96 43.75 0.42
C GLU F 368 4.21 43.01 -0.06
N LYS F 369 4.90 43.58 -1.04
CA LYS F 369 6.14 42.99 -1.52
C LYS F 369 7.25 43.22 -0.50
N LEU F 370 8.00 42.16 -0.20
CA LEU F 370 9.15 42.30 0.67
C LEU F 370 10.29 42.96 -0.09
N ARG F 371 11.11 43.72 0.65
CA ARG F 371 12.19 44.49 0.06
C ARG F 371 13.50 43.71 0.00
N LEU F 372 13.45 42.39 0.12
CA LEU F 372 14.61 41.54 -0.08
C LEU F 372 14.47 40.80 -1.40
N THR F 373 15.60 40.28 -1.90
CA THR F 373 15.64 39.51 -3.13
C THR F 373 16.65 38.40 -2.93
N GLY F 374 16.29 37.19 -3.36
CA GLY F 374 17.08 36.01 -3.11
C GLY F 374 18.39 35.94 -3.89
N PRO F 375 19.06 34.77 -3.82
CA PRO F 375 20.36 34.66 -4.50
C PRO F 375 20.25 34.59 -6.01
N ASN F 376 19.24 33.89 -6.53
CA ASN F 376 18.98 33.82 -7.96
C ASN F 376 17.73 34.60 -8.35
N GLY F 377 17.39 35.62 -7.56
CA GLY F 377 16.22 36.43 -7.85
C GLY F 377 14.91 35.88 -7.31
N GLU F 378 14.95 35.12 -6.22
CA GLU F 378 13.73 34.62 -5.61
C GLU F 378 12.97 35.75 -4.94
N GLU F 379 11.67 35.84 -5.23
CA GLU F 379 10.83 36.93 -4.74
C GLU F 379 9.78 36.36 -3.79
N ALA F 380 9.25 37.21 -2.92
CA ALA F 380 8.27 36.79 -1.93
C ALA F 380 7.36 37.96 -1.58
N TYR F 381 6.12 37.63 -1.24
CA TYR F 381 5.11 38.60 -0.85
C TYR F 381 4.52 38.20 0.49
N GLN F 382 4.11 39.19 1.27
CA GLN F 382 3.60 38.99 2.62
C GLN F 382 2.18 39.52 2.70
N LEU F 383 1.29 38.73 3.31
CA LEU F 383 -0.10 39.12 3.49
C LEU F 383 -0.18 40.31 4.45
N LYS F 384 -0.53 41.48 3.92
CA LYS F 384 -0.61 42.70 4.71
C LYS F 384 -2.05 42.93 5.16
N VAL F 385 -2.23 43.19 6.45
CA VAL F 385 -3.54 43.36 7.04
C VAL F 385 -3.87 44.84 7.09
N LEU F 386 -4.98 45.22 6.47
CA LEU F 386 -5.43 46.61 6.43
C LEU F 386 -6.69 46.77 7.27
N GLU F 387 -6.71 47.84 8.07
CA GLU F 387 -7.83 48.11 8.96
C GLU F 387 -8.22 49.58 8.85
N GLY F 388 -9.53 49.82 8.74
CA GLY F 388 -10.05 51.18 8.68
C GLY F 388 -10.42 51.63 7.29
N ASP F 389 -10.08 52.87 6.94
CA ASP F 389 -10.39 53.41 5.62
C ASP F 389 -9.48 52.83 4.55
N ALA F 390 -8.29 52.36 4.93
CA ALA F 390 -7.38 51.78 3.95
C ALA F 390 -7.89 50.45 3.41
N PHE F 391 -8.59 49.67 4.25
CA PHE F 391 -9.16 48.42 3.80
C PHE F 391 -10.31 48.64 2.83
N ILE F 392 -11.16 49.64 3.11
CA ILE F 392 -12.26 49.95 2.20
C ILE F 392 -11.73 50.61 0.93
N GLY F 393 -10.59 51.30 1.02
CA GLY F 393 -9.97 51.85 -0.17
C GLY F 393 -9.35 50.78 -1.05
N ALA F 394 -8.77 49.75 -0.44
CA ALA F 394 -8.26 48.62 -1.20
C ALA F 394 -9.39 47.79 -1.78
N LEU F 395 -10.53 47.71 -1.08
CA LEU F 395 -11.70 47.06 -1.64
C LEU F 395 -12.32 47.88 -2.76
N LYS F 396 -12.15 49.20 -2.72
CA LYS F 396 -12.75 50.07 -3.73
C LYS F 396 -12.05 49.94 -5.08
N ARG F 397 -10.76 49.63 -5.09
CA ARG F 397 -10.02 49.51 -6.33
C ARG F 397 -10.03 48.10 -6.90
N ILE F 398 -10.72 47.16 -6.25
CA ILE F 398 -10.96 45.88 -6.88
C ILE F 398 -12.01 46.02 -7.98
N ILE F 399 -12.94 46.94 -7.80
CA ILE F 399 -13.98 47.18 -8.78
C ILE F 399 -13.49 48.16 -9.84
#